data_5JZX
#
_entry.id   5JZX
#
_cell.length_a   274.924
_cell.length_b   79.966
_cell.length_c   138.996
_cell.angle_alpha   90.00
_cell.angle_beta   112.44
_cell.angle_gamma   90.00
#
_symmetry.space_group_name_H-M   'C 1 2 1'
#
loop_
_entity.id
_entity.type
_entity.pdbx_description
1 polymer 'UDP-N-acetylenolpyruvoylglucosamine reductase'
2 non-polymer 'FLAVIN-ADENINE DINUCLEOTIDE'
3 non-polymer 'POTASSIUM ION'
4 water water
#
_entity_poly.entity_id   1
_entity_poly.type   'polypeptide(L)'
_entity_poly.pdbx_seq_one_letter_code
;MGSSHHHHHHSSGLVPRGSHMASMTGGQQMGRGSEFMKRSGVGSLFAGAHIAEAVPLAPLTTLRVGPIARRVITCTSAEQ
VVAALRHLDSAAKTGADRPLVFAGGSNLVIAENLTDLTVVRLANSGITIDGNLVRAEAGAVFDDVVVRAIEQGLGGLECL
SGIPGSAGATPVQNVGAYGAEVSDTITRVRLLDRCTGEVRWVSARDLRFGYRTSVLKHADGLAVPTVVLEVEFALDPSGR
SAPLRYGELIAALNATSGERADPQAVREAVLALRARKGMVLDPTDHDTWSVGSFFTNPVVTQDVYERLAGDAATRKDGPV
PHYPAPDGVKLAAGWLVERAGFGKGYPDAGAAPCRLSTKHALALTNRGGATAEDVVTLARAVRDGVHDVFGITLKPEPVL
IGCML
;
_entity_poly.pdbx_strand_id   A,B,C,D,E,F
#
# COMPACT_ATOMS: atom_id res chain seq x y z
N ARG A 39 -35.13 50.51 11.81
CA ARG A 39 -35.78 49.52 10.92
C ARG A 39 -35.86 48.12 11.61
N SER A 40 -34.70 47.45 11.79
CA SER A 40 -34.63 45.99 12.15
C SER A 40 -33.60 45.61 13.24
N GLY A 41 -34.09 45.28 14.45
CA GLY A 41 -33.22 44.89 15.59
C GLY A 41 -32.07 45.86 15.86
N VAL A 42 -32.36 47.17 15.75
CA VAL A 42 -31.30 48.21 15.71
C VAL A 42 -30.38 48.21 16.94
N GLY A 43 -30.95 47.98 18.13
CA GLY A 43 -30.20 47.86 19.39
C GLY A 43 -29.20 46.73 19.52
N SER A 44 -29.33 45.66 18.72
CA SER A 44 -28.48 44.48 18.91
C SER A 44 -27.41 44.34 17.84
N LEU A 45 -26.28 43.74 18.23
CA LEU A 45 -25.28 43.17 17.30
C LEU A 45 -26.00 42.34 16.19
N PHE A 46 -25.62 42.56 14.94
CA PHE A 46 -26.05 41.68 13.82
C PHE A 46 -27.57 41.68 13.62
N ALA A 47 -28.17 42.81 14.02
CA ALA A 47 -29.59 43.04 13.99
C ALA A 47 -30.43 41.96 14.71
N GLY A 48 -29.90 41.32 15.76
CA GLY A 48 -30.72 40.44 16.62
C GLY A 48 -30.45 38.95 16.43
N ALA A 49 -29.42 38.61 15.68
CA ALA A 49 -29.06 37.24 15.48
C ALA A 49 -28.58 36.63 16.82
N HIS A 50 -28.87 35.36 17.04
CA HIS A 50 -28.43 34.67 18.25
C HIS A 50 -26.92 34.41 18.15
N ILE A 51 -26.24 34.49 19.28
CA ILE A 51 -24.83 34.26 19.35
C ILE A 51 -24.62 33.20 20.41
N ALA A 52 -23.81 32.20 20.10
CA ALA A 52 -23.46 31.18 21.07
C ALA A 52 -21.97 30.88 20.90
N GLU A 53 -21.35 30.32 21.95
CA GLU A 53 -19.95 30.09 21.97
C GLU A 53 -19.71 28.63 22.25
N ALA A 54 -18.58 28.10 21.76
CA ALA A 54 -18.13 26.75 21.99
C ALA A 54 -19.27 25.76 21.72
N VAL A 55 -19.59 25.60 20.42
CA VAL A 55 -20.76 24.87 19.96
C VAL A 55 -20.28 23.66 19.22
N PRO A 56 -20.54 22.46 19.75
CA PRO A 56 -20.19 21.29 18.99
C PRO A 56 -20.93 21.29 17.65
N LEU A 57 -20.24 21.18 16.53
CA LEU A 57 -20.91 21.23 15.27
C LEU A 57 -21.27 19.84 14.86
N ALA A 58 -20.54 18.83 15.33
CA ALA A 58 -20.85 17.46 14.95
C ALA A 58 -22.35 17.09 15.04
N PRO A 59 -23.02 17.38 16.16
CA PRO A 59 -24.43 16.97 16.17
C PRO A 59 -25.31 17.79 15.25
N LEU A 60 -24.83 18.90 14.69
CA LEU A 60 -25.62 19.67 13.73
C LEU A 60 -25.46 19.18 12.29
N THR A 61 -24.73 18.08 12.06
CA THR A 61 -24.40 17.66 10.73
C THR A 61 -24.94 16.28 10.57
N THR A 62 -25.22 15.91 9.33
CA THR A 62 -25.79 14.62 9.05
C THR A 62 -24.72 13.58 9.20
N LEU A 63 -23.48 13.96 8.90
CA LEU A 63 -22.37 13.05 9.01
C LEU A 63 -21.97 12.78 10.51
N ARG A 64 -22.39 13.63 11.42
CA ARG A 64 -21.97 13.66 12.83
C ARG A 64 -20.44 13.72 12.99
N VAL A 65 -19.87 14.68 12.26
CA VAL A 65 -18.47 14.98 12.24
C VAL A 65 -18.38 16.49 12.32
N GLY A 66 -17.48 17.01 13.16
CA GLY A 66 -17.24 18.43 13.23
C GLY A 66 -16.51 18.94 14.46
N PRO A 67 -15.89 20.12 14.35
CA PRO A 67 -15.21 20.71 15.51
C PRO A 67 -16.21 21.40 16.40
N ILE A 68 -15.75 21.81 17.56
CA ILE A 68 -16.45 22.74 18.42
C ILE A 68 -16.18 24.13 17.84
N ALA A 69 -17.21 24.82 17.40
CA ALA A 69 -17.05 26.13 16.79
C ALA A 69 -16.87 27.15 17.86
N ARG A 70 -15.94 28.09 17.70
CA ARG A 70 -15.79 29.13 18.72
C ARG A 70 -16.99 29.98 18.93
N ARG A 71 -17.65 30.35 17.82
CA ARG A 71 -18.87 31.15 17.88
C ARG A 71 -19.84 30.66 16.77
N VAL A 72 -21.13 30.63 17.06
CA VAL A 72 -22.16 30.36 16.09
C VAL A 72 -23.12 31.50 16.14
N ILE A 73 -23.38 32.08 14.97
CA ILE A 73 -24.27 33.21 14.87
C ILE A 73 -25.49 32.80 14.04
N THR A 74 -26.65 32.73 14.68
CA THR A 74 -27.79 32.10 14.06
C THR A 74 -28.70 33.18 13.59
N CYS A 75 -28.95 33.24 12.28
CA CYS A 75 -29.77 34.31 11.67
C CYS A 75 -31.15 33.81 11.24
N THR A 76 -32.20 34.49 11.72
CA THR A 76 -33.57 34.07 11.45
C THR A 76 -34.29 34.96 10.38
N SER A 77 -33.55 35.84 9.71
CA SER A 77 -34.13 36.73 8.73
C SER A 77 -33.05 37.15 7.74
N ALA A 78 -33.46 37.66 6.59
CA ALA A 78 -32.48 38.10 5.62
C ALA A 78 -31.64 39.27 6.18
N GLU A 79 -32.29 40.14 6.97
CA GLU A 79 -31.66 41.32 7.58
C GLU A 79 -30.54 40.87 8.49
N GLN A 80 -30.76 39.75 9.20
CA GLN A 80 -29.73 39.26 10.08
C GLN A 80 -28.58 38.64 9.35
N VAL A 81 -28.85 37.94 8.26
CA VAL A 81 -27.82 37.29 7.52
C VAL A 81 -26.93 38.40 6.90
N VAL A 82 -27.55 39.42 6.34
CA VAL A 82 -26.82 40.55 5.75
C VAL A 82 -25.97 41.29 6.82
N ALA A 83 -26.59 41.66 7.96
CA ALA A 83 -25.89 42.48 8.95
C ALA A 83 -24.84 41.66 9.62
N ALA A 84 -25.05 40.35 9.79
CA ALA A 84 -24.04 39.50 10.43
C ALA A 84 -22.77 39.37 9.60
N LEU A 85 -22.95 39.12 8.32
CA LEU A 85 -21.83 38.95 7.41
C LEU A 85 -21.11 40.27 7.12
N ARG A 86 -21.84 41.35 6.98
CA ARG A 86 -21.27 42.68 6.82
C ARG A 86 -20.20 42.91 7.92
N HIS A 87 -20.56 42.67 9.17
CA HIS A 87 -19.64 42.92 10.29
C HIS A 87 -18.48 41.93 10.26
N LEU A 88 -18.79 40.65 10.12
CA LEU A 88 -17.75 39.68 10.09
C LEU A 88 -16.83 39.82 8.89
N ASP A 89 -17.35 40.19 7.74
CA ASP A 89 -16.53 40.33 6.55
C ASP A 89 -15.75 41.64 6.67
N SER A 90 -16.33 42.68 7.26
CA SER A 90 -15.55 43.91 7.48
C SER A 90 -14.38 43.75 8.45
N ALA A 91 -14.44 42.81 9.41
CA ALA A 91 -13.45 42.69 10.48
C ALA A 91 -12.52 41.55 10.23
N ALA A 92 -12.85 40.66 9.29
CA ALA A 92 -12.05 39.48 9.15
C ALA A 92 -10.72 39.88 8.54
N LYS A 93 -9.61 39.46 9.17
CA LYS A 93 -8.26 39.85 8.75
C LYS A 93 -7.35 38.75 8.26
N THR A 94 -7.44 37.56 8.83
CA THR A 94 -6.49 36.47 8.64
C THR A 94 -7.19 35.24 8.10
N GLY A 95 -6.38 34.25 7.71
CA GLY A 95 -6.87 32.96 7.23
C GLY A 95 -7.55 32.04 8.22
N ALA A 96 -7.79 32.53 9.44
CA ALA A 96 -8.55 31.77 10.45
C ALA A 96 -9.91 32.38 10.68
N ASP A 97 -10.10 33.58 10.16
CA ASP A 97 -11.30 34.36 10.37
C ASP A 97 -12.35 34.32 9.27
N ARG A 98 -12.19 33.56 8.20
CA ARG A 98 -13.29 33.51 7.21
C ARG A 98 -14.43 32.69 7.86
N PRO A 99 -15.64 33.26 7.93
CA PRO A 99 -16.77 32.48 8.52
C PRO A 99 -17.30 31.30 7.67
N LEU A 100 -17.69 30.22 8.34
CA LEU A 100 -18.32 29.06 7.70
C LEU A 100 -19.81 29.33 7.63
N VAL A 101 -20.37 29.43 6.42
CA VAL A 101 -21.81 29.55 6.21
C VAL A 101 -22.44 28.16 6.22
N PHE A 102 -23.44 27.97 7.07
CA PHE A 102 -23.98 26.66 7.49
C PHE A 102 -25.50 26.72 7.46
N ALA A 103 -26.11 25.72 6.86
CA ALA A 103 -27.57 25.69 6.81
C ALA A 103 -28.05 24.37 7.38
N GLY A 104 -28.46 23.38 6.58
CA GLY A 104 -28.95 22.12 7.10
C GLY A 104 -27.85 21.16 7.56
N GLY A 105 -26.57 21.43 7.20
CA GLY A 105 -25.50 20.59 7.57
C GLY A 105 -25.49 19.21 6.91
N SER A 106 -26.11 19.10 5.73
CA SER A 106 -26.22 17.84 5.03
C SER A 106 -25.21 17.66 3.91
N ASN A 107 -24.43 18.68 3.60
CA ASN A 107 -23.38 18.49 2.57
C ASN A 107 -21.96 18.91 3.03
N LEU A 108 -21.70 18.85 4.32
CA LEU A 108 -20.47 19.41 4.92
C LEU A 108 -19.66 18.33 5.61
N VAL A 109 -18.37 18.31 5.29
CA VAL A 109 -17.36 17.51 5.98
C VAL A 109 -16.38 18.55 6.54
N ILE A 110 -16.51 18.80 7.82
CA ILE A 110 -15.76 19.86 8.53
C ILE A 110 -14.66 19.25 9.43
N ALA A 111 -13.42 19.60 9.15
CA ALA A 111 -12.26 19.12 9.91
C ALA A 111 -12.27 19.63 11.35
N GLU A 112 -11.90 18.69 12.24
CA GLU A 112 -11.99 18.78 13.69
C GLU A 112 -10.87 19.61 14.32
N ASN A 113 -9.75 19.66 13.62
CA ASN A 113 -8.70 20.72 13.66
C ASN A 113 -9.09 22.18 13.67
N LEU A 114 -10.27 22.52 13.14
CA LEU A 114 -10.70 23.91 13.02
C LEU A 114 -11.24 24.45 14.34
N THR A 115 -10.31 24.87 15.20
CA THR A 115 -10.61 25.22 16.58
C THR A 115 -10.86 26.68 16.69
N ASP A 116 -10.68 27.43 15.62
CA ASP A 116 -10.81 28.89 15.69
C ASP A 116 -11.82 29.43 14.65
N LEU A 117 -12.98 28.78 14.63
CA LEU A 117 -13.96 28.93 13.59
C LEU A 117 -15.20 29.69 14.05
N THR A 118 -15.55 30.71 13.31
CA THR A 118 -16.86 31.36 13.45
C THR A 118 -17.81 30.80 12.38
N VAL A 119 -19.06 30.57 12.75
CA VAL A 119 -20.05 29.93 11.86
C VAL A 119 -21.22 30.85 11.79
N VAL A 120 -21.68 31.11 10.58
CA VAL A 120 -22.96 31.82 10.36
C VAL A 120 -23.99 30.75 9.94
N ARG A 121 -25.02 30.66 10.74
CA ARG A 121 -26.01 29.63 10.54
C ARG A 121 -27.26 30.27 9.98
N LEU A 122 -27.67 29.80 8.80
CA LEU A 122 -28.84 30.38 8.11
C LEU A 122 -30.11 29.65 8.60
N ALA A 123 -30.89 30.34 9.40
CA ALA A 123 -32.19 29.85 9.89
C ALA A 123 -33.31 30.82 9.46
N ASN A 124 -33.10 31.50 8.33
CA ASN A 124 -34.13 32.37 7.76
C ASN A 124 -35.11 31.59 6.85
N SER A 125 -36.18 31.09 7.45
CA SER A 125 -37.07 30.12 6.84
C SER A 125 -38.25 30.87 6.37
N GLY A 126 -39.19 30.20 5.71
CA GLY A 126 -40.32 30.96 5.10
C GLY A 126 -40.65 30.52 3.66
N ILE A 127 -41.91 30.15 3.44
CA ILE A 127 -42.37 29.62 2.17
C ILE A 127 -43.59 30.43 1.77
N THR A 128 -43.57 30.99 0.55
CA THR A 128 -44.69 31.72 -0.02
C THR A 128 -45.23 31.06 -1.31
N ILE A 129 -46.55 30.97 -1.44
CA ILE A 129 -47.24 30.48 -2.63
C ILE A 129 -47.78 31.70 -3.36
N ASP A 130 -47.48 31.82 -4.66
CA ASP A 130 -47.91 33.00 -5.46
C ASP A 130 -48.36 32.45 -6.76
N GLY A 131 -49.60 31.98 -6.87
CA GLY A 131 -50.06 31.28 -8.08
C GLY A 131 -49.30 29.99 -8.31
N ASN A 132 -48.63 29.89 -9.46
CA ASN A 132 -47.80 28.75 -9.81
C ASN A 132 -46.30 28.94 -9.40
N LEU A 133 -46.02 30.01 -8.68
CA LEU A 133 -44.70 30.33 -8.19
C LEU A 133 -44.61 29.97 -6.71
N VAL A 134 -43.43 29.51 -6.30
CA VAL A 134 -43.14 29.16 -4.90
C VAL A 134 -41.83 29.84 -4.55
N ARG A 135 -41.81 30.61 -3.47
CA ARG A 135 -40.62 31.28 -3.03
C ARG A 135 -40.21 30.77 -1.65
N ALA A 136 -38.95 30.39 -1.48
CA ALA A 136 -38.48 29.82 -0.22
C ALA A 136 -37.25 30.58 0.20
N GLU A 137 -37.30 31.10 1.42
CA GLU A 137 -36.14 31.69 2.04
C GLU A 137 -35.12 30.57 2.31
N ALA A 138 -33.85 30.96 2.29
CA ALA A 138 -32.74 30.06 2.33
C ALA A 138 -32.84 28.97 3.38
N GLY A 139 -33.28 29.36 4.57
CA GLY A 139 -33.33 28.44 5.69
C GLY A 139 -34.57 27.53 5.70
N ALA A 140 -35.49 27.64 4.74
CA ALA A 140 -36.58 26.69 4.69
C ALA A 140 -35.98 25.31 4.46
N VAL A 141 -36.69 24.29 4.92
CA VAL A 141 -36.29 22.90 4.68
C VAL A 141 -36.75 22.59 3.30
N PHE A 142 -35.85 22.14 2.46
CA PHE A 142 -36.15 21.92 1.04
C PHE A 142 -37.32 20.99 0.84
N ASP A 143 -37.33 19.85 1.56
CA ASP A 143 -38.41 18.92 1.41
C ASP A 143 -39.79 19.57 1.71
N ASP A 144 -39.82 20.53 2.63
CA ASP A 144 -41.01 21.26 2.91
C ASP A 144 -41.52 22.04 1.69
N VAL A 145 -40.60 22.64 0.93
CA VAL A 145 -40.96 23.36 -0.28
C VAL A 145 -41.62 22.36 -1.24
N VAL A 146 -41.05 21.18 -1.35
CA VAL A 146 -41.59 20.14 -2.24
C VAL A 146 -43.04 19.80 -1.90
N VAL A 147 -43.29 19.64 -0.61
CA VAL A 147 -44.57 19.21 -0.14
C VAL A 147 -45.58 20.31 -0.34
N ARG A 148 -45.22 21.52 0.03
CA ARG A 148 -46.11 22.62 -0.19
C ARG A 148 -46.51 22.76 -1.66
N ALA A 149 -45.52 22.58 -2.55
CA ALA A 149 -45.73 22.72 -3.98
C ALA A 149 -46.74 21.65 -4.49
N ILE A 150 -46.47 20.39 -4.14
CA ILE A 150 -47.34 19.27 -4.46
C ILE A 150 -48.74 19.48 -3.97
N GLU A 151 -48.89 20.02 -2.77
CA GLU A 151 -50.22 20.16 -2.20
C GLU A 151 -51.02 21.37 -2.76
N GLN A 152 -50.35 22.25 -3.51
CA GLN A 152 -51.03 23.31 -4.30
C GLN A 152 -51.44 22.79 -5.65
N GLY A 153 -51.15 21.52 -5.96
CA GLY A 153 -51.30 20.95 -7.31
C GLY A 153 -50.25 21.48 -8.30
N LEU A 154 -49.05 21.78 -7.79
CA LEU A 154 -47.97 22.30 -8.63
C LEU A 154 -46.91 21.24 -8.85
N GLY A 155 -46.64 20.87 -10.09
CA GLY A 155 -45.77 19.78 -10.39
C GLY A 155 -44.43 20.33 -10.69
N GLY A 156 -43.40 19.54 -10.49
CA GLY A 156 -42.08 19.90 -10.91
C GLY A 156 -41.01 19.61 -9.90
N LEU A 157 -41.34 19.59 -8.61
CA LEU A 157 -40.40 19.30 -7.53
C LEU A 157 -40.46 17.88 -6.97
N GLU A 158 -41.52 17.18 -7.29
CA GLU A 158 -41.79 15.84 -6.73
C GLU A 158 -40.65 14.80 -6.79
N CYS A 159 -39.85 14.83 -7.84
CA CYS A 159 -38.66 14.00 -8.01
C CYS A 159 -37.54 14.25 -7.04
N LEU A 160 -37.57 15.40 -6.38
CA LEU A 160 -36.56 15.81 -5.45
C LEU A 160 -37.01 15.60 -4.02
N SER A 161 -38.14 14.90 -3.83
CA SER A 161 -38.64 14.58 -2.51
C SER A 161 -37.54 13.80 -1.72
N GLY A 162 -37.42 14.09 -0.44
CA GLY A 162 -36.59 13.39 0.47
C GLY A 162 -35.17 13.84 0.48
N ILE A 163 -34.80 14.82 -0.31
CA ILE A 163 -33.42 15.37 -0.29
C ILE A 163 -33.30 16.24 0.96
N PRO A 164 -32.27 16.03 1.79
CA PRO A 164 -32.28 16.82 3.02
C PRO A 164 -31.78 18.25 2.80
N GLY A 165 -31.76 19.01 3.87
CA GLY A 165 -31.13 20.26 3.90
C GLY A 165 -32.08 21.37 3.54
N SER A 166 -31.51 22.54 3.34
CA SER A 166 -32.21 23.79 3.10
C SER A 166 -32.55 24.12 1.65
N ALA A 167 -33.51 25.03 1.46
CA ALA A 167 -33.80 25.51 0.13
C ALA A 167 -32.65 26.35 -0.46
N GLY A 168 -32.02 27.17 0.35
CA GLY A 168 -31.00 28.08 -0.13
C GLY A 168 -29.78 27.41 -0.66
N ALA A 169 -29.49 26.19 -0.20
CA ALA A 169 -28.41 25.40 -0.72
C ALA A 169 -28.60 24.80 -2.08
N THR A 170 -29.84 24.65 -2.52
CA THR A 170 -30.16 23.90 -3.76
C THR A 170 -29.55 24.48 -5.03
N PRO A 171 -29.56 25.82 -5.20
CA PRO A 171 -28.95 26.35 -6.43
C PRO A 171 -27.43 26.17 -6.45
N VAL A 172 -26.81 26.11 -5.28
CA VAL A 172 -25.35 26.13 -5.21
C VAL A 172 -24.73 25.04 -6.09
N GLN A 173 -25.22 23.82 -5.94
CA GLN A 173 -24.78 22.68 -6.74
C GLN A 173 -25.86 22.14 -7.66
N ASN A 174 -26.87 22.96 -7.94
CA ASN A 174 -27.97 22.49 -8.76
C ASN A 174 -28.50 21.14 -8.28
N VAL A 175 -28.99 21.11 -7.03
CA VAL A 175 -29.41 19.88 -6.40
C VAL A 175 -30.39 19.11 -7.30
N GLY A 176 -30.22 17.78 -7.36
CA GLY A 176 -31.03 16.95 -8.26
C GLY A 176 -31.07 15.52 -7.84
N ALA A 177 -32.05 14.81 -8.35
CA ALA A 177 -32.13 13.34 -8.17
C ALA A 177 -33.24 12.88 -9.07
N TYR A 178 -33.25 11.58 -9.36
CA TYR A 178 -34.36 10.90 -10.07
C TYR A 178 -34.81 11.61 -11.36
N GLY A 179 -33.80 12.04 -12.10
CA GLY A 179 -33.98 12.66 -13.38
C GLY A 179 -34.43 14.10 -13.41
N ALA A 180 -34.51 14.75 -12.23
CA ALA A 180 -34.79 16.18 -12.11
C ALA A 180 -33.71 16.94 -11.43
N GLU A 181 -33.69 18.24 -11.67
CA GLU A 181 -32.75 19.18 -10.98
C GLU A 181 -33.43 20.52 -10.70
N VAL A 182 -32.97 21.28 -9.72
CA VAL A 182 -33.68 22.50 -9.39
C VAL A 182 -33.56 23.50 -10.54
N SER A 183 -32.50 23.37 -11.40
CA SER A 183 -32.41 24.25 -12.58
C SER A 183 -33.59 24.02 -13.53
N ASP A 184 -34.35 22.93 -13.42
CA ASP A 184 -35.53 22.76 -14.28
C ASP A 184 -36.69 23.71 -13.95
N THR A 185 -36.65 24.33 -12.78
CA THR A 185 -37.73 25.18 -12.35
C THR A 185 -37.37 26.46 -11.68
N ILE A 186 -36.11 26.69 -11.30
CA ILE A 186 -35.76 27.93 -10.65
C ILE A 186 -35.91 29.11 -11.64
N THR A 187 -36.61 30.17 -11.25
CA THR A 187 -36.63 31.39 -12.15
C THR A 187 -35.58 32.37 -11.77
N ARG A 188 -35.43 32.57 -10.47
CA ARG A 188 -34.46 33.53 -9.95
C ARG A 188 -34.10 33.26 -8.48
N VAL A 189 -32.96 33.85 -8.08
CA VAL A 189 -32.40 33.63 -6.75
C VAL A 189 -32.06 34.99 -6.20
N ARG A 190 -32.42 35.26 -4.94
CA ARG A 190 -32.05 36.48 -4.27
C ARG A 190 -30.66 36.27 -3.61
N LEU A 191 -29.69 37.09 -4.02
CA LEU A 191 -28.25 36.86 -3.69
C LEU A 191 -27.66 38.01 -2.89
N LEU A 192 -26.87 37.72 -1.89
CA LEU A 192 -26.10 38.76 -1.16
C LEU A 192 -24.69 38.65 -1.71
N ASP A 193 -24.17 39.72 -2.28
CA ASP A 193 -22.75 39.73 -2.67
C ASP A 193 -21.98 40.26 -1.43
N ARG A 194 -21.27 39.37 -0.75
CA ARG A 194 -20.61 39.72 0.56
C ARG A 194 -19.57 40.82 0.49
N CYS A 195 -18.82 40.88 -0.60
CA CYS A 195 -17.74 41.86 -0.75
C CYS A 195 -18.27 43.27 -0.91
N THR A 196 -19.37 43.46 -1.64
CA THR A 196 -19.98 44.81 -1.79
C THR A 196 -21.14 45.09 -0.87
N GLY A 197 -21.71 44.03 -0.30
CA GLY A 197 -22.96 44.13 0.51
C GLY A 197 -24.25 44.36 -0.26
N GLU A 198 -24.18 44.17 -1.59
CA GLU A 198 -25.34 44.37 -2.47
C GLU A 198 -26.23 43.10 -2.42
N VAL A 199 -27.53 43.34 -2.38
CA VAL A 199 -28.52 42.30 -2.48
C VAL A 199 -29.29 42.54 -3.75
N ARG A 200 -29.38 41.52 -4.59
CA ARG A 200 -30.30 41.58 -5.72
C ARG A 200 -30.81 40.19 -6.10
N TRP A 201 -31.83 40.21 -6.92
CA TRP A 201 -32.26 38.97 -7.62
C TRP A 201 -31.44 38.71 -8.88
N VAL A 202 -31.04 37.44 -9.08
CA VAL A 202 -30.31 37.03 -10.23
C VAL A 202 -31.10 35.94 -10.95
N SER A 203 -31.09 35.97 -12.29
CA SER A 203 -31.81 34.98 -13.07
C SER A 203 -31.17 33.62 -13.05
N ALA A 204 -32.00 32.63 -13.35
CA ALA A 204 -31.55 31.28 -13.54
C ALA A 204 -30.37 31.30 -14.55
N ARG A 205 -30.54 32.01 -15.65
CA ARG A 205 -29.59 32.03 -16.76
C ARG A 205 -28.19 32.49 -16.25
N ASP A 206 -28.16 33.58 -15.48
CA ASP A 206 -26.90 34.06 -14.89
C ASP A 206 -26.34 33.14 -13.83
N LEU A 207 -27.09 32.16 -13.29
CA LEU A 207 -26.48 31.18 -12.39
C LEU A 207 -25.67 30.13 -13.12
N ARG A 208 -25.82 30.00 -14.45
CA ARG A 208 -25.01 29.06 -15.27
C ARG A 208 -25.10 27.65 -14.71
N PHE A 209 -26.30 27.23 -14.41
CA PHE A 209 -26.53 25.86 -14.02
C PHE A 209 -25.95 24.86 -14.99
N GLY A 210 -25.29 23.83 -14.46
CA GLY A 210 -25.04 22.54 -15.18
C GLY A 210 -25.18 21.40 -14.17
N TYR A 211 -24.81 20.21 -14.61
CA TYR A 211 -24.79 19.01 -13.76
C TYR A 211 -23.95 19.24 -12.47
N ARG A 212 -24.63 19.27 -11.33
CA ARG A 212 -24.03 19.51 -10.04
C ARG A 212 -23.19 20.73 -9.97
N THR A 213 -23.61 21.77 -10.69
CA THR A 213 -22.88 23.03 -10.67
C THR A 213 -23.70 24.29 -10.97
N SER A 214 -23.07 25.40 -10.61
CA SER A 214 -23.54 26.74 -10.82
C SER A 214 -22.38 27.69 -10.63
N VAL A 215 -22.57 28.97 -10.89
CA VAL A 215 -21.54 29.93 -10.54
C VAL A 215 -21.30 30.03 -9.06
N LEU A 216 -22.25 29.57 -8.24
CA LEU A 216 -22.11 29.66 -6.82
C LEU A 216 -21.18 28.53 -6.29
N LYS A 217 -20.93 27.50 -7.09
CA LYS A 217 -20.12 26.33 -6.66
C LYS A 217 -18.63 26.67 -6.80
N HIS A 218 -17.90 26.54 -5.72
CA HIS A 218 -16.47 26.83 -5.72
C HIS A 218 -15.70 25.64 -5.18
N ALA A 219 -14.59 25.33 -5.87
CA ALA A 219 -13.57 24.40 -5.36
C ALA A 219 -13.37 24.56 -3.81
N ASP A 220 -13.22 25.80 -3.33
CA ASP A 220 -13.28 26.17 -1.89
C ASP A 220 -14.70 26.47 -1.38
N GLY A 221 -15.31 25.54 -0.60
CA GLY A 221 -16.70 25.75 -0.03
C GLY A 221 -16.84 26.68 1.22
N LEU A 222 -15.71 27.13 1.77
CA LEU A 222 -15.71 28.14 2.84
C LEU A 222 -16.03 29.53 2.28
N ALA A 223 -15.38 29.81 1.16
CA ALA A 223 -15.31 31.15 0.56
C ALA A 223 -16.71 31.78 0.46
N VAL A 224 -17.60 31.07 -0.25
CA VAL A 224 -18.99 31.54 -0.42
C VAL A 224 -19.04 33.05 -0.50
N PRO A 225 -18.39 33.69 -1.48
CA PRO A 225 -18.53 35.14 -1.66
C PRO A 225 -19.99 35.71 -1.91
N THR A 226 -20.89 34.84 -2.34
CA THR A 226 -22.25 35.20 -2.64
C THR A 226 -23.15 34.26 -1.91
N VAL A 227 -24.05 34.80 -1.10
CA VAL A 227 -25.01 34.01 -0.32
C VAL A 227 -26.45 34.03 -0.88
N VAL A 228 -27.04 32.85 -1.07
CA VAL A 228 -28.44 32.74 -1.43
C VAL A 228 -29.33 33.03 -0.24
N LEU A 229 -30.17 34.03 -0.40
CA LEU A 229 -31.15 34.42 0.58
C LEU A 229 -32.55 33.84 0.32
N GLU A 230 -32.90 33.62 -0.95
CA GLU A 230 -34.27 33.24 -1.29
C GLU A 230 -34.21 32.63 -2.66
N VAL A 231 -35.07 31.67 -2.96
CA VAL A 231 -35.14 31.04 -4.23
C VAL A 231 -36.59 31.09 -4.72
N GLU A 232 -36.81 31.35 -6.03
CA GLU A 232 -38.12 31.22 -6.57
C GLU A 232 -38.15 30.12 -7.57
N PHE A 233 -39.22 29.32 -7.54
CA PHE A 233 -39.47 28.24 -8.49
C PHE A 233 -40.78 28.53 -9.22
N ALA A 234 -40.83 28.15 -10.51
CA ALA A 234 -42.07 28.23 -11.29
C ALA A 234 -42.53 26.85 -11.66
N LEU A 235 -43.69 26.46 -11.21
CA LEU A 235 -44.09 25.08 -11.30
C LEU A 235 -45.29 24.92 -12.22
N ASP A 236 -45.71 23.68 -12.40
CA ASP A 236 -46.82 23.37 -13.34
C ASP A 236 -48.23 23.30 -12.64
N PRO A 237 -49.11 24.32 -12.83
CA PRO A 237 -50.36 24.38 -12.08
C PRO A 237 -51.44 23.36 -12.55
N SER A 238 -51.18 22.62 -13.60
CA SER A 238 -52.10 21.54 -14.02
C SER A 238 -52.06 20.34 -13.12
N GLY A 239 -51.14 20.31 -12.15
CA GLY A 239 -51.07 19.16 -11.26
C GLY A 239 -50.39 17.94 -11.83
N ARG A 240 -49.63 18.07 -12.89
CA ARG A 240 -48.93 16.92 -13.41
C ARG A 240 -47.48 17.05 -13.02
N SER A 241 -46.80 15.94 -12.76
CA SER A 241 -45.41 15.91 -12.49
C SER A 241 -44.69 16.34 -13.72
N ALA A 242 -43.43 16.63 -13.51
CA ALA A 242 -42.48 16.67 -14.60
C ALA A 242 -42.46 15.34 -15.31
N PRO A 243 -42.01 15.33 -16.58
CA PRO A 243 -41.89 14.09 -17.32
C PRO A 243 -40.93 13.13 -16.61
N LEU A 244 -41.31 11.85 -16.50
CA LEU A 244 -40.50 10.91 -15.72
C LEU A 244 -39.30 10.50 -16.56
N ARG A 245 -38.09 10.77 -16.07
CA ARG A 245 -36.90 10.71 -16.90
C ARG A 245 -35.83 9.79 -16.33
N TYR A 246 -36.19 8.85 -15.48
CA TYR A 246 -35.27 8.08 -14.69
C TYR A 246 -35.84 6.68 -14.61
N GLY A 247 -35.14 5.72 -15.25
CA GLY A 247 -35.64 4.33 -15.44
C GLY A 247 -36.18 3.60 -14.21
N GLU A 248 -35.48 3.71 -13.09
CA GLU A 248 -35.97 3.07 -11.84
C GLU A 248 -37.32 3.63 -11.35
N LEU A 249 -37.50 4.97 -11.48
CA LEU A 249 -38.74 5.60 -11.08
C LEU A 249 -39.86 5.26 -12.05
N ILE A 250 -39.57 5.36 -13.35
CA ILE A 250 -40.52 4.98 -14.38
C ILE A 250 -41.07 3.55 -14.17
N ALA A 251 -40.15 2.59 -13.92
CA ALA A 251 -40.55 1.19 -13.65
C ALA A 251 -41.40 1.11 -12.45
N ALA A 252 -41.02 1.83 -11.39
CA ALA A 252 -41.73 1.77 -10.15
C ALA A 252 -43.13 2.28 -10.22
N LEU A 253 -43.40 3.24 -11.12
CA LEU A 253 -44.77 3.73 -11.32
C LEU A 253 -45.51 2.99 -12.48
N ASN A 254 -44.85 2.06 -13.20
CA ASN A 254 -45.43 1.32 -14.35
C ASN A 254 -45.82 2.27 -15.45
N ALA A 255 -44.88 3.13 -15.80
CA ALA A 255 -45.11 4.24 -16.69
C ALA A 255 -44.17 4.07 -17.87
N THR A 256 -44.08 5.05 -18.75
CA THR A 256 -42.98 5.05 -19.71
C THR A 256 -42.22 6.31 -19.61
N SER A 257 -41.08 6.31 -20.27
CA SER A 257 -40.22 7.43 -20.27
C SER A 257 -40.88 8.70 -20.86
N GLY A 258 -40.85 9.80 -20.13
CA GLY A 258 -41.48 11.09 -20.51
C GLY A 258 -42.98 11.18 -20.18
N GLU A 259 -43.54 10.13 -19.61
CA GLU A 259 -44.90 10.20 -19.12
C GLU A 259 -44.89 11.03 -17.85
N ARG A 260 -46.00 11.76 -17.64
CA ARG A 260 -46.31 12.55 -16.46
C ARG A 260 -47.26 11.79 -15.55
N ALA A 261 -47.13 12.00 -14.22
CA ALA A 261 -47.95 11.32 -13.26
C ALA A 261 -48.39 12.26 -12.16
N ASP A 262 -49.17 11.75 -11.24
CA ASP A 262 -49.61 12.49 -10.09
C ASP A 262 -48.40 12.82 -9.20
N PRO A 263 -48.16 14.10 -8.90
CA PRO A 263 -46.94 14.40 -8.08
C PRO A 263 -46.80 13.68 -6.74
N GLN A 264 -47.90 13.49 -6.06
CA GLN A 264 -47.88 12.85 -4.74
C GLN A 264 -47.48 11.39 -4.89
N ALA A 265 -47.97 10.73 -5.97
CA ALA A 265 -47.63 9.38 -6.24
C ALA A 265 -46.16 9.29 -6.63
N VAL A 266 -45.69 10.29 -7.36
CA VAL A 266 -44.25 10.31 -7.67
C VAL A 266 -43.42 10.48 -6.41
N ARG A 267 -43.83 11.38 -5.52
CA ARG A 267 -43.11 11.56 -4.26
C ARG A 267 -43.05 10.25 -3.42
N GLU A 268 -44.19 9.58 -3.24
CA GLU A 268 -44.26 8.32 -2.53
C GLU A 268 -43.31 7.28 -3.18
N ALA A 269 -43.25 7.18 -4.51
CA ALA A 269 -42.32 6.23 -5.10
C ALA A 269 -40.86 6.64 -4.89
N VAL A 270 -40.57 7.91 -5.08
CA VAL A 270 -39.23 8.42 -4.85
C VAL A 270 -38.77 8.21 -3.41
N LEU A 271 -39.59 8.50 -2.43
CA LEU A 271 -39.30 8.25 -1.03
C LEU A 271 -39.00 6.74 -0.78
N ALA A 272 -39.77 5.84 -1.41
CA ALA A 272 -39.49 4.38 -1.37
C ALA A 272 -38.16 4.05 -2.05
N LEU A 273 -37.89 4.62 -3.24
CA LEU A 273 -36.58 4.36 -3.89
C LEU A 273 -35.44 4.83 -3.01
N ARG A 274 -35.63 5.97 -2.35
CA ARG A 274 -34.53 6.49 -1.55
C ARG A 274 -34.29 5.67 -0.25
N ALA A 275 -35.36 5.22 0.38
CA ALA A 275 -35.27 4.37 1.58
C ALA A 275 -34.41 3.11 1.33
N ARG A 276 -34.60 2.45 0.19
CA ARG A 276 -33.88 1.27 -0.24
C ARG A 276 -32.36 1.49 -0.32
N LYS A 277 -31.97 2.72 -0.64
CA LYS A 277 -30.59 3.14 -0.74
C LYS A 277 -30.08 3.87 0.51
N GLY A 278 -30.88 3.97 1.57
CA GLY A 278 -30.46 4.75 2.73
C GLY A 278 -30.24 6.22 2.42
N MET A 279 -31.07 6.77 1.55
CA MET A 279 -30.94 8.15 1.14
C MET A 279 -32.08 9.10 1.66
N VAL A 280 -32.82 8.62 2.66
CA VAL A 280 -33.67 9.44 3.49
C VAL A 280 -33.11 9.38 4.92
N LEU A 281 -32.97 10.55 5.55
CA LEU A 281 -32.39 10.63 6.88
C LEU A 281 -33.23 9.74 7.82
N ASP A 282 -32.56 9.05 8.71
CA ASP A 282 -33.15 8.07 9.65
C ASP A 282 -32.11 8.01 10.77
N PRO A 283 -32.34 8.71 11.88
CA PRO A 283 -31.24 8.83 12.87
C PRO A 283 -30.80 7.48 13.52
N THR A 284 -31.61 6.43 13.46
CA THR A 284 -31.20 5.15 14.04
C THR A 284 -30.41 4.30 13.04
N ASP A 285 -30.33 4.70 11.76
CA ASP A 285 -29.64 3.92 10.71
C ASP A 285 -28.34 4.66 10.29
N HIS A 286 -27.20 4.04 10.57
CA HIS A 286 -25.92 4.68 10.34
C HIS A 286 -25.66 4.82 8.86
N ASP A 287 -26.28 4.00 8.00
CA ASP A 287 -26.18 4.14 6.54
C ASP A 287 -26.57 5.52 6.00
N THR A 288 -27.26 6.22 6.86
CA THR A 288 -27.88 7.53 6.68
C THR A 288 -27.05 8.62 7.40
N TRP A 289 -26.06 8.21 8.17
CA TRP A 289 -25.07 9.19 8.75
C TRP A 289 -24.04 9.52 7.67
N SER A 290 -24.45 10.35 6.74
CA SER A 290 -23.69 10.65 5.56
C SER A 290 -23.86 12.06 5.12
N VAL A 291 -23.19 12.36 4.02
CA VAL A 291 -23.48 13.52 3.18
C VAL A 291 -24.00 13.04 1.79
N GLY A 292 -24.82 11.98 1.73
CA GLY A 292 -25.22 11.32 0.49
C GLY A 292 -24.17 10.68 -0.39
N SER A 293 -24.42 10.58 -1.70
CA SER A 293 -23.38 10.23 -2.66
C SER A 293 -22.15 11.11 -2.58
N PHE A 294 -20.98 10.50 -2.44
CA PHE A 294 -19.77 11.25 -2.12
C PHE A 294 -19.14 11.76 -3.41
N PHE A 295 -19.54 11.17 -4.53
CA PHE A 295 -19.01 11.51 -5.84
C PHE A 295 -20.10 11.75 -6.88
N THR A 296 -19.84 12.78 -7.70
CA THR A 296 -20.59 13.09 -8.93
C THR A 296 -20.30 12.06 -10.02
N ASN A 297 -21.35 11.61 -10.68
CA ASN A 297 -21.25 10.93 -11.95
C ASN A 297 -20.38 11.66 -12.97
N PRO A 298 -19.24 11.06 -13.39
CA PRO A 298 -18.31 11.76 -14.28
C PRO A 298 -18.75 11.69 -15.73
N VAL A 299 -18.39 12.74 -16.47
CA VAL A 299 -18.71 12.84 -17.91
C VAL A 299 -17.43 12.53 -18.61
N VAL A 300 -17.47 11.56 -19.49
CA VAL A 300 -16.27 11.17 -20.22
C VAL A 300 -16.51 11.36 -21.71
N THR A 301 -15.40 11.48 -22.45
CA THR A 301 -15.44 11.54 -23.92
C THR A 301 -16.04 10.26 -24.48
N GLN A 302 -16.60 10.37 -25.68
CA GLN A 302 -17.30 9.25 -26.32
C GLN A 302 -16.32 8.06 -26.54
N ASP A 303 -15.05 8.37 -26.84
CA ASP A 303 -13.99 7.37 -26.96
C ASP A 303 -13.97 6.53 -25.68
N VAL A 304 -13.76 7.18 -24.53
CA VAL A 304 -13.61 6.42 -23.31
C VAL A 304 -14.86 5.64 -22.94
N TYR A 305 -16.05 6.11 -23.30
CA TYR A 305 -17.24 5.25 -23.13
C TYR A 305 -17.20 4.01 -24.01
N GLU A 306 -16.74 4.16 -25.26
CA GLU A 306 -16.77 3.00 -26.19
C GLU A 306 -15.68 1.97 -25.80
N ARG A 307 -14.51 2.43 -25.33
CA ARG A 307 -13.47 1.53 -24.82
C ARG A 307 -14.05 0.66 -23.69
N LEU A 308 -14.65 1.28 -22.68
CA LEU A 308 -15.32 0.50 -21.62
C LEU A 308 -16.49 -0.34 -22.15
N ALA A 309 -17.21 0.19 -23.11
CA ALA A 309 -18.26 -0.60 -23.75
C ALA A 309 -17.64 -1.86 -24.37
N GLY A 310 -16.44 -1.73 -24.97
CA GLY A 310 -15.66 -2.88 -25.48
C GLY A 310 -14.99 -3.78 -24.44
N ASP A 311 -14.15 -3.19 -23.59
CA ASP A 311 -13.52 -3.86 -22.40
C ASP A 311 -14.49 -4.64 -21.48
N ALA A 312 -15.80 -4.39 -21.61
CA ALA A 312 -16.86 -5.12 -20.92
C ALA A 312 -17.81 -5.92 -21.84
N ALA A 313 -17.77 -5.66 -23.15
CA ALA A 313 -18.32 -6.58 -24.15
C ALA A 313 -17.69 -7.98 -24.04
N THR A 314 -16.48 -8.04 -23.47
CA THR A 314 -15.83 -9.29 -23.00
C THR A 314 -15.83 -9.33 -21.43
N ARG A 315 -16.63 -10.15 -20.75
CA ARG A 315 -17.70 -11.00 -21.28
C ARG A 315 -18.83 -10.20 -21.93
N PRO A 319 -23.16 -4.79 -19.97
CA PRO A 319 -23.70 -3.51 -20.49
C PRO A 319 -23.38 -2.34 -19.53
N VAL A 320 -22.59 -1.38 -19.99
CA VAL A 320 -22.06 -0.25 -19.16
C VAL A 320 -23.09 0.86 -18.93
N PRO A 321 -23.49 1.12 -17.66
CA PRO A 321 -24.40 2.25 -17.47
C PRO A 321 -23.87 3.59 -18.02
N HIS A 322 -24.75 4.27 -18.77
CA HIS A 322 -24.49 5.60 -19.25
C HIS A 322 -25.78 6.43 -19.22
N TYR A 323 -25.61 7.72 -19.02
CA TYR A 323 -26.71 8.64 -19.05
C TYR A 323 -26.39 9.68 -20.15
N PRO A 324 -27.44 10.21 -20.83
CA PRO A 324 -27.18 11.28 -21.79
C PRO A 324 -26.64 12.56 -21.10
N ALA A 325 -25.73 13.24 -21.79
CA ALA A 325 -25.19 14.52 -21.35
C ALA A 325 -24.75 15.32 -22.58
N PRO A 326 -24.65 16.66 -22.46
CA PRO A 326 -24.50 17.45 -23.68
C PRO A 326 -23.06 17.48 -24.26
N ASP A 327 -22.03 17.19 -23.46
CA ASP A 327 -20.61 17.24 -23.91
C ASP A 327 -19.80 15.97 -23.56
N GLY A 328 -20.38 14.82 -23.88
CA GLY A 328 -19.74 13.52 -23.65
C GLY A 328 -20.77 12.55 -23.13
N VAL A 329 -20.31 11.45 -22.53
CA VAL A 329 -21.20 10.45 -21.92
C VAL A 329 -21.09 10.55 -20.38
N LYS A 330 -22.22 10.52 -19.70
CA LYS A 330 -22.22 10.53 -18.24
C LYS A 330 -22.19 9.08 -17.79
N LEU A 331 -21.22 8.71 -16.96
CA LEU A 331 -21.17 7.31 -16.42
C LEU A 331 -21.74 7.30 -14.99
N ALA A 332 -22.35 6.18 -14.58
CA ALA A 332 -22.72 6.00 -13.15
C ALA A 332 -21.50 5.77 -12.22
N ALA A 333 -21.15 6.78 -11.42
CA ALA A 333 -20.11 6.65 -10.40
C ALA A 333 -20.25 5.41 -9.55
N GLY A 334 -21.47 5.05 -9.23
CA GLY A 334 -21.74 3.89 -8.39
C GLY A 334 -21.26 2.61 -9.06
N TRP A 335 -21.43 2.48 -10.38
CA TRP A 335 -20.98 1.28 -11.11
C TRP A 335 -19.45 1.21 -11.19
N LEU A 336 -18.83 2.39 -11.21
CA LEU A 336 -17.40 2.50 -11.27
C LEU A 336 -16.79 2.12 -9.92
N VAL A 337 -17.30 2.72 -8.84
CA VAL A 337 -16.90 2.46 -7.48
C VAL A 337 -16.98 0.92 -7.21
N GLU A 338 -18.07 0.27 -7.59
CA GLU A 338 -18.27 -1.16 -7.31
C GLU A 338 -17.27 -2.05 -8.12
N ARG A 339 -17.04 -1.70 -9.39
CA ARG A 339 -16.11 -2.40 -10.24
C ARG A 339 -14.66 -2.28 -9.79
N ALA A 340 -14.29 -1.15 -9.17
CA ALA A 340 -12.97 -0.95 -8.59
C ALA A 340 -12.82 -1.63 -7.21
N GLY A 341 -13.80 -2.40 -6.80
CA GLY A 341 -13.76 -3.10 -5.50
C GLY A 341 -14.34 -2.44 -4.29
N PHE A 342 -14.91 -1.24 -4.41
CA PHE A 342 -15.47 -0.58 -3.24
C PHE A 342 -16.96 -0.77 -3.24
N GLY A 343 -17.36 -1.91 -2.68
CA GLY A 343 -18.76 -2.30 -2.61
C GLY A 343 -19.47 -1.79 -1.39
N LYS A 344 -20.78 -2.05 -1.33
CA LYS A 344 -21.59 -1.71 -0.16
C LYS A 344 -20.96 -2.31 1.08
N GLY A 345 -20.78 -1.51 2.13
CA GLY A 345 -20.24 -2.01 3.40
C GLY A 345 -18.74 -1.96 3.56
N TYR A 346 -18.02 -1.59 2.52
CA TYR A 346 -16.58 -1.48 2.55
C TYR A 346 -16.04 -0.44 3.56
N PRO A 347 -15.09 -0.78 4.47
CA PRO A 347 -14.53 -2.12 4.63
C PRO A 347 -15.38 -2.94 5.59
N ASP A 348 -15.50 -4.20 5.21
CA ASP A 348 -16.47 -5.18 5.66
C ASP A 348 -16.02 -5.82 6.98
N ALA A 349 -14.74 -6.17 7.00
CA ALA A 349 -14.05 -6.74 8.16
C ALA A 349 -13.56 -5.64 9.10
N GLY A 350 -14.00 -5.72 10.36
CA GLY A 350 -13.62 -4.77 11.39
C GLY A 350 -14.83 -4.12 12.01
N ALA A 351 -14.55 -3.18 12.91
CA ALA A 351 -15.47 -2.11 13.24
C ALA A 351 -14.78 -0.83 12.72
N ALA A 352 -14.63 -0.74 11.40
CA ALA A 352 -14.23 0.52 10.75
C ALA A 352 -15.22 1.64 11.22
N PRO A 353 -14.66 2.77 11.67
CA PRO A 353 -15.57 3.83 12.07
C PRO A 353 -16.20 4.55 10.84
N CYS A 354 -15.58 4.47 9.66
CA CYS A 354 -16.16 4.98 8.41
C CYS A 354 -16.27 3.85 7.40
N ARG A 355 -17.48 3.55 6.95
CA ARG A 355 -17.73 2.60 5.86
C ARG A 355 -18.61 3.24 4.75
N LEU A 356 -18.50 2.69 3.57
CA LEU A 356 -19.49 2.86 2.57
C LEU A 356 -20.77 2.16 3.07
N SER A 357 -21.88 2.81 2.80
CA SER A 357 -23.17 2.35 3.17
C SER A 357 -23.40 0.93 2.77
N THR A 358 -24.06 0.18 3.64
CA THR A 358 -24.54 -1.16 3.23
C THR A 358 -25.67 -1.09 2.16
N LYS A 359 -26.29 0.08 1.95
CA LYS A 359 -27.36 0.21 0.95
C LYS A 359 -26.95 0.99 -0.32
N HIS A 360 -25.82 1.65 -0.32
CA HIS A 360 -25.45 2.53 -1.43
C HIS A 360 -23.95 2.82 -1.36
N ALA A 361 -23.21 2.20 -2.21
CA ALA A 361 -21.74 2.24 -2.15
C ALA A 361 -21.14 3.65 -2.22
N LEU A 362 -21.85 4.58 -2.89
CA LEU A 362 -21.30 5.93 -3.07
C LEU A 362 -21.34 6.71 -1.81
N ALA A 363 -22.15 6.31 -0.85
CA ALA A 363 -22.22 7.10 0.36
C ALA A 363 -21.28 6.64 1.48
N LEU A 364 -20.36 7.52 1.85
CA LEU A 364 -19.60 7.37 3.04
C LEU A 364 -20.44 7.62 4.25
N THR A 365 -20.26 6.81 5.29
CA THR A 365 -21.05 6.87 6.52
C THR A 365 -20.17 6.83 7.78
N ASN A 366 -20.66 7.54 8.78
CA ASN A 366 -20.11 7.54 10.12
C ASN A 366 -20.78 6.42 10.90
N ARG A 367 -20.03 5.38 11.28
CA ARG A 367 -20.63 4.23 12.00
C ARG A 367 -20.71 4.46 13.47
N GLY A 368 -20.19 5.58 13.96
CA GLY A 368 -20.29 5.90 15.39
C GLY A 368 -19.26 6.89 15.83
N GLY A 369 -18.00 6.57 15.64
CA GLY A 369 -16.98 7.49 16.14
C GLY A 369 -16.07 8.12 15.13
N ALA A 370 -16.49 8.19 13.86
CA ALA A 370 -15.60 8.67 12.80
C ALA A 370 -15.12 10.11 13.01
N THR A 371 -13.95 10.39 12.48
CA THR A 371 -13.40 11.73 12.37
C THR A 371 -13.47 12.17 10.94
N ALA A 372 -13.22 13.46 10.72
CA ALA A 372 -13.12 13.95 9.35
C ALA A 372 -12.06 13.19 8.56
N GLU A 373 -10.89 12.97 9.17
CA GLU A 373 -9.77 12.32 8.46
C GLU A 373 -10.17 10.88 8.07
N ASP A 374 -10.93 10.18 8.92
CA ASP A 374 -11.44 8.85 8.54
C ASP A 374 -12.18 8.93 7.22
N VAL A 375 -13.07 9.93 7.08
CA VAL A 375 -13.92 10.11 5.86
C VAL A 375 -13.09 10.43 4.63
N VAL A 376 -12.30 11.49 4.74
CA VAL A 376 -11.32 11.84 3.72
C VAL A 376 -10.41 10.66 3.34
N THR A 377 -9.93 9.88 4.32
CA THR A 377 -9.05 8.76 4.01
C THR A 377 -9.78 7.77 3.14
N LEU A 378 -10.93 7.29 3.59
CA LEU A 378 -11.68 6.32 2.78
C LEU A 378 -12.06 6.87 1.39
N ALA A 379 -12.49 8.14 1.34
CA ALA A 379 -12.82 8.77 0.04
C ALA A 379 -11.66 8.85 -0.90
N ARG A 380 -10.50 9.24 -0.38
CA ARG A 380 -9.24 9.19 -1.19
C ARG A 380 -8.96 7.84 -1.85
N ALA A 381 -9.12 6.76 -1.09
CA ALA A 381 -8.83 5.44 -1.58
C ALA A 381 -9.81 5.04 -2.64
N VAL A 382 -11.11 5.35 -2.44
CA VAL A 382 -12.11 5.03 -3.48
C VAL A 382 -11.74 5.81 -4.75
N ARG A 383 -11.44 7.08 -4.58
CA ARG A 383 -11.09 7.98 -5.65
C ARG A 383 -9.84 7.49 -6.33
N ASP A 384 -8.80 7.25 -5.54
CA ASP A 384 -7.52 6.70 -6.11
C ASP A 384 -7.76 5.38 -6.81
N GLY A 385 -8.47 4.49 -6.12
CA GLY A 385 -8.81 3.19 -6.70
C GLY A 385 -9.55 3.21 -8.02
N VAL A 386 -10.48 4.16 -8.21
CA VAL A 386 -11.32 4.18 -9.43
C VAL A 386 -10.45 4.72 -10.57
N HIS A 387 -9.54 5.64 -10.24
CA HIS A 387 -8.57 6.14 -11.21
C HIS A 387 -7.59 5.01 -11.67
N ASP A 388 -7.05 4.24 -10.70
CA ASP A 388 -6.16 3.12 -11.04
C ASP A 388 -6.85 2.21 -12.03
N VAL A 389 -8.13 1.89 -11.83
CA VAL A 389 -8.77 0.96 -12.74
C VAL A 389 -9.10 1.55 -14.10
N PHE A 390 -9.79 2.70 -14.07
CA PHE A 390 -10.51 3.22 -15.22
C PHE A 390 -9.82 4.45 -15.83
N GLY A 391 -8.88 5.07 -15.13
CA GLY A 391 -8.34 6.36 -15.56
C GLY A 391 -9.33 7.52 -15.56
N ILE A 392 -10.24 7.49 -14.60
CA ILE A 392 -11.26 8.54 -14.39
C ILE A 392 -11.09 9.07 -12.97
N THR A 393 -10.92 10.38 -12.87
CA THR A 393 -10.90 11.10 -11.62
C THR A 393 -12.36 11.52 -11.26
N LEU A 394 -12.86 10.97 -10.16
CA LEU A 394 -14.14 11.34 -9.61
C LEU A 394 -13.93 12.59 -8.79
N LYS A 395 -14.82 13.57 -8.97
CA LYS A 395 -14.83 14.82 -8.17
C LYS A 395 -15.75 14.64 -6.94
N PRO A 396 -15.33 15.11 -5.77
CA PRO A 396 -16.22 14.98 -4.59
C PRO A 396 -17.47 15.88 -4.74
N GLU A 397 -18.65 15.39 -4.40
CA GLU A 397 -19.90 16.22 -4.42
C GLU A 397 -20.12 17.04 -3.18
N PRO A 398 -19.78 16.50 -1.98
CA PRO A 398 -19.95 17.34 -0.82
C PRO A 398 -18.82 18.36 -0.66
N VAL A 399 -19.04 19.23 0.30
CA VAL A 399 -18.13 20.32 0.55
C VAL A 399 -17.26 20.00 1.79
N LEU A 400 -15.97 20.09 1.55
CA LEU A 400 -14.95 19.69 2.48
C LEU A 400 -14.33 20.94 3.00
N ILE A 401 -14.52 21.24 4.27
CA ILE A 401 -14.00 22.46 4.89
C ILE A 401 -12.76 22.02 5.70
N GLY A 402 -11.60 22.60 5.39
CA GLY A 402 -10.34 22.29 6.12
C GLY A 402 -9.81 20.87 5.93
N CYS A 403 -10.08 20.29 4.77
CA CYS A 403 -9.67 18.93 4.41
C CYS A 403 -9.73 18.92 2.88
N MET A 404 -9.04 18.00 2.16
CA MET A 404 -9.04 18.13 0.69
C MET A 404 -9.28 16.95 -0.28
N LEU A 405 -8.88 15.72 0.10
CA LEU A 405 -8.86 14.54 -0.83
C LEU A 405 -7.60 14.43 -1.68
N PHE B 46 14.88 -52.39 -3.83
CA PHE B 46 13.72 -52.02 -4.73
C PHE B 46 12.61 -53.07 -4.86
N ALA B 47 12.38 -53.85 -3.81
CA ALA B 47 11.34 -54.90 -3.73
C ALA B 47 11.42 -55.99 -4.80
N GLY B 48 12.67 -56.31 -5.19
CA GLY B 48 12.96 -57.41 -6.10
C GLY B 48 12.80 -57.09 -7.57
N ALA B 49 13.08 -55.84 -7.98
CA ALA B 49 12.89 -55.40 -9.37
C ALA B 49 14.19 -55.46 -10.17
N HIS B 50 14.08 -55.67 -11.48
CA HIS B 50 15.23 -55.87 -12.38
C HIS B 50 15.97 -54.52 -12.56
N ILE B 51 17.28 -54.51 -12.24
CA ILE B 51 18.12 -53.34 -12.47
C ILE B 51 19.15 -53.71 -13.54
N ALA B 52 19.36 -52.81 -14.50
CA ALA B 52 20.35 -52.96 -15.58
C ALA B 52 21.07 -51.63 -15.79
N GLU B 53 22.35 -51.67 -16.16
CA GLU B 53 23.18 -50.46 -16.34
C GLU B 53 23.49 -50.28 -17.79
N ALA B 54 23.85 -49.04 -18.14
CA ALA B 54 24.10 -48.64 -19.50
C ALA B 54 23.10 -49.27 -20.47
N VAL B 55 21.81 -48.98 -20.25
CA VAL B 55 20.73 -49.36 -21.15
C VAL B 55 20.49 -48.23 -22.16
N PRO B 56 20.59 -48.53 -23.46
CA PRO B 56 20.20 -47.52 -24.42
C PRO B 56 18.68 -47.38 -24.38
N LEU B 57 18.17 -46.14 -24.34
CA LEU B 57 16.72 -45.95 -24.28
C LEU B 57 16.07 -45.93 -25.64
N ALA B 58 16.86 -45.56 -26.64
CA ALA B 58 16.39 -45.47 -27.99
C ALA B 58 15.52 -46.63 -28.39
N PRO B 59 15.97 -47.89 -28.24
CA PRO B 59 15.08 -49.02 -28.58
C PRO B 59 13.82 -49.16 -27.69
N LEU B 60 13.79 -48.55 -26.50
CA LEU B 60 12.58 -48.58 -25.67
C LEU B 60 11.59 -47.48 -26.01
N THR B 61 11.91 -46.59 -26.97
CA THR B 61 10.99 -45.54 -27.37
C THR B 61 10.42 -45.82 -28.76
N THR B 62 9.23 -45.29 -29.06
CA THR B 62 8.65 -45.41 -30.38
C THR B 62 9.31 -44.50 -31.44
N LEU B 63 9.81 -43.36 -31.00
CA LEU B 63 10.67 -42.54 -31.83
C LEU B 63 12.03 -43.17 -32.22
N ARG B 64 12.51 -44.12 -31.41
CA ARG B 64 13.84 -44.75 -31.58
C ARG B 64 14.90 -43.66 -31.41
N VAL B 65 14.79 -42.94 -30.29
CA VAL B 65 15.62 -41.81 -29.93
C VAL B 65 15.81 -41.81 -28.43
N GLY B 66 17.02 -41.45 -27.99
CA GLY B 66 17.37 -41.22 -26.60
C GLY B 66 18.79 -41.62 -26.19
N PRO B 67 19.24 -41.18 -25.01
CA PRO B 67 20.57 -41.50 -24.55
C PRO B 67 20.67 -42.93 -24.07
N ILE B 68 21.90 -43.29 -23.72
CA ILE B 68 22.20 -44.45 -22.90
C ILE B 68 22.01 -44.01 -21.45
N ALA B 69 21.14 -44.72 -20.72
CA ALA B 69 20.85 -44.38 -19.31
C ALA B 69 21.90 -44.98 -18.38
N ARG B 70 22.38 -44.24 -17.38
CA ARG B 70 23.23 -44.88 -16.33
C ARG B 70 22.57 -46.17 -15.80
N ARG B 71 21.25 -46.14 -15.55
CA ARG B 71 20.50 -47.36 -15.18
C ARG B 71 18.98 -47.32 -15.39
N VAL B 72 18.41 -48.50 -15.38
CA VAL B 72 17.01 -48.70 -15.70
C VAL B 72 16.47 -49.71 -14.72
N ILE B 73 15.58 -49.21 -13.84
CA ILE B 73 14.92 -50.03 -12.81
C ILE B 73 13.56 -50.45 -13.38
N THR B 74 13.42 -51.72 -13.73
CA THR B 74 12.21 -52.21 -14.38
C THR B 74 11.34 -52.82 -13.32
N CYS B 75 10.14 -52.25 -13.12
CA CYS B 75 9.27 -52.65 -11.98
C CYS B 75 8.07 -53.43 -12.49
N THR B 76 7.82 -54.62 -11.95
CA THR B 76 6.70 -55.46 -12.45
C THR B 76 5.56 -55.57 -11.46
N SER B 77 5.61 -54.74 -10.42
CA SER B 77 4.52 -54.64 -9.44
C SER B 77 4.42 -53.21 -8.98
N ALA B 78 3.21 -52.81 -8.59
CA ALA B 78 3.00 -51.52 -7.94
C ALA B 78 3.95 -51.28 -6.77
N GLU B 79 4.16 -52.30 -5.95
CA GLU B 79 5.07 -52.29 -4.78
C GLU B 79 6.56 -51.91 -5.13
N GLN B 80 7.04 -52.47 -6.25
CA GLN B 80 8.34 -52.09 -6.81
C GLN B 80 8.39 -50.63 -7.26
N VAL B 81 7.33 -50.18 -7.93
CA VAL B 81 7.28 -48.81 -8.41
C VAL B 81 7.43 -47.88 -7.19
N VAL B 82 6.63 -48.18 -6.19
CA VAL B 82 6.54 -47.40 -4.99
C VAL B 82 7.88 -47.38 -4.21
N ALA B 83 8.41 -48.57 -3.97
CA ALA B 83 9.71 -48.74 -3.36
C ALA B 83 10.75 -48.00 -4.14
N ALA B 84 10.75 -48.18 -5.47
CA ALA B 84 11.79 -47.52 -6.25
C ALA B 84 11.77 -46.01 -6.12
N LEU B 85 10.58 -45.41 -6.23
CA LEU B 85 10.49 -43.97 -6.18
C LEU B 85 10.65 -43.43 -4.78
N ARG B 86 10.10 -44.11 -3.79
CA ARG B 86 10.34 -43.65 -2.41
C ARG B 86 11.83 -43.59 -2.16
N HIS B 87 12.54 -44.65 -2.54
CA HIS B 87 13.98 -44.66 -2.39
C HIS B 87 14.65 -43.48 -3.15
N LEU B 88 14.41 -43.33 -4.45
CA LEU B 88 15.19 -42.38 -5.25
C LEU B 88 14.96 -40.95 -4.89
N ASP B 89 13.71 -40.62 -4.54
CA ASP B 89 13.31 -39.27 -4.14
C ASP B 89 13.84 -38.91 -2.77
N SER B 90 13.98 -39.93 -1.91
CA SER B 90 14.58 -39.73 -0.60
C SER B 90 16.07 -39.31 -0.76
N ALA B 91 16.83 -39.99 -1.62
CA ALA B 91 18.27 -39.68 -1.89
C ALA B 91 18.56 -38.39 -2.73
N ASP B 97 20.19 -37.01 -10.62
CA ASP B 97 19.29 -36.61 -9.55
C ASP B 97 17.88 -37.26 -9.73
N ARG B 98 17.05 -36.67 -10.58
CA ARG B 98 15.64 -37.02 -10.56
C ARG B 98 15.52 -38.12 -11.58
N PRO B 99 14.80 -39.18 -11.21
CA PRO B 99 14.57 -40.26 -12.19
C PRO B 99 13.65 -39.81 -13.30
N LEU B 100 13.76 -40.46 -14.44
CA LEU B 100 12.84 -40.30 -15.55
C LEU B 100 11.95 -41.47 -15.36
N VAL B 101 10.66 -41.20 -15.31
CA VAL B 101 9.67 -42.22 -15.11
C VAL B 101 9.12 -42.52 -16.48
N PHE B 102 9.04 -43.78 -16.90
CA PHE B 102 8.25 -44.02 -18.12
C PHE B 102 7.82 -45.42 -18.34
N ALA B 103 7.01 -45.61 -19.35
CA ALA B 103 6.29 -46.86 -19.50
C ALA B 103 6.47 -47.37 -20.92
N GLY B 104 5.54 -47.08 -21.84
CA GLY B 104 5.57 -47.69 -23.19
C GLY B 104 6.52 -46.98 -24.16
N GLY B 105 7.06 -45.85 -23.71
CA GLY B 105 7.91 -45.01 -24.47
C GLY B 105 7.35 -44.38 -25.72
N SER B 106 6.04 -44.23 -25.79
CA SER B 106 5.39 -43.81 -27.02
C SER B 106 4.95 -42.35 -27.06
N ASN B 107 5.30 -41.55 -26.05
CA ASN B 107 4.98 -40.10 -26.02
C ASN B 107 6.14 -39.29 -25.38
N LEU B 108 7.38 -39.73 -25.64
CA LEU B 108 8.57 -39.23 -25.02
C LEU B 108 9.61 -38.82 -26.07
N VAL B 109 10.11 -37.57 -25.98
CA VAL B 109 11.31 -37.15 -26.73
C VAL B 109 12.45 -36.94 -25.74
N ILE B 110 13.40 -37.88 -25.69
CA ILE B 110 14.51 -37.79 -24.74
C ILE B 110 15.84 -37.29 -25.41
N ALA B 111 16.44 -36.26 -24.87
CA ALA B 111 17.70 -35.71 -25.42
C ALA B 111 18.84 -36.67 -25.23
N GLU B 112 19.67 -36.85 -26.27
CA GLU B 112 20.80 -37.81 -26.24
C GLU B 112 21.91 -37.47 -25.26
N ASN B 113 22.04 -36.18 -24.92
CA ASN B 113 23.11 -35.71 -24.05
C ASN B 113 22.87 -35.87 -22.55
N LEU B 114 21.75 -36.49 -22.16
CA LEU B 114 21.50 -36.86 -20.75
C LEU B 114 22.07 -38.22 -20.48
N THR B 115 23.37 -38.24 -20.33
CA THR B 115 24.13 -39.46 -20.17
C THR B 115 24.00 -40.10 -18.76
N ASP B 116 23.45 -39.35 -17.80
CA ASP B 116 23.43 -39.79 -16.42
C ASP B 116 22.03 -40.20 -15.85
N LEU B 117 21.05 -40.51 -16.71
CA LEU B 117 19.67 -40.76 -16.26
C LEU B 117 19.51 -42.06 -15.53
N THR B 118 18.88 -41.99 -14.36
CA THR B 118 18.19 -43.15 -13.75
C THR B 118 16.75 -43.12 -14.27
N VAL B 119 16.25 -44.29 -14.62
CA VAL B 119 15.00 -44.45 -15.28
C VAL B 119 14.25 -45.49 -14.46
N VAL B 120 13.01 -45.16 -14.06
CA VAL B 120 12.10 -46.11 -13.42
C VAL B 120 11.09 -46.47 -14.48
N ARG B 121 11.10 -47.72 -14.90
CA ARG B 121 10.22 -48.16 -15.91
C ARG B 121 9.10 -48.99 -15.34
N LEU B 122 7.88 -48.60 -15.71
CA LEU B 122 6.64 -49.16 -15.21
C LEU B 122 6.18 -50.31 -16.06
N ALA B 123 6.28 -51.53 -15.51
CA ALA B 123 5.94 -52.76 -16.20
C ALA B 123 5.02 -53.68 -15.35
N ASN B 124 4.20 -53.10 -14.49
CA ASN B 124 3.20 -53.86 -13.72
C ASN B 124 1.92 -53.94 -14.55
N SER B 125 1.53 -55.14 -15.00
CA SER B 125 0.60 -55.23 -16.17
C SER B 125 -0.68 -55.98 -15.96
N GLY B 126 -1.02 -56.25 -14.72
CA GLY B 126 -2.32 -56.88 -14.44
C GLY B 126 -3.55 -56.16 -15.00
N ILE B 127 -4.52 -56.96 -15.44
CA ILE B 127 -5.83 -56.48 -15.79
C ILE B 127 -6.91 -57.33 -15.08
N THR B 128 -7.86 -56.68 -14.43
CA THR B 128 -8.89 -57.34 -13.61
C THR B 128 -10.24 -56.82 -14.09
N ILE B 129 -11.19 -57.72 -14.31
CA ILE B 129 -12.60 -57.39 -14.72
C ILE B 129 -13.53 -57.75 -13.56
N ASP B 130 -14.49 -56.90 -13.23
CA ASP B 130 -15.33 -57.07 -12.05
C ASP B 130 -16.65 -56.45 -12.47
N GLY B 131 -17.58 -57.30 -12.91
CA GLY B 131 -18.81 -56.84 -13.51
C GLY B 131 -18.45 -55.90 -14.63
N ASN B 132 -18.99 -54.69 -14.61
CA ASN B 132 -18.69 -53.72 -15.65
C ASN B 132 -17.43 -52.88 -15.37
N LEU B 133 -16.67 -53.24 -14.36
CA LEU B 133 -15.48 -52.48 -14.01
C LEU B 133 -14.25 -53.16 -14.58
N VAL B 134 -13.35 -52.35 -15.12
CA VAL B 134 -12.04 -52.82 -15.51
C VAL B 134 -10.93 -52.09 -14.79
N ARG B 135 -10.05 -52.84 -14.13
CA ARG B 135 -8.93 -52.21 -13.41
C ARG B 135 -7.64 -52.62 -14.05
N ALA B 136 -6.89 -51.64 -14.54
CA ALA B 136 -5.68 -51.92 -15.29
C ALA B 136 -4.51 -51.29 -14.57
N GLU B 137 -3.59 -52.13 -14.12
CA GLU B 137 -2.31 -51.63 -13.65
C GLU B 137 -1.57 -50.77 -14.70
N ALA B 138 -0.78 -49.85 -14.20
CA ALA B 138 -0.19 -48.80 -15.00
C ALA B 138 0.61 -49.29 -16.19
N GLY B 139 1.30 -50.39 -15.97
CA GLY B 139 2.17 -51.01 -16.93
C GLY B 139 1.48 -51.92 -17.94
N ALA B 140 0.15 -52.08 -17.86
CA ALA B 140 -0.57 -52.83 -18.87
C ALA B 140 -0.49 -52.15 -20.18
N VAL B 141 -0.45 -52.96 -21.26
CA VAL B 141 -0.46 -52.45 -22.60
C VAL B 141 -1.85 -51.95 -22.75
N PHE B 142 -2.04 -50.67 -23.06
CA PHE B 142 -3.39 -50.12 -23.15
C PHE B 142 -4.33 -50.87 -24.12
N ASP B 143 -3.80 -51.20 -25.29
CA ASP B 143 -4.58 -51.91 -26.30
C ASP B 143 -5.05 -53.27 -25.81
N ASP B 144 -4.27 -53.94 -24.98
CA ASP B 144 -4.67 -55.18 -24.35
C ASP B 144 -5.89 -55.01 -23.46
N VAL B 145 -6.02 -53.82 -22.83
CA VAL B 145 -7.19 -53.52 -21.98
C VAL B 145 -8.41 -53.39 -22.86
N VAL B 146 -8.26 -52.69 -23.98
CA VAL B 146 -9.36 -52.53 -24.92
C VAL B 146 -9.87 -53.90 -25.39
N VAL B 147 -8.97 -54.77 -25.79
CA VAL B 147 -9.33 -56.10 -26.29
C VAL B 147 -10.02 -56.87 -25.16
N ARG B 148 -9.42 -56.87 -23.97
CA ARG B 148 -9.99 -57.59 -22.85
C ARG B 148 -11.38 -57.08 -22.51
N ALA B 149 -11.61 -55.78 -22.63
CA ALA B 149 -12.94 -55.28 -22.39
C ALA B 149 -13.94 -55.81 -23.43
N ILE B 150 -13.52 -55.72 -24.70
CA ILE B 150 -14.39 -56.16 -25.81
C ILE B 150 -14.76 -57.66 -25.65
N GLU B 151 -13.76 -58.46 -25.33
CA GLU B 151 -13.89 -59.88 -25.10
C GLU B 151 -14.98 -60.21 -24.09
N GLN B 152 -15.21 -59.33 -23.08
CA GLN B 152 -16.20 -59.57 -22.00
C GLN B 152 -17.54 -58.91 -22.28
N GLY B 153 -17.71 -58.33 -23.46
CA GLY B 153 -18.92 -57.55 -23.74
C GLY B 153 -19.07 -56.19 -23.08
N LEU B 154 -17.94 -55.62 -22.63
CA LEU B 154 -17.88 -54.28 -22.05
C LEU B 154 -17.51 -53.24 -23.08
N GLY B 155 -18.43 -52.38 -23.43
CA GLY B 155 -18.17 -51.30 -24.39
C GLY B 155 -17.84 -49.93 -23.79
N GLY B 156 -17.06 -49.15 -24.55
CA GLY B 156 -16.66 -47.79 -24.22
C GLY B 156 -15.20 -47.48 -24.55
N LEU B 157 -14.37 -48.50 -24.66
CA LEU B 157 -12.97 -48.38 -25.05
C LEU B 157 -12.58 -48.56 -26.56
N GLU B 158 -13.53 -49.07 -27.33
CA GLU B 158 -13.26 -49.58 -28.70
C GLU B 158 -12.69 -48.50 -29.62
N CYS B 159 -13.18 -47.28 -29.47
CA CYS B 159 -12.67 -46.18 -30.26
C CYS B 159 -11.23 -45.86 -29.99
N LEU B 160 -10.72 -46.34 -28.85
CA LEU B 160 -9.35 -46.10 -28.45
C LEU B 160 -8.42 -47.23 -28.87
N SER B 161 -8.92 -48.17 -29.67
CA SER B 161 -8.11 -49.28 -30.19
C SER B 161 -6.88 -48.80 -30.97
N GLY B 162 -5.76 -49.48 -30.79
CA GLY B 162 -4.53 -49.16 -31.52
C GLY B 162 -3.68 -48.03 -30.97
N ILE B 163 -4.13 -47.35 -29.90
CA ILE B 163 -3.29 -46.34 -29.27
C ILE B 163 -2.24 -47.14 -28.60
N PRO B 164 -0.98 -46.82 -28.89
CA PRO B 164 0.13 -47.49 -28.19
C PRO B 164 0.29 -47.05 -26.70
N GLY B 165 1.22 -47.70 -26.04
CA GLY B 165 1.62 -47.36 -24.70
C GLY B 165 0.79 -48.04 -23.65
N SER B 166 0.97 -47.53 -22.42
CA SER B 166 0.51 -48.16 -21.18
C SER B 166 -0.85 -47.64 -20.77
N ALA B 167 -1.59 -48.40 -19.97
CA ALA B 167 -2.82 -47.92 -19.36
C ALA B 167 -2.59 -46.71 -18.45
N GLY B 168 -1.53 -46.82 -17.65
CA GLY B 168 -1.16 -45.77 -16.70
C GLY B 168 -1.00 -44.37 -17.24
N ALA B 169 -0.59 -44.24 -18.51
CA ALA B 169 -0.34 -42.94 -19.11
C ALA B 169 -1.60 -42.31 -19.60
N THR B 170 -2.66 -43.10 -19.78
CA THR B 170 -3.83 -42.54 -20.41
C THR B 170 -4.50 -41.37 -19.63
N PRO B 171 -4.61 -41.48 -18.29
CA PRO B 171 -5.18 -40.28 -17.58
C PRO B 171 -4.29 -39.08 -17.68
N VAL B 172 -3.00 -39.31 -17.77
CA VAL B 172 -2.08 -38.21 -17.73
C VAL B 172 -2.46 -37.08 -18.68
N GLN B 173 -2.63 -37.45 -19.94
CA GLN B 173 -3.05 -36.49 -20.97
C GLN B 173 -4.45 -36.75 -21.53
N ASN B 174 -5.28 -37.48 -20.77
CA ASN B 174 -6.64 -37.74 -21.20
C ASN B 174 -6.65 -38.33 -22.62
N VAL B 175 -5.91 -39.39 -22.79
CA VAL B 175 -5.68 -39.99 -24.09
C VAL B 175 -7.02 -40.18 -24.79
N GLY B 176 -7.05 -39.84 -26.06
CA GLY B 176 -8.26 -39.92 -26.85
C GLY B 176 -8.03 -40.04 -28.33
N ALA B 177 -9.10 -40.48 -29.01
CA ALA B 177 -9.12 -40.61 -30.47
C ALA B 177 -10.54 -40.91 -30.96
N TYR B 178 -10.84 -40.50 -32.19
CA TYR B 178 -12.01 -40.93 -32.89
C TYR B 178 -13.27 -40.73 -32.04
N GLY B 179 -13.37 -39.57 -31.41
CA GLY B 179 -14.55 -39.16 -30.64
C GLY B 179 -14.62 -39.53 -29.17
N ALA B 180 -13.73 -40.39 -28.70
CA ALA B 180 -13.73 -40.86 -27.32
C ALA B 180 -12.46 -40.38 -26.60
N GLU B 181 -12.55 -40.36 -25.27
CA GLU B 181 -11.46 -39.94 -24.34
C GLU B 181 -11.55 -40.84 -23.13
N VAL B 182 -10.42 -41.16 -22.49
CA VAL B 182 -10.48 -41.92 -21.28
C VAL B 182 -11.29 -41.26 -20.14
N SER B 183 -11.41 -39.95 -20.11
CA SER B 183 -12.27 -39.30 -19.13
C SER B 183 -13.79 -39.70 -19.22
N ASP B 184 -14.23 -40.21 -20.36
CA ASP B 184 -15.63 -40.70 -20.44
C ASP B 184 -15.88 -41.93 -19.56
N THR B 185 -14.86 -42.70 -19.19
CA THR B 185 -15.03 -43.93 -18.44
C THR B 185 -14.26 -44.08 -17.12
N ILE B 186 -13.17 -43.36 -16.94
CA ILE B 186 -12.37 -43.54 -15.73
C ILE B 186 -13.20 -43.08 -14.53
N THR B 187 -13.25 -43.92 -13.52
CA THR B 187 -13.90 -43.63 -12.26
C THR B 187 -12.82 -43.10 -11.28
N ARG B 188 -11.67 -43.72 -11.24
CA ARG B 188 -10.55 -43.29 -10.35
C ARG B 188 -9.21 -43.95 -10.71
N VAL B 189 -8.11 -43.43 -10.14
CA VAL B 189 -6.75 -43.89 -10.37
C VAL B 189 -6.00 -43.94 -9.05
N ARG B 190 -5.23 -45.02 -8.84
CA ARG B 190 -4.43 -45.16 -7.67
C ARG B 190 -3.15 -44.43 -8.00
N LEU B 191 -2.74 -43.54 -7.11
CA LEU B 191 -1.65 -42.55 -7.34
C LEU B 191 -0.62 -42.61 -6.23
N LEU B 192 0.66 -42.51 -6.55
CA LEU B 192 1.71 -42.24 -5.59
C LEU B 192 1.96 -40.77 -5.57
N ASP B 193 1.79 -40.11 -4.42
CA ASP B 193 2.18 -38.73 -4.31
C ASP B 193 3.69 -38.72 -3.99
N ARG B 194 4.54 -38.19 -4.90
CA ARG B 194 6.01 -38.24 -4.69
C ARG B 194 6.48 -37.32 -3.55
N CYS B 195 5.75 -36.25 -3.24
CA CYS B 195 6.13 -35.33 -2.14
C CYS B 195 6.07 -35.93 -0.76
N THR B 196 5.12 -36.84 -0.55
CA THR B 196 4.91 -37.48 0.75
C THR B 196 5.27 -38.94 0.70
N GLY B 197 5.41 -39.50 -0.49
CA GLY B 197 5.53 -40.94 -0.64
C GLY B 197 4.27 -41.74 -0.30
N GLU B 198 3.13 -41.07 -0.23
CA GLU B 198 1.87 -41.73 0.09
C GLU B 198 1.05 -42.16 -1.17
N VAL B 199 0.46 -43.34 -1.06
CA VAL B 199 -0.40 -43.90 -2.06
C VAL B 199 -1.89 -43.72 -1.69
N ARG B 200 -2.71 -43.12 -2.58
CA ARG B 200 -4.17 -43.22 -2.47
C ARG B 200 -4.90 -43.33 -3.81
N TRP B 201 -6.17 -43.73 -3.74
CA TRP B 201 -7.06 -43.56 -4.90
C TRP B 201 -7.64 -42.18 -5.00
N VAL B 202 -7.64 -41.66 -6.20
CA VAL B 202 -8.13 -40.32 -6.46
C VAL B 202 -9.24 -40.40 -7.50
N SER B 203 -10.26 -39.59 -7.30
CA SER B 203 -11.41 -39.59 -8.11
C SER B 203 -11.10 -38.97 -9.44
N ALA B 204 -11.85 -39.37 -10.48
CA ALA B 204 -11.89 -38.74 -11.79
C ALA B 204 -12.05 -37.23 -11.69
N ARG B 205 -12.94 -36.80 -10.80
CA ARG B 205 -13.25 -35.39 -10.62
C ARG B 205 -11.97 -34.62 -10.17
N ASP B 206 -11.22 -35.18 -9.25
CA ASP B 206 -10.01 -34.54 -8.75
C ASP B 206 -8.89 -34.49 -9.77
N LEU B 207 -9.03 -35.19 -10.91
CA LEU B 207 -7.98 -35.16 -11.94
C LEU B 207 -8.15 -34.04 -12.93
N ARG B 208 -9.35 -33.40 -12.93
CA ARG B 208 -9.64 -32.21 -13.76
C ARG B 208 -9.34 -32.51 -15.23
N PHE B 209 -9.98 -33.52 -15.73
CA PHE B 209 -9.80 -33.85 -17.11
C PHE B 209 -10.31 -32.73 -18.01
N GLY B 210 -9.52 -32.35 -18.98
CA GLY B 210 -10.00 -31.61 -20.13
C GLY B 210 -9.41 -32.21 -21.40
N TYR B 211 -9.46 -31.42 -22.44
CA TYR B 211 -9.06 -31.86 -23.75
C TYR B 211 -7.54 -32.03 -23.74
N ARG B 212 -7.09 -33.25 -24.02
CA ARG B 212 -5.67 -33.57 -23.93
C ARG B 212 -4.97 -33.01 -22.68
N THR B 213 -5.64 -33.04 -21.51
CA THR B 213 -5.04 -32.57 -20.26
C THR B 213 -5.73 -33.20 -19.05
N SER B 214 -4.96 -33.23 -17.96
CA SER B 214 -5.41 -33.53 -16.60
C SER B 214 -4.49 -32.76 -15.64
N VAL B 215 -4.73 -32.76 -14.30
CA VAL B 215 -3.76 -32.12 -13.34
C VAL B 215 -2.43 -32.83 -13.32
N LEU B 216 -2.34 -34.00 -13.93
CA LEU B 216 -1.19 -34.85 -13.82
C LEU B 216 -0.25 -34.46 -14.92
N LYS B 217 -0.66 -33.58 -15.84
CA LYS B 217 0.15 -33.24 -17.01
C LYS B 217 1.19 -32.13 -16.70
N HIS B 218 2.46 -32.41 -17.01
CA HIS B 218 3.54 -31.40 -16.92
C HIS B 218 4.45 -31.42 -18.14
N ALA B 219 4.89 -30.21 -18.53
CA ALA B 219 5.94 -29.99 -19.56
C ALA B 219 7.30 -30.58 -19.13
N ASP B 220 7.71 -30.29 -17.88
CA ASP B 220 8.90 -30.95 -17.32
C ASP B 220 8.53 -32.39 -16.93
N GLY B 221 8.79 -33.31 -17.85
CA GLY B 221 8.52 -34.72 -17.66
C GLY B 221 9.44 -35.48 -16.74
N LEU B 222 10.46 -34.80 -16.19
CA LEU B 222 11.18 -35.26 -14.99
C LEU B 222 10.53 -34.80 -13.66
N ALA B 223 9.97 -33.59 -13.65
CA ALA B 223 9.47 -32.95 -12.42
C ALA B 223 8.12 -33.49 -11.92
N VAL B 224 7.71 -34.71 -12.34
CA VAL B 224 6.34 -35.15 -12.12
C VAL B 224 6.10 -35.53 -10.65
N PRO B 225 5.21 -34.76 -9.99
CA PRO B 225 5.07 -35.01 -8.61
C PRO B 225 4.21 -36.26 -8.33
N THR B 226 3.47 -36.80 -9.31
CA THR B 226 2.60 -37.98 -9.02
C THR B 226 2.69 -39.07 -10.08
N VAL B 227 2.79 -40.31 -9.64
CA VAL B 227 2.77 -41.48 -10.54
C VAL B 227 1.51 -42.34 -10.46
N VAL B 228 0.89 -42.58 -11.60
CA VAL B 228 -0.30 -43.45 -11.69
C VAL B 228 0.13 -44.89 -11.59
N LEU B 229 -0.48 -45.64 -10.67
CA LEU B 229 -0.19 -47.06 -10.46
C LEU B 229 -1.24 -47.99 -11.05
N GLU B 230 -2.48 -47.51 -11.24
CA GLU B 230 -3.61 -48.38 -11.61
C GLU B 230 -4.74 -47.46 -11.98
N VAL B 231 -5.56 -47.91 -12.93
CA VAL B 231 -6.70 -47.13 -13.44
C VAL B 231 -7.94 -48.01 -13.44
N GLU B 232 -9.08 -47.43 -13.01
CA GLU B 232 -10.40 -48.12 -13.10
C GLU B 232 -11.23 -47.39 -14.10
N PHE B 233 -11.86 -48.17 -14.98
CA PHE B 233 -12.80 -47.70 -15.96
C PHE B 233 -14.15 -48.30 -15.64
N ALA B 234 -15.23 -47.55 -15.84
CA ALA B 234 -16.58 -48.10 -15.74
C ALA B 234 -17.14 -48.15 -17.14
N LEU B 235 -17.41 -49.37 -17.60
CA LEU B 235 -17.81 -49.58 -18.98
C LEU B 235 -19.26 -50.05 -19.10
N ASP B 236 -19.73 -50.19 -20.34
CA ASP B 236 -21.10 -50.49 -20.61
C ASP B 236 -21.34 -52.01 -20.72
N PRO B 237 -21.93 -52.65 -19.68
CA PRO B 237 -22.08 -54.09 -19.77
C PRO B 237 -23.18 -54.57 -20.76
N SER B 238 -23.93 -53.65 -21.39
CA SER B 238 -24.86 -53.99 -22.46
C SER B 238 -24.17 -54.43 -23.79
N GLY B 239 -22.90 -54.10 -23.98
CA GLY B 239 -22.13 -54.58 -25.14
C GLY B 239 -22.23 -53.67 -26.32
N ARG B 240 -22.81 -52.49 -26.15
CA ARG B 240 -22.92 -51.53 -27.20
C ARG B 240 -21.72 -50.56 -27.09
N SER B 241 -21.18 -50.13 -28.22
CA SER B 241 -20.14 -49.12 -28.23
C SER B 241 -20.59 -47.82 -27.59
N ALA B 242 -19.64 -46.93 -27.32
CA ALA B 242 -19.97 -45.52 -27.08
C ALA B 242 -20.76 -44.94 -28.27
N PRO B 243 -21.53 -43.86 -28.05
CA PRO B 243 -22.14 -43.21 -29.18
C PRO B 243 -21.05 -42.65 -30.10
N LEU B 244 -21.17 -42.97 -31.38
CA LEU B 244 -20.20 -42.56 -32.39
C LEU B 244 -20.43 -41.09 -32.70
N ARG B 245 -19.41 -40.27 -32.42
CA ARG B 245 -19.44 -38.82 -32.68
C ARG B 245 -18.48 -38.38 -33.81
N TYR B 246 -17.73 -39.33 -34.39
CA TYR B 246 -16.60 -38.98 -35.26
C TYR B 246 -16.79 -39.35 -36.74
N GLY B 247 -16.94 -38.31 -37.56
CA GLY B 247 -17.21 -38.38 -39.01
C GLY B 247 -16.61 -39.52 -39.81
N GLU B 248 -15.28 -39.49 -40.00
CA GLU B 248 -14.57 -40.58 -40.71
C GLU B 248 -14.95 -41.99 -40.18
N LEU B 249 -15.28 -42.09 -38.89
CA LEU B 249 -15.61 -43.39 -38.32
C LEU B 249 -17.08 -43.76 -38.58
N ILE B 250 -17.96 -42.80 -38.34
CA ILE B 250 -19.40 -42.92 -38.66
C ILE B 250 -19.59 -43.31 -40.14
N ALA B 251 -18.93 -42.56 -41.02
CA ALA B 251 -18.97 -42.81 -42.46
C ALA B 251 -18.42 -44.17 -42.85
N ALA B 252 -17.32 -44.61 -42.25
CA ALA B 252 -16.70 -45.90 -42.59
C ALA B 252 -17.42 -47.13 -42.01
N LEU B 253 -18.42 -46.91 -41.15
CA LEU B 253 -19.43 -47.92 -40.77
C LEU B 253 -20.71 -47.47 -41.49
N ASN B 254 -21.83 -48.19 -41.44
CA ASN B 254 -23.05 -47.65 -42.10
C ASN B 254 -23.46 -46.38 -41.33
N ALA B 255 -23.63 -46.60 -40.04
CA ALA B 255 -23.85 -45.64 -38.97
C ALA B 255 -24.35 -44.25 -39.21
N THR B 256 -24.78 -43.80 -38.17
CA THR B 256 -25.55 -42.57 -38.18
C THR B 256 -25.03 -41.69 -37.07
N SER B 257 -24.73 -40.41 -36.99
CA SER B 257 -24.18 -39.70 -35.86
C SER B 257 -25.01 -39.95 -34.64
N GLY B 258 -24.36 -40.21 -33.52
CA GLY B 258 -25.06 -40.47 -32.25
C GLY B 258 -25.45 -41.92 -31.99
N GLU B 259 -25.52 -42.76 -33.03
CA GLU B 259 -25.83 -44.21 -32.88
C GLU B 259 -24.69 -45.01 -32.21
N ARG B 260 -24.96 -46.28 -31.90
CA ARG B 260 -23.94 -47.16 -31.34
C ARG B 260 -23.88 -48.37 -32.21
N ALA B 261 -22.86 -49.18 -32.00
CA ALA B 261 -22.54 -50.31 -32.88
C ALA B 261 -21.85 -51.39 -32.11
N ASP B 262 -21.44 -52.45 -32.80
CA ASP B 262 -20.71 -53.53 -32.16
C ASP B 262 -19.28 -53.07 -31.85
N PRO B 263 -18.78 -53.37 -30.64
CA PRO B 263 -17.42 -52.95 -30.31
C PRO B 263 -16.32 -53.56 -31.17
N GLN B 264 -16.47 -54.82 -31.54
CA GLN B 264 -15.44 -55.45 -32.34
C GLN B 264 -15.40 -54.79 -33.71
N ALA B 265 -16.57 -54.41 -34.20
CA ALA B 265 -16.66 -53.86 -35.52
C ALA B 265 -16.11 -52.44 -35.46
N VAL B 266 -16.44 -51.69 -34.41
CA VAL B 266 -15.87 -50.34 -34.24
C VAL B 266 -14.33 -50.45 -34.19
N ARG B 267 -13.81 -51.35 -33.35
CA ARG B 267 -12.36 -51.59 -33.28
C ARG B 267 -11.70 -51.87 -34.66
N GLU B 268 -12.42 -52.60 -35.52
CA GLU B 268 -11.89 -52.96 -36.87
C GLU B 268 -11.86 -51.77 -37.81
N ALA B 269 -12.93 -50.98 -37.80
CA ALA B 269 -12.97 -49.74 -38.51
C ALA B 269 -11.96 -48.71 -37.99
N VAL B 270 -11.63 -48.77 -36.69
CA VAL B 270 -10.66 -47.83 -36.14
C VAL B 270 -9.24 -48.27 -36.48
N LEU B 271 -8.90 -49.55 -36.31
CA LEU B 271 -7.57 -50.01 -36.67
C LEU B 271 -7.17 -49.85 -38.16
N ALA B 272 -8.16 -49.87 -39.04
CA ALA B 272 -7.94 -49.73 -40.48
C ALA B 272 -7.73 -48.25 -40.80
N LEU B 273 -8.54 -47.40 -40.17
CA LEU B 273 -8.35 -45.97 -40.25
C LEU B 273 -6.98 -45.56 -39.72
N ARG B 274 -6.55 -46.16 -38.62
CA ARG B 274 -5.27 -45.80 -38.07
C ARG B 274 -4.11 -46.31 -38.95
N ALA B 275 -4.23 -47.53 -39.48
CA ALA B 275 -3.17 -48.06 -40.38
C ALA B 275 -2.93 -47.20 -41.64
N ARG B 276 -3.99 -46.57 -42.17
CA ARG B 276 -3.88 -45.66 -43.32
C ARG B 276 -3.18 -44.35 -43.02
N LYS B 277 -3.11 -43.99 -41.72
CA LYS B 277 -2.48 -42.74 -41.28
C LYS B 277 -1.12 -43.01 -40.68
N GLY B 278 -0.69 -44.27 -40.71
CA GLY B 278 0.53 -44.62 -39.97
C GLY B 278 0.46 -44.43 -38.45
N MET B 279 -0.74 -44.70 -37.90
CA MET B 279 -1.05 -44.48 -36.47
C MET B 279 -1.26 -45.80 -35.73
N VAL B 280 -0.77 -46.90 -36.28
CA VAL B 280 -0.61 -48.10 -35.47
C VAL B 280 0.82 -48.52 -35.63
N LEU B 281 1.44 -48.98 -34.55
CA LEU B 281 2.84 -49.37 -34.63
C LEU B 281 3.03 -50.45 -35.70
N ASP B 282 3.97 -50.19 -36.59
CA ASP B 282 4.39 -51.14 -37.64
C ASP B 282 5.88 -50.89 -37.73
N PRO B 283 6.67 -51.75 -37.09
CA PRO B 283 8.07 -51.43 -36.86
C PRO B 283 8.92 -51.41 -38.14
N THR B 284 8.38 -51.93 -39.25
CA THR B 284 9.04 -51.81 -40.56
C THR B 284 8.67 -50.55 -41.33
N ASP B 285 7.68 -49.80 -40.86
CA ASP B 285 7.28 -48.53 -41.48
C ASP B 285 7.73 -47.30 -40.66
N HIS B 286 8.69 -46.54 -41.17
CA HIS B 286 9.27 -45.44 -40.40
C HIS B 286 8.26 -44.31 -40.13
N ASP B 287 7.18 -44.27 -40.87
CA ASP B 287 6.07 -43.40 -40.51
C ASP B 287 5.45 -43.65 -39.11
N THR B 288 5.69 -44.84 -38.53
CA THR B 288 5.27 -45.16 -37.19
C THR B 288 6.38 -44.99 -36.16
N TRP B 289 7.57 -44.56 -36.58
CA TRP B 289 8.64 -44.23 -35.67
C TRP B 289 8.46 -42.78 -35.22
N SER B 290 7.45 -42.58 -34.38
CA SER B 290 6.89 -41.28 -34.06
C SER B 290 6.48 -41.20 -32.58
N VAL B 291 5.87 -40.05 -32.23
CA VAL B 291 5.10 -39.99 -31.01
C VAL B 291 3.66 -39.67 -31.33
N GLY B 292 3.14 -40.24 -32.39
CA GLY B 292 1.81 -39.88 -32.88
C GLY B 292 1.71 -38.47 -33.36
N SER B 293 0.52 -37.91 -33.29
CA SER B 293 0.33 -36.51 -33.65
C SER B 293 1.11 -35.62 -32.70
N PHE B 294 1.98 -34.76 -33.21
CA PHE B 294 2.88 -34.00 -32.32
C PHE B 294 2.16 -32.79 -31.70
N PHE B 295 1.08 -32.36 -32.34
CA PHE B 295 0.28 -31.25 -31.82
C PHE B 295 -1.18 -31.63 -31.67
N THR B 296 -1.88 -30.94 -30.79
CA THR B 296 -3.28 -31.17 -30.58
C THR B 296 -4.16 -30.26 -31.40
N ASN B 297 -5.31 -30.77 -31.83
CA ASN B 297 -6.30 -30.02 -32.59
C ASN B 297 -6.71 -28.86 -31.72
N PRO B 298 -6.31 -27.59 -32.13
CA PRO B 298 -6.65 -26.48 -31.23
C PRO B 298 -8.07 -25.91 -31.24
N VAL B 299 -8.35 -25.07 -30.25
CA VAL B 299 -9.69 -24.54 -30.04
C VAL B 299 -9.67 -23.00 -30.22
N VAL B 300 -10.57 -22.48 -31.07
CA VAL B 300 -10.66 -21.02 -31.32
C VAL B 300 -12.09 -20.45 -31.22
N THR B 301 -12.14 -19.11 -31.10
CA THR B 301 -13.39 -18.31 -31.19
C THR B 301 -13.81 -18.05 -32.66
N GLN B 302 -14.59 -16.98 -32.94
CA GLN B 302 -14.93 -16.56 -34.34
C GLN B 302 -13.71 -16.14 -35.25
N ASP B 303 -12.49 -16.27 -34.72
CA ASP B 303 -11.26 -16.48 -35.52
C ASP B 303 -11.23 -17.87 -36.21
N LEU B 331 -10.51 -26.88 -34.28
CA LEU B 331 -9.99 -27.10 -35.67
C LEU B 331 -9.05 -28.31 -35.86
N ALA B 332 -8.98 -28.81 -37.10
CA ALA B 332 -8.04 -29.88 -37.50
C ALA B 332 -6.62 -29.35 -37.70
N ALA B 333 -5.74 -29.74 -36.79
CA ALA B 333 -4.37 -29.31 -36.80
C ALA B 333 -3.60 -29.84 -38.02
N GLY B 334 -3.98 -31.01 -38.53
CA GLY B 334 -3.42 -31.54 -39.79
C GLY B 334 -3.63 -30.59 -40.96
N TRP B 335 -4.84 -30.09 -41.07
CA TRP B 335 -5.20 -29.17 -42.13
C TRP B 335 -4.35 -27.92 -42.03
N LEU B 336 -4.27 -27.32 -40.85
CA LEU B 336 -3.43 -26.13 -40.68
C LEU B 336 -1.96 -26.37 -41.00
N VAL B 337 -1.44 -27.55 -40.67
CA VAL B 337 0.02 -27.83 -40.80
C VAL B 337 0.38 -27.98 -42.28
N GLU B 338 -0.38 -28.80 -43.02
CA GLU B 338 -0.30 -28.89 -44.48
C GLU B 338 -0.44 -27.52 -45.18
N ARG B 339 -1.52 -26.79 -44.92
CA ARG B 339 -1.77 -25.49 -45.57
C ARG B 339 -0.81 -24.35 -45.16
N ALA B 340 -0.02 -24.52 -44.09
CA ALA B 340 1.04 -23.53 -43.73
C ALA B 340 2.37 -23.85 -44.34
N GLY B 341 2.41 -24.94 -45.11
CA GLY B 341 3.55 -25.29 -45.93
C GLY B 341 4.27 -26.57 -45.56
N PHE B 342 3.73 -27.36 -44.62
CA PHE B 342 4.44 -28.54 -44.09
C PHE B 342 3.65 -29.82 -44.39
N GLY B 343 3.77 -30.30 -45.64
CA GLY B 343 3.05 -31.45 -46.12
C GLY B 343 3.54 -32.77 -45.55
N LYS B 344 2.76 -33.79 -45.82
CA LYS B 344 3.20 -35.15 -45.60
C LYS B 344 4.60 -35.32 -46.22
N GLY B 345 5.52 -35.91 -45.47
CA GLY B 345 6.90 -36.07 -45.95
C GLY B 345 7.83 -34.87 -45.80
N TYR B 346 7.30 -33.69 -45.42
CA TYR B 346 8.17 -32.54 -45.25
C TYR B 346 9.30 -32.88 -44.29
N PRO B 347 10.58 -32.59 -44.61
CA PRO B 347 11.07 -32.07 -45.94
C PRO B 347 11.62 -33.21 -46.81
N ASP B 348 11.15 -33.29 -48.06
CA ASP B 348 11.73 -34.18 -49.10
C ASP B 348 12.32 -33.37 -50.24
N ALA B 349 13.61 -33.53 -50.58
CA ALA B 349 14.55 -34.46 -49.94
C ALA B 349 15.71 -33.67 -49.29
N GLY B 350 16.95 -34.03 -49.65
CA GLY B 350 18.09 -34.18 -48.71
C GLY B 350 17.90 -35.59 -48.12
N ALA B 351 18.65 -35.92 -47.06
CA ALA B 351 18.30 -37.10 -46.25
C ALA B 351 18.07 -36.65 -44.81
N ALA B 352 17.10 -35.73 -44.62
CA ALA B 352 16.69 -35.27 -43.30
C ALA B 352 16.36 -36.51 -42.46
N PRO B 353 17.02 -36.64 -41.32
CA PRO B 353 16.72 -37.79 -40.48
C PRO B 353 15.32 -37.72 -39.80
N CYS B 354 14.78 -36.49 -39.65
CA CYS B 354 13.42 -36.24 -39.17
C CYS B 354 12.53 -35.58 -40.22
N ARG B 355 11.42 -36.26 -40.53
CA ARG B 355 10.46 -35.78 -41.50
C ARG B 355 9.05 -36.10 -41.02
N LEU B 356 8.12 -35.20 -41.33
CA LEU B 356 6.72 -35.43 -41.14
C LEU B 356 6.36 -36.69 -41.92
N SER B 357 5.57 -37.56 -41.29
CA SER B 357 5.14 -38.83 -41.87
C SER B 357 4.52 -38.68 -43.24
N THR B 358 4.80 -39.62 -44.14
CA THR B 358 4.18 -39.56 -45.48
C THR B 358 2.70 -39.90 -45.50
N LYS B 359 2.16 -40.40 -44.40
CA LYS B 359 0.70 -40.67 -44.31
C LYS B 359 -0.08 -39.75 -43.37
N HIS B 360 0.63 -38.90 -42.62
CA HIS B 360 0.01 -38.04 -41.61
C HIS B 360 0.97 -36.88 -41.23
N ALA B 361 0.67 -35.69 -41.72
CA ALA B 361 1.55 -34.53 -41.52
C ALA B 361 1.88 -34.19 -40.07
N LEU B 362 0.95 -34.47 -39.14
CA LEU B 362 1.16 -34.09 -37.73
C LEU B 362 2.17 -34.98 -37.07
N ALA B 363 2.43 -36.16 -37.64
CA ALA B 363 3.33 -37.05 -37.00
C ALA B 363 4.79 -36.73 -37.42
N LEU B 364 5.62 -36.14 -36.54
CA LEU B 364 7.06 -36.17 -36.74
C LEU B 364 7.64 -37.58 -36.64
N THR B 365 8.62 -37.92 -37.51
CA THR B 365 9.23 -39.24 -37.54
C THR B 365 10.76 -39.30 -37.62
N ASN B 366 11.26 -40.44 -37.18
CA ASN B 366 12.66 -40.78 -37.25
C ASN B 366 12.81 -41.71 -38.48
N ARG B 367 13.39 -41.17 -39.55
CA ARG B 367 13.69 -41.99 -40.74
C ARG B 367 14.92 -42.92 -40.54
N GLY B 368 15.71 -42.70 -39.49
CA GLY B 368 16.95 -43.45 -39.21
C GLY B 368 17.98 -42.43 -38.71
N GLY B 369 18.42 -42.57 -37.46
CA GLY B 369 19.48 -41.71 -36.89
C GLY B 369 19.08 -40.31 -36.49
N ALA B 370 17.78 -40.06 -36.27
CA ALA B 370 17.35 -38.74 -35.81
C ALA B 370 17.83 -38.50 -34.38
N THR B 371 18.05 -37.21 -34.15
CA THR B 371 18.39 -36.65 -32.84
C THR B 371 17.10 -36.02 -32.21
N ALA B 372 17.15 -35.78 -30.92
CA ALA B 372 16.16 -34.96 -30.25
C ALA B 372 16.15 -33.49 -30.79
N GLU B 373 17.32 -32.87 -30.92
CA GLU B 373 17.45 -31.55 -31.63
C GLU B 373 16.75 -31.53 -32.99
N ASP B 374 16.88 -32.61 -33.75
CA ASP B 374 16.24 -32.70 -35.06
C ASP B 374 14.70 -32.66 -34.90
N VAL B 375 14.15 -33.43 -33.95
CA VAL B 375 12.71 -33.52 -33.78
C VAL B 375 12.21 -32.16 -33.26
N VAL B 376 12.84 -31.62 -32.21
CA VAL B 376 12.38 -30.32 -31.64
C VAL B 376 12.52 -29.18 -32.64
N THR B 377 13.63 -29.14 -33.38
CA THR B 377 13.84 -28.10 -34.43
C THR B 377 12.70 -28.13 -35.48
N LEU B 378 12.37 -29.31 -35.94
CA LEU B 378 11.28 -29.43 -36.88
C LEU B 378 9.93 -29.09 -36.24
N ALA B 379 9.73 -29.50 -34.97
CA ALA B 379 8.44 -29.19 -34.28
C ALA B 379 8.26 -27.68 -34.18
N ARG B 380 9.36 -27.08 -33.74
CA ARG B 380 9.48 -25.65 -33.65
C ARG B 380 9.19 -24.94 -34.98
N ALA B 381 9.78 -25.43 -36.08
CA ALA B 381 9.47 -24.85 -37.40
C ALA B 381 7.97 -24.93 -37.71
N VAL B 382 7.34 -26.09 -37.48
CA VAL B 382 5.90 -26.22 -37.77
C VAL B 382 5.04 -25.25 -36.95
N ARG B 383 5.38 -25.13 -35.66
CA ARG B 383 4.56 -24.38 -34.74
C ARG B 383 4.56 -22.91 -35.11
N ASP B 384 5.74 -22.35 -35.31
CA ASP B 384 5.81 -20.94 -35.74
C ASP B 384 5.14 -20.77 -37.10
N GLY B 385 5.35 -21.72 -38.01
CA GLY B 385 4.82 -21.58 -39.34
C GLY B 385 3.32 -21.50 -39.32
N VAL B 386 2.70 -22.40 -38.56
CA VAL B 386 1.24 -22.37 -38.44
C VAL B 386 0.82 -21.02 -37.85
N HIS B 387 1.58 -20.51 -36.89
CA HIS B 387 1.24 -19.25 -36.26
C HIS B 387 1.36 -18.06 -37.27
N ASP B 388 2.47 -18.02 -38.03
CA ASP B 388 2.71 -16.97 -39.02
C ASP B 388 1.70 -16.91 -40.15
N VAL B 389 1.16 -18.07 -40.52
CA VAL B 389 0.27 -18.20 -41.68
C VAL B 389 -1.20 -18.08 -41.25
N PHE B 390 -1.56 -18.60 -40.07
CA PHE B 390 -2.96 -18.51 -39.58
C PHE B 390 -3.21 -17.77 -38.25
N GLY B 391 -2.18 -17.26 -37.57
CA GLY B 391 -2.37 -16.64 -36.22
C GLY B 391 -2.86 -17.56 -35.08
N ILE B 392 -2.79 -18.89 -35.31
CA ILE B 392 -3.17 -19.95 -34.39
C ILE B 392 -1.87 -20.43 -33.75
N THR B 393 -1.95 -21.03 -32.57
CA THR B 393 -0.77 -21.57 -31.87
C THR B 393 -1.03 -23.01 -31.44
N LEU B 394 -0.30 -23.94 -32.05
CA LEU B 394 -0.40 -25.36 -31.72
C LEU B 394 0.34 -25.69 -30.42
N LYS B 395 -0.27 -26.45 -29.52
CA LYS B 395 0.46 -26.88 -28.30
C LYS B 395 1.03 -28.29 -28.54
N PRO B 396 2.32 -28.53 -28.26
CA PRO B 396 2.85 -29.84 -28.54
C PRO B 396 2.33 -30.89 -27.53
N GLU B 397 2.09 -32.11 -27.98
CA GLU B 397 1.50 -33.13 -27.17
C GLU B 397 2.56 -33.92 -26.38
N PRO B 398 3.67 -34.29 -27.01
CA PRO B 398 4.52 -35.19 -26.21
C PRO B 398 5.36 -34.47 -25.15
N VAL B 399 5.96 -35.29 -24.30
CA VAL B 399 6.77 -34.82 -23.19
C VAL B 399 8.24 -34.79 -23.66
N LEU B 400 8.90 -33.65 -23.45
CA LEU B 400 10.26 -33.37 -23.90
C LEU B 400 11.15 -33.43 -22.67
N ILE B 401 12.14 -34.32 -22.70
CA ILE B 401 13.03 -34.47 -21.58
C ILE B 401 14.37 -33.93 -22.08
N GLY B 402 14.90 -32.87 -21.46
CA GLY B 402 16.23 -32.34 -21.84
C GLY B 402 16.30 -31.56 -23.13
N CYS B 403 15.13 -31.19 -23.65
CA CYS B 403 14.98 -30.33 -24.85
C CYS B 403 13.66 -29.57 -24.62
N MET B 404 13.36 -28.59 -25.50
CA MET B 404 12.29 -27.59 -25.28
C MET B 404 11.58 -27.15 -26.58
N PHE C 46 -66.81 40.56 -21.23
CA PHE C 46 -65.31 40.53 -21.31
C PHE C 46 -64.67 41.32 -20.17
N ALA C 47 -65.32 41.17 -19.01
CA ALA C 47 -65.01 41.88 -17.75
C ALA C 47 -64.70 43.36 -17.92
N GLY C 48 -65.53 44.03 -18.72
CA GLY C 48 -65.43 45.50 -18.90
C GLY C 48 -64.60 45.98 -20.09
N ALA C 49 -64.24 45.07 -20.99
CA ALA C 49 -63.48 45.42 -22.20
C ALA C 49 -64.27 46.37 -23.13
N HIS C 50 -63.58 47.39 -23.59
CA HIS C 50 -64.11 48.32 -24.58
C HIS C 50 -64.20 47.64 -25.99
N ILE C 51 -65.40 47.67 -26.57
CA ILE C 51 -65.67 47.11 -27.88
C ILE C 51 -66.10 48.18 -28.90
N ALA C 52 -65.24 48.45 -29.88
CA ALA C 52 -65.53 49.37 -31.04
C ALA C 52 -65.80 48.60 -32.31
N GLU C 53 -66.58 49.18 -33.21
CA GLU C 53 -67.00 48.49 -34.40
C GLU C 53 -66.37 49.28 -35.53
N ALA C 54 -66.04 48.59 -36.63
CA ALA C 54 -65.52 49.20 -37.86
C ALA C 54 -64.36 50.12 -37.59
N VAL C 55 -63.30 49.56 -36.99
CA VAL C 55 -62.16 50.40 -36.57
C VAL C 55 -61.08 50.27 -37.64
N PRO C 56 -60.71 51.39 -38.28
CA PRO C 56 -59.54 51.34 -39.20
C PRO C 56 -58.23 50.95 -38.45
N LEU C 57 -57.55 49.87 -38.87
CA LEU C 57 -56.27 49.46 -38.22
C LEU C 57 -55.05 50.21 -38.69
N ALA C 58 -55.09 50.76 -39.88
CA ALA C 58 -53.93 51.43 -40.46
C ALA C 58 -53.32 52.44 -39.56
N PRO C 59 -54.16 53.36 -39.00
CA PRO C 59 -53.45 54.33 -38.16
C PRO C 59 -52.91 53.74 -36.86
N LEU C 60 -53.26 52.48 -36.51
CA LEU C 60 -52.73 51.83 -35.31
C LEU C 60 -51.40 51.10 -35.60
N THR C 61 -51.04 50.99 -36.88
CA THR C 61 -49.84 50.27 -37.31
C THR C 61 -48.74 51.25 -37.69
N THR C 62 -47.49 50.84 -37.49
CA THR C 62 -46.34 51.72 -37.84
C THR C 62 -46.15 51.75 -39.37
N LEU C 63 -46.60 50.71 -40.05
CA LEU C 63 -46.55 50.63 -41.48
C LEU C 63 -47.70 51.44 -42.22
N ARG C 64 -48.80 51.77 -41.50
CA ARG C 64 -49.98 52.50 -41.98
C ARG C 64 -50.62 51.70 -43.03
N VAL C 65 -50.85 50.44 -42.71
CA VAL C 65 -51.49 49.50 -43.59
C VAL C 65 -52.35 48.69 -42.69
N GLY C 66 -53.52 48.38 -43.20
CA GLY C 66 -54.44 47.48 -42.54
C GLY C 66 -55.89 47.69 -42.90
N PRO C 67 -56.75 46.71 -42.59
CA PRO C 67 -58.17 46.74 -42.88
C PRO C 67 -59.00 47.53 -41.86
N ILE C 68 -60.26 47.77 -42.21
CA ILE C 68 -61.24 48.30 -41.27
C ILE C 68 -61.71 47.07 -40.55
N ALA C 69 -61.40 46.96 -39.28
CA ALA C 69 -61.76 45.69 -38.59
C ALA C 69 -63.26 45.64 -38.21
N ARG C 70 -63.93 44.50 -38.33
CA ARG C 70 -65.28 44.35 -37.75
C ARG C 70 -65.36 44.83 -36.30
N ARG C 71 -64.69 44.59 -35.41
CA ARG C 71 -64.64 44.89 -33.97
C ARG C 71 -63.24 44.82 -33.39
N VAL C 72 -62.86 45.70 -32.56
CA VAL C 72 -61.70 45.84 -31.78
C VAL C 72 -62.13 45.86 -30.31
N ILE C 73 -61.60 44.87 -29.60
CA ILE C 73 -61.81 44.61 -28.19
C ILE C 73 -60.56 45.02 -27.47
N THR C 74 -60.60 46.20 -26.87
CA THR C 74 -59.44 46.80 -26.22
C THR C 74 -59.43 46.41 -24.75
N CYS C 75 -58.39 45.69 -24.32
CA CYS C 75 -58.32 45.18 -22.94
C CYS C 75 -57.30 45.99 -22.12
N THR C 76 -57.74 46.62 -21.04
CA THR C 76 -56.89 47.44 -20.15
C THR C 76 -56.48 46.74 -18.83
N SER C 77 -56.91 45.51 -18.68
CA SER C 77 -56.41 44.61 -17.64
C SER C 77 -56.17 43.16 -18.18
N ALA C 78 -55.32 42.42 -17.46
CA ALA C 78 -55.12 40.97 -17.74
C ALA C 78 -56.43 40.20 -17.69
N GLU C 79 -57.31 40.57 -16.78
CA GLU C 79 -58.61 39.93 -16.65
C GLU C 79 -59.41 40.07 -17.91
N GLN C 80 -59.44 41.27 -18.49
CA GLN C 80 -60.12 41.44 -19.77
C GLN C 80 -59.53 40.68 -20.92
N VAL C 81 -58.19 40.72 -21.00
CA VAL C 81 -57.50 39.98 -22.06
C VAL C 81 -57.93 38.47 -21.99
N VAL C 82 -57.79 37.89 -20.80
CA VAL C 82 -58.11 36.47 -20.56
C VAL C 82 -59.63 36.20 -20.82
N ALA C 83 -60.51 37.02 -20.26
CA ALA C 83 -61.98 36.83 -20.53
C ALA C 83 -62.33 36.84 -22.03
N ALA C 84 -61.73 37.81 -22.77
CA ALA C 84 -62.00 37.97 -24.19
C ALA C 84 -61.52 36.80 -25.00
N LEU C 85 -60.25 36.41 -24.80
CA LEU C 85 -59.68 35.32 -25.56
C LEU C 85 -60.32 33.96 -25.24
N ARG C 86 -60.61 33.70 -23.98
CA ARG C 86 -61.42 32.51 -23.63
C ARG C 86 -62.74 32.41 -24.36
N HIS C 87 -63.55 33.47 -24.31
CA HIS C 87 -64.80 33.44 -25.06
C HIS C 87 -64.52 33.31 -26.57
N LEU C 88 -63.69 34.16 -27.12
CA LEU C 88 -63.54 34.14 -28.57
C LEU C 88 -62.96 32.83 -29.10
N ASP C 89 -61.91 32.33 -28.43
CA ASP C 89 -61.27 31.10 -28.85
C ASP C 89 -62.25 29.90 -28.74
N SER C 90 -63.16 29.81 -27.76
CA SER C 90 -64.08 28.69 -27.77
C SER C 90 -65.21 28.84 -28.82
N ALA C 91 -65.61 30.10 -29.07
CA ALA C 91 -66.61 30.41 -30.09
C ALA C 91 -66.20 30.21 -31.57
N ALA C 92 -64.91 30.17 -31.88
CA ALA C 92 -64.47 30.31 -33.30
C ALA C 92 -64.76 29.04 -34.11
N LYS C 93 -65.22 29.19 -35.35
CA LYS C 93 -65.75 28.05 -36.10
C LYS C 93 -65.04 27.49 -37.40
N THR C 94 -63.82 27.84 -37.87
CA THR C 94 -62.65 28.38 -37.14
C THR C 94 -61.95 29.51 -37.96
N GLY C 95 -61.23 29.17 -39.03
CA GLY C 95 -60.07 29.96 -39.54
C GLY C 95 -60.09 31.47 -39.38
N ALA C 96 -60.97 32.13 -40.11
CA ALA C 96 -61.05 33.62 -40.14
C ALA C 96 -61.78 34.23 -38.91
N ASP C 97 -62.46 33.38 -38.11
CA ASP C 97 -63.07 33.79 -36.84
C ASP C 97 -62.08 33.85 -35.67
N ARG C 98 -60.85 33.42 -35.86
CA ARG C 98 -59.88 33.58 -34.82
C ARG C 98 -59.55 35.07 -34.73
N PRO C 99 -59.48 35.59 -33.49
CA PRO C 99 -59.09 36.99 -33.35
C PRO C 99 -57.61 37.23 -33.54
N LEU C 100 -57.27 38.38 -34.10
CA LEU C 100 -55.91 38.79 -34.21
C LEU C 100 -55.59 39.50 -32.87
N VAL C 101 -54.53 39.04 -32.22
CA VAL C 101 -53.95 39.69 -31.10
C VAL C 101 -52.99 40.78 -31.56
N PHE C 102 -53.13 41.97 -30.98
CA PHE C 102 -52.54 43.18 -31.47
C PHE C 102 -51.79 44.05 -30.43
N ALA C 103 -52.25 44.60 -29.45
CA ALA C 103 -50.92 45.59 -29.00
C ALA C 103 -50.29 46.85 -29.76
N GLY C 104 -48.96 46.99 -29.94
CA GLY C 104 -48.35 48.17 -30.56
C GLY C 104 -48.41 48.33 -32.10
N GLY C 105 -48.80 47.33 -32.86
CA GLY C 105 -48.83 47.46 -34.29
C GLY C 105 -47.51 47.75 -35.04
N SER C 106 -46.34 47.43 -34.45
CA SER C 106 -45.02 47.72 -35.04
C SER C 106 -44.34 46.54 -35.73
N ASN C 107 -45.01 45.41 -35.75
CA ASN C 107 -44.45 44.25 -36.34
C ASN C 107 -45.48 43.42 -37.12
N LEU C 108 -46.47 44.08 -37.69
CA LEU C 108 -47.60 43.40 -38.31
C LEU C 108 -47.79 43.90 -39.76
N VAL C 109 -48.13 43.04 -40.68
CA VAL C 109 -48.54 43.44 -42.04
C VAL C 109 -49.90 42.86 -42.21
N ILE C 110 -50.94 43.72 -42.24
CA ILE C 110 -52.34 43.23 -42.28
C ILE C 110 -53.01 43.58 -43.61
N ALA C 111 -53.60 42.59 -44.25
CA ALA C 111 -54.17 42.71 -45.57
C ALA C 111 -55.45 43.52 -45.38
N GLU C 112 -55.61 44.57 -46.18
CA GLU C 112 -56.75 45.47 -46.08
C GLU C 112 -58.09 44.84 -46.38
N ASN C 113 -58.12 43.71 -47.06
CA ASN C 113 -59.37 43.05 -47.40
C ASN C 113 -59.92 42.11 -46.32
N LEU C 114 -59.35 42.13 -45.12
CA LEU C 114 -59.84 41.35 -43.99
C LEU C 114 -60.92 42.18 -43.25
N THR C 115 -62.11 42.19 -43.86
CA THR C 115 -63.25 43.00 -43.39
C THR C 115 -64.02 42.41 -42.24
N ASP C 116 -63.95 41.09 -42.07
CA ASP C 116 -64.56 40.38 -40.94
C ASP C 116 -63.62 40.16 -39.70
N LEU C 117 -62.58 40.95 -39.52
CA LEU C 117 -61.57 40.62 -38.54
C LEU C 117 -61.96 41.09 -37.14
N THR C 118 -61.92 40.19 -36.18
CA THR C 118 -62.04 40.58 -34.78
C THR C 118 -60.62 40.75 -34.24
N VAL C 119 -60.35 41.84 -33.54
CA VAL C 119 -59.07 42.18 -32.98
C VAL C 119 -59.18 42.33 -31.45
N VAL C 120 -58.22 41.76 -30.73
CA VAL C 120 -58.07 41.95 -29.30
C VAL C 120 -56.80 42.75 -29.14
N ARG C 121 -56.93 43.91 -28.58
CA ARG C 121 -55.88 44.83 -28.46
C ARG C 121 -55.50 44.90 -27.00
N LEU C 122 -54.23 44.68 -26.72
CA LEU C 122 -53.74 44.56 -25.38
C LEU C 122 -53.28 45.95 -24.98
N ALA C 123 -53.95 46.54 -24.01
CA ALA C 123 -53.59 47.84 -23.52
C ALA C 123 -53.50 47.82 -22.00
N ASN C 124 -53.23 46.66 -21.40
CA ASN C 124 -52.88 46.61 -19.96
C ASN C 124 -51.46 47.11 -19.78
N SER C 125 -51.28 48.27 -19.16
CA SER C 125 -50.04 49.06 -19.28
C SER C 125 -49.25 49.35 -17.99
N GLY C 126 -49.60 48.75 -16.88
CA GLY C 126 -48.77 48.93 -15.65
C GLY C 126 -47.28 48.51 -15.72
N ILE C 127 -46.45 49.25 -14.99
CA ILE C 127 -45.02 49.01 -14.85
C ILE C 127 -44.69 49.16 -13.35
N THR C 128 -44.13 48.10 -12.75
CA THR C 128 -43.86 47.99 -11.32
C THR C 128 -42.38 47.74 -11.15
N ILE C 129 -41.72 48.47 -10.27
CA ILE C 129 -40.29 48.27 -9.94
C ILE C 129 -40.35 47.68 -8.54
N ASP C 130 -39.47 46.74 -8.23
CA ASP C 130 -39.50 45.95 -6.97
C ASP C 130 -38.07 45.51 -6.75
N GLY C 131 -37.34 46.33 -5.98
CA GLY C 131 -35.87 46.27 -5.94
C GLY C 131 -35.25 46.32 -7.34
N ASN C 132 -34.49 45.32 -7.74
CA ASN C 132 -33.88 45.30 -9.05
C ASN C 132 -34.79 44.63 -10.11
N LEU C 133 -36.03 44.24 -9.72
CA LEU C 133 -36.98 43.60 -10.62
C LEU C 133 -37.90 44.62 -11.25
N VAL C 134 -38.15 44.47 -12.54
CA VAL C 134 -39.13 45.32 -13.23
C VAL C 134 -40.15 44.40 -13.87
N ARG C 135 -41.41 44.61 -13.52
CA ARG C 135 -42.51 43.88 -14.06
C ARG C 135 -43.38 44.86 -14.88
N ALA C 136 -43.56 44.50 -16.17
CA ALA C 136 -44.27 45.29 -17.16
C ALA C 136 -45.40 44.48 -17.74
N GLU C 137 -46.62 45.00 -17.63
CA GLU C 137 -47.74 44.41 -18.32
C GLU C 137 -47.65 44.50 -19.86
N ALA C 138 -48.27 43.55 -20.51
CA ALA C 138 -48.17 43.33 -21.88
C ALA C 138 -48.29 44.61 -22.69
N GLY C 139 -49.30 45.39 -22.36
CA GLY C 139 -49.59 46.63 -23.09
C GLY C 139 -48.70 47.81 -22.75
N ALA C 140 -47.75 47.71 -21.86
CA ALA C 140 -46.89 48.81 -21.62
C ALA C 140 -46.06 49.07 -22.84
N VAL C 141 -45.67 50.34 -23.02
CA VAL C 141 -44.86 50.74 -24.16
C VAL C 141 -43.45 50.29 -23.76
N PHE C 142 -42.78 49.52 -24.61
CA PHE C 142 -41.51 48.95 -24.20
C PHE C 142 -40.46 50.00 -23.86
N ASP C 143 -40.35 51.02 -24.70
CA ASP C 143 -39.39 52.09 -24.42
C ASP C 143 -39.64 52.85 -23.12
N ASP C 144 -40.90 52.93 -22.67
CA ASP C 144 -41.17 53.49 -21.37
C ASP C 144 -40.59 52.59 -20.23
N VAL C 145 -40.65 51.28 -20.42
CA VAL C 145 -39.97 50.33 -19.47
C VAL C 145 -38.48 50.64 -19.41
N VAL C 146 -37.83 50.79 -20.56
CA VAL C 146 -36.42 51.19 -20.59
C VAL C 146 -36.16 52.50 -19.78
N VAL C 147 -36.96 53.53 -20.06
CA VAL C 147 -36.81 54.87 -19.43
C VAL C 147 -37.05 54.75 -17.92
N ARG C 148 -38.13 54.07 -17.54
CA ARG C 148 -38.41 53.81 -16.13
C ARG C 148 -37.32 53.09 -15.40
N ALA C 149 -36.76 52.04 -16.03
CA ALA C 149 -35.58 51.37 -15.40
C ALA C 149 -34.33 52.29 -15.21
N ILE C 150 -33.93 52.99 -16.27
CA ILE C 150 -32.84 54.00 -16.20
C ILE C 150 -33.09 55.03 -15.08
N GLU C 151 -34.31 55.50 -14.95
CA GLU C 151 -34.72 56.47 -13.97
C GLU C 151 -34.52 55.95 -12.55
N GLN C 152 -34.75 54.65 -12.34
CA GLN C 152 -34.45 54.01 -11.05
C GLN C 152 -33.00 53.60 -10.88
N GLY C 153 -32.09 53.81 -11.83
CA GLY C 153 -30.70 53.33 -11.62
C GLY C 153 -30.52 51.83 -11.89
N LEU C 154 -31.46 51.21 -12.61
CA LEU C 154 -31.30 49.81 -13.04
C LEU C 154 -30.76 49.68 -14.48
N GLY C 155 -29.61 49.03 -14.63
CA GLY C 155 -28.95 48.82 -15.93
C GLY C 155 -29.36 47.51 -16.54
N GLY C 156 -29.30 47.45 -17.87
CA GLY C 156 -29.57 46.25 -18.64
C GLY C 156 -30.49 46.43 -19.83
N LEU C 157 -31.37 47.42 -19.80
CA LEU C 157 -32.32 47.64 -20.92
C LEU C 157 -31.91 48.72 -21.95
N GLU C 158 -30.93 49.54 -21.59
CA GLU C 158 -30.49 50.73 -22.33
C GLU C 158 -30.11 50.49 -23.81
N CYS C 159 -29.50 49.36 -24.12
CA CYS C 159 -29.24 49.04 -25.53
C CYS C 159 -30.46 48.76 -26.37
N LEU C 160 -31.58 48.54 -25.72
CA LEU C 160 -32.90 48.34 -26.38
C LEU C 160 -33.70 49.62 -26.50
N SER C 161 -33.10 50.74 -26.11
CA SER C 161 -33.73 52.06 -26.28
C SER C 161 -34.20 52.28 -27.74
N GLY C 162 -35.41 52.80 -27.89
CA GLY C 162 -35.98 53.20 -29.14
C GLY C 162 -36.64 52.17 -29.96
N ILE C 163 -36.73 50.92 -29.47
CA ILE C 163 -37.47 49.89 -30.21
C ILE C 163 -38.94 50.19 -29.99
N PRO C 164 -39.76 50.19 -31.07
CA PRO C 164 -41.13 50.52 -30.75
C PRO C 164 -41.91 49.33 -30.14
N GLY C 165 -43.16 49.61 -29.81
CA GLY C 165 -44.19 48.59 -29.58
C GLY C 165 -44.23 48.21 -28.12
N SER C 166 -44.94 47.14 -27.81
CA SER C 166 -45.24 46.76 -26.43
C SER C 166 -44.19 45.87 -25.73
N ALA C 167 -44.23 45.88 -24.41
CA ALA C 167 -43.44 44.99 -23.58
C ALA C 167 -43.81 43.52 -23.83
N GLY C 168 -45.10 43.24 -23.98
CA GLY C 168 -45.62 41.90 -24.15
C GLY C 168 -45.14 41.13 -25.36
N ALA C 169 -44.85 41.87 -26.41
CA ALA C 169 -44.45 41.36 -27.67
C ALA C 169 -42.96 41.01 -27.58
N THR C 170 -42.20 41.58 -26.64
CA THR C 170 -40.76 41.39 -26.65
C THR C 170 -40.23 39.95 -26.54
N PRO C 171 -40.83 39.10 -25.70
CA PRO C 171 -40.33 37.71 -25.66
C PRO C 171 -40.70 36.93 -26.87
N VAL C 172 -41.74 37.34 -27.60
CA VAL C 172 -42.29 36.48 -28.65
C VAL C 172 -41.19 36.22 -29.69
N GLN C 173 -40.50 37.28 -30.13
CA GLN C 173 -39.31 37.15 -31.02
C GLN C 173 -37.98 37.60 -30.34
N ASN C 174 -37.84 37.48 -29.03
CA ASN C 174 -36.68 37.79 -28.32
C ASN C 174 -36.07 39.09 -28.84
N VAL C 175 -36.85 40.12 -28.69
CA VAL C 175 -36.52 41.41 -29.23
C VAL C 175 -35.14 41.84 -28.83
N GLY C 176 -34.41 42.35 -29.80
CA GLY C 176 -33.12 42.95 -29.52
C GLY C 176 -32.45 43.82 -30.56
N ALA C 177 -31.36 44.47 -30.14
CA ALA C 177 -30.58 45.33 -31.00
C ALA C 177 -29.33 45.70 -30.23
N TYR C 178 -28.34 46.28 -30.92
CA TYR C 178 -27.14 46.84 -30.29
C TYR C 178 -26.47 45.94 -29.23
N GLY C 179 -26.41 44.68 -29.57
CA GLY C 179 -25.78 43.64 -28.79
C GLY C 179 -26.58 43.09 -27.61
N ALA C 180 -27.85 43.44 -27.45
CA ALA C 180 -28.65 42.97 -26.31
C ALA C 180 -29.89 42.31 -26.85
N GLU C 181 -30.46 41.43 -26.06
CA GLU C 181 -31.75 40.81 -26.30
C GLU C 181 -32.49 40.75 -24.95
N VAL C 182 -33.82 40.68 -25.00
CA VAL C 182 -34.57 40.67 -23.76
C VAL C 182 -34.35 39.33 -23.03
N SER C 183 -33.89 38.28 -23.74
CA SER C 183 -33.46 37.05 -23.10
C SER C 183 -32.32 37.28 -22.15
N ASP C 184 -31.57 38.40 -22.24
CA ASP C 184 -30.47 38.59 -21.31
C ASP C 184 -31.01 39.01 -19.97
N THR C 185 -32.24 39.49 -19.86
CA THR C 185 -32.79 39.93 -18.59
C THR C 185 -34.09 39.38 -18.10
N ILE C 186 -34.86 38.75 -19.00
CA ILE C 186 -36.16 38.21 -18.61
C ILE C 186 -35.96 37.01 -17.67
N THR C 187 -36.72 36.97 -16.59
CA THR C 187 -36.71 35.85 -15.63
C THR C 187 -37.92 35.01 -15.88
N ARG C 188 -39.05 35.67 -16.07
CA ARG C 188 -40.24 34.95 -16.42
C ARG C 188 -41.32 35.85 -17.04
N VAL C 189 -42.27 35.17 -17.65
CA VAL C 189 -43.31 35.72 -18.45
C VAL C 189 -44.65 35.09 -18.01
N ARG C 190 -45.67 35.92 -17.84
CA ARG C 190 -47.02 35.41 -17.41
C ARG C 190 -47.83 35.23 -18.64
N LEU C 191 -48.34 34.04 -18.87
CA LEU C 191 -48.85 33.62 -20.18
C LEU C 191 -50.25 33.07 -20.00
N LEU C 192 -51.07 33.30 -21.01
CA LEU C 192 -52.32 32.59 -21.20
C LEU C 192 -52.09 31.55 -22.26
N ASP C 193 -52.38 30.32 -21.90
CA ASP C 193 -52.34 29.23 -22.87
C ASP C 193 -53.69 29.21 -23.59
N ARG C 194 -53.75 29.60 -24.85
CA ARG C 194 -55.07 29.77 -25.50
C ARG C 194 -55.80 28.45 -25.82
N CYS C 195 -55.07 27.32 -25.77
CA CYS C 195 -55.63 25.99 -26.06
C CYS C 195 -56.33 25.45 -24.83
N THR C 196 -55.78 25.70 -23.64
CA THR C 196 -56.41 25.23 -22.40
C THR C 196 -57.17 26.30 -21.61
N GLY C 197 -57.04 27.58 -21.98
CA GLY C 197 -57.50 28.69 -21.16
C GLY C 197 -56.76 28.96 -19.87
N GLU C 198 -55.69 28.21 -19.59
CA GLU C 198 -54.94 28.34 -18.32
C GLU C 198 -53.85 29.41 -18.33
N VAL C 199 -53.74 30.10 -17.21
CA VAL C 199 -52.82 31.16 -17.01
C VAL C 199 -51.67 30.74 -16.06
N ARG C 200 -50.42 31.04 -16.43
CA ARG C 200 -49.26 30.67 -15.59
C ARG C 200 -48.02 31.49 -15.89
N TRP C 201 -47.18 31.66 -14.89
CA TRP C 201 -45.82 32.17 -15.11
C TRP C 201 -44.93 31.03 -15.72
N VAL C 202 -44.18 31.38 -16.75
CA VAL C 202 -43.24 30.52 -17.46
C VAL C 202 -41.86 31.15 -17.39
N SER C 203 -40.87 30.30 -17.10
CA SER C 203 -39.50 30.72 -16.95
C SER C 203 -38.91 31.06 -18.29
N ALA C 204 -37.86 31.88 -18.20
CA ALA C 204 -37.01 32.18 -19.34
C ALA C 204 -36.59 30.95 -20.09
N ARG C 205 -36.06 30.02 -19.35
CA ARG C 205 -35.62 28.78 -19.91
C ARG C 205 -36.73 28.06 -20.69
N ASP C 206 -37.95 27.93 -20.16
CA ASP C 206 -39.02 27.18 -20.94
C ASP C 206 -39.46 27.92 -22.19
N LEU C 207 -39.07 29.19 -22.32
CA LEU C 207 -39.43 29.95 -23.52
C LEU C 207 -38.46 29.63 -24.62
N ARG C 208 -37.32 29.02 -24.32
CA ARG C 208 -36.34 28.61 -25.35
C ARG C 208 -35.95 29.77 -26.22
N PHE C 209 -35.47 30.80 -25.61
CA PHE C 209 -35.08 31.93 -26.39
C PHE C 209 -33.95 31.62 -27.34
N GLY C 210 -33.98 32.20 -28.53
CA GLY C 210 -32.79 32.22 -29.42
C GLY C 210 -32.90 33.47 -30.31
N TYR C 211 -32.13 33.49 -31.39
CA TYR C 211 -32.02 34.67 -32.19
C TYR C 211 -33.37 34.87 -32.91
N ARG C 212 -34.03 35.96 -32.60
CA ARG C 212 -35.38 36.23 -33.07
C ARG C 212 -36.38 35.13 -32.87
N THR C 213 -36.31 34.39 -31.77
CA THR C 213 -37.32 33.33 -31.66
C THR C 213 -37.53 32.97 -30.23
N SER C 214 -38.65 32.31 -29.99
CA SER C 214 -38.95 31.67 -28.74
C SER C 214 -39.99 30.61 -29.06
N VAL C 215 -40.40 29.78 -28.12
CA VAL C 215 -41.50 28.83 -28.39
C VAL C 215 -42.84 29.50 -28.62
N LEU C 216 -42.97 30.77 -28.34
CA LEU C 216 -44.20 31.49 -28.57
C LEU C 216 -44.44 31.80 -30.05
N LYS C 217 -43.38 31.84 -30.85
CA LYS C 217 -43.44 32.29 -32.27
C LYS C 217 -44.00 31.19 -33.19
N ALA C 223 -46.56 24.43 -32.05
CA ALA C 223 -47.64 25.32 -32.46
C ALA C 223 -48.81 25.46 -31.42
N VAL C 224 -48.47 26.05 -30.28
CA VAL C 224 -49.40 26.53 -29.21
C VAL C 224 -49.55 28.09 -29.21
N PRO C 225 -50.74 28.66 -29.55
CA PRO C 225 -50.92 30.09 -29.32
C PRO C 225 -51.06 30.37 -27.82
N THR C 226 -50.36 31.40 -27.41
CA THR C 226 -50.35 31.86 -26.07
C THR C 226 -50.38 33.36 -26.19
N VAL C 227 -50.77 34.02 -25.10
CA VAL C 227 -50.66 35.41 -25.04
C VAL C 227 -49.87 35.75 -23.82
N VAL C 228 -48.87 36.60 -24.03
CA VAL C 228 -48.13 37.13 -22.94
C VAL C 228 -48.96 38.23 -22.28
N LEU C 229 -49.09 38.15 -20.96
CA LEU C 229 -49.82 39.11 -20.15
C LEU C 229 -48.92 40.07 -19.39
N GLU C 230 -47.70 39.63 -19.10
CA GLU C 230 -46.81 40.41 -18.21
C GLU C 230 -45.43 39.84 -18.29
N VAL C 231 -44.42 40.69 -18.21
CA VAL C 231 -43.05 40.29 -18.37
C VAL C 231 -42.28 40.78 -17.12
N GLU C 232 -41.43 39.91 -16.57
CA GLU C 232 -40.53 40.31 -15.47
C GLU C 232 -39.09 40.33 -15.97
N PHE C 233 -38.35 41.39 -15.61
CA PHE C 233 -36.93 41.57 -15.96
C PHE C 233 -36.11 41.69 -14.67
N ALA C 234 -34.96 41.06 -14.56
CA ALA C 234 -34.11 41.27 -13.45
C ALA C 234 -32.94 42.13 -13.94
N LEU C 235 -32.75 43.30 -13.32
CA LEU C 235 -31.81 44.34 -13.85
C LEU C 235 -30.74 44.62 -12.80
N ASP C 236 -29.83 45.52 -13.12
CA ASP C 236 -28.60 45.60 -12.37
C ASP C 236 -28.70 46.85 -11.51
N PRO C 237 -28.81 46.68 -10.18
CA PRO C 237 -29.06 47.83 -9.33
C PRO C 237 -27.77 48.65 -9.03
N SER C 238 -26.63 48.26 -9.57
CA SER C 238 -25.46 49.10 -9.41
C SER C 238 -25.48 50.29 -10.42
N GLY C 239 -26.48 50.33 -11.32
CA GLY C 239 -26.61 51.43 -12.27
C GLY C 239 -25.62 51.47 -13.39
N ARG C 240 -24.95 50.37 -13.62
CA ARG C 240 -24.09 50.20 -14.76
C ARG C 240 -24.83 49.51 -15.93
N SER C 241 -24.46 49.86 -17.14
CA SER C 241 -25.05 49.31 -18.32
C SER C 241 -24.64 47.85 -18.44
N ALA C 242 -25.38 47.10 -19.23
CA ALA C 242 -24.90 45.81 -19.71
C ALA C 242 -23.56 45.99 -20.39
N PRO C 243 -22.82 44.90 -20.59
CA PRO C 243 -21.51 45.18 -21.19
C PRO C 243 -21.67 45.51 -22.67
N LEU C 244 -20.87 46.48 -23.11
CA LEU C 244 -20.91 46.95 -24.47
C LEU C 244 -20.26 45.96 -25.43
N ARG C 245 -21.06 45.24 -26.20
CA ARG C 245 -20.57 44.18 -27.07
C ARG C 245 -20.64 44.59 -28.54
N TYR C 246 -21.35 45.68 -28.90
CA TYR C 246 -21.65 46.00 -30.29
C TYR C 246 -20.73 47.07 -30.88
N GLY C 247 -20.06 46.72 -31.97
CA GLY C 247 -18.88 47.49 -32.49
C GLY C 247 -19.28 48.93 -32.73
N GLU C 248 -20.32 49.10 -33.54
CA GLU C 248 -20.88 50.46 -33.79
C GLU C 248 -21.12 51.31 -32.50
N LEU C 249 -21.64 50.67 -31.43
CA LEU C 249 -22.01 51.39 -30.20
C LEU C 249 -20.77 51.77 -29.34
N ILE C 250 -19.87 50.82 -29.20
CA ILE C 250 -18.55 50.97 -28.54
C ILE C 250 -17.82 52.16 -29.19
N ALA C 251 -17.65 52.06 -30.51
CA ALA C 251 -17.02 53.12 -31.30
C ALA C 251 -17.69 54.45 -31.02
N ALA C 252 -19.02 54.50 -31.04
CA ALA C 252 -19.73 55.76 -30.85
C ALA C 252 -19.61 56.32 -29.43
N LEU C 253 -19.21 55.49 -28.45
CA LEU C 253 -19.02 55.97 -27.07
C LEU C 253 -17.55 56.27 -26.76
N ASN C 254 -16.61 55.82 -27.61
CA ASN C 254 -15.16 55.92 -27.36
C ASN C 254 -14.78 55.03 -26.17
N ALA C 255 -14.92 53.73 -26.35
CA ALA C 255 -14.77 52.77 -25.26
C ALA C 255 -14.22 51.46 -25.78
N THR C 256 -14.29 50.41 -24.97
CA THR C 256 -13.68 49.12 -25.27
C THR C 256 -14.71 48.04 -25.16
N SER C 257 -14.58 46.98 -25.98
CA SER C 257 -15.49 45.88 -25.91
C SER C 257 -15.46 45.27 -24.52
N GLY C 258 -16.61 45.28 -23.86
CA GLY C 258 -16.78 44.72 -22.50
C GLY C 258 -16.89 45.77 -21.40
N GLU C 259 -16.59 47.05 -21.67
CA GLU C 259 -16.84 48.12 -20.70
C GLU C 259 -18.36 48.34 -20.49
N ARG C 260 -18.70 48.90 -19.34
CA ARG C 260 -20.06 49.29 -19.01
C ARG C 260 -20.01 50.77 -18.88
N ALA C 261 -21.16 51.42 -19.04
CA ALA C 261 -21.19 52.87 -19.00
C ALA C 261 -22.44 53.30 -18.35
N ASP C 262 -22.63 54.61 -18.24
CA ASP C 262 -23.85 55.15 -17.69
C ASP C 262 -25.00 54.74 -18.61
N PRO C 263 -26.07 54.10 -18.08
CA PRO C 263 -27.20 53.67 -18.92
C PRO C 263 -27.77 54.80 -19.76
N GLN C 264 -27.89 56.02 -19.21
CA GLN C 264 -28.49 57.14 -19.94
C GLN C 264 -27.62 57.51 -21.17
N ALA C 265 -26.30 57.38 -21.04
CA ALA C 265 -25.38 57.79 -22.10
C ALA C 265 -25.41 56.71 -23.12
N VAL C 266 -25.53 55.45 -22.69
CA VAL C 266 -25.72 54.38 -23.63
C VAL C 266 -27.03 54.60 -24.42
N ARG C 267 -28.10 54.95 -23.71
CA ARG C 267 -29.38 55.21 -24.37
C ARG C 267 -29.24 56.31 -25.47
N GLU C 268 -28.53 57.38 -25.12
CA GLU C 268 -28.45 58.53 -26.04
C GLU C 268 -27.63 58.16 -27.23
N ALA C 269 -26.55 57.45 -27.02
CA ALA C 269 -25.83 56.96 -28.16
C ALA C 269 -26.71 56.09 -29.04
N VAL C 270 -27.51 55.16 -28.45
CA VAL C 270 -28.23 54.15 -29.25
C VAL C 270 -29.35 54.88 -30.04
N LEU C 271 -30.04 55.80 -29.39
CA LEU C 271 -31.06 56.63 -30.03
C LEU C 271 -30.51 57.45 -31.23
N ALA C 272 -29.32 58.04 -31.07
CA ALA C 272 -28.67 58.78 -32.17
C ALA C 272 -28.28 57.86 -33.34
N LEU C 273 -27.73 56.68 -33.04
CA LEU C 273 -27.48 55.65 -34.10
C LEU C 273 -28.72 55.10 -34.78
N ARG C 274 -29.75 54.79 -34.01
CA ARG C 274 -31.02 54.39 -34.58
C ARG C 274 -31.61 55.51 -35.51
N ALA C 275 -31.52 56.76 -35.07
CA ALA C 275 -31.97 57.93 -35.86
C ALA C 275 -31.26 58.00 -37.20
N ARG C 276 -29.97 57.72 -37.22
CA ARG C 276 -29.24 57.73 -38.48
C ARG C 276 -29.73 56.64 -39.44
N LYS C 277 -30.39 55.61 -38.93
CA LYS C 277 -30.83 54.51 -39.76
C LYS C 277 -32.31 54.55 -39.97
N GLY C 278 -32.96 55.57 -39.47
CA GLY C 278 -34.43 55.59 -39.58
C GLY C 278 -35.16 54.49 -38.81
N MET C 279 -34.61 54.19 -37.66
CA MET C 279 -35.15 53.11 -36.81
C MET C 279 -35.64 53.60 -35.47
N VAL C 280 -35.84 54.89 -35.33
CA VAL C 280 -36.74 55.42 -34.34
C VAL C 280 -37.92 56.08 -35.05
N LEU C 281 -39.10 55.79 -34.59
CA LEU C 281 -40.33 56.38 -35.08
C LEU C 281 -40.24 57.93 -35.20
N ASP C 282 -40.58 58.43 -36.36
CA ASP C 282 -40.53 59.87 -36.61
C ASP C 282 -41.59 60.05 -37.69
N PRO C 283 -42.79 60.49 -37.31
CA PRO C 283 -43.89 60.46 -38.26
C PRO C 283 -43.73 61.30 -39.55
N THR C 284 -42.81 62.26 -39.62
CA THR C 284 -42.55 62.96 -40.87
C THR C 284 -41.54 62.30 -41.75
N ASP C 285 -40.86 61.26 -41.25
CA ASP C 285 -39.88 60.52 -42.06
C ASP C 285 -40.48 59.20 -42.45
N HIS C 286 -40.80 59.07 -43.73
CA HIS C 286 -41.25 57.83 -44.32
C HIS C 286 -40.34 56.59 -44.25
N ASP C 287 -39.06 56.78 -44.02
CA ASP C 287 -38.11 55.71 -43.78
C ASP C 287 -38.46 54.93 -42.48
N THR C 288 -39.26 55.56 -41.61
CA THR C 288 -39.74 55.02 -40.39
C THR C 288 -41.16 54.54 -40.42
N TRP C 289 -41.83 54.60 -41.59
CA TRP C 289 -43.14 54.02 -41.77
C TRP C 289 -42.89 52.60 -42.19
N SER C 290 -42.54 51.82 -41.20
CA SER C 290 -42.02 50.44 -41.43
C SER C 290 -42.50 49.48 -40.37
N VAL C 291 -42.08 48.24 -40.55
CA VAL C 291 -41.98 47.29 -39.46
C VAL C 291 -40.52 47.04 -39.09
N GLY C 292 -39.68 48.05 -39.15
CA GLY C 292 -38.22 47.91 -38.91
C GLY C 292 -37.55 47.09 -40.01
N SER C 293 -36.45 46.39 -39.68
CA SER C 293 -35.89 45.36 -40.56
C SER C 293 -36.88 44.33 -40.95
N PHE C 294 -37.08 44.17 -42.24
CA PHE C 294 -38.12 43.30 -42.71
C PHE C 294 -37.68 41.88 -42.73
N PHE C 295 -36.39 41.68 -42.84
CA PHE C 295 -35.89 40.31 -42.85
C PHE C 295 -34.96 40.11 -41.68
N THR C 296 -34.98 38.92 -41.11
CA THR C 296 -33.99 38.64 -40.00
C THR C 296 -32.61 38.25 -40.57
N ASN C 297 -31.59 38.48 -39.79
CA ASN C 297 -30.21 38.12 -40.23
C ASN C 297 -30.12 36.61 -40.30
N PRO C 298 -29.88 36.02 -41.49
CA PRO C 298 -29.93 34.60 -41.66
C PRO C 298 -28.69 33.88 -41.02
N VAL C 299 -28.90 32.68 -40.50
CA VAL C 299 -27.86 31.93 -39.82
C VAL C 299 -27.55 30.86 -40.78
N VAL C 300 -26.33 30.89 -41.33
CA VAL C 300 -26.00 29.91 -42.39
C VAL C 300 -24.89 28.96 -41.90
N THR C 301 -24.76 27.80 -42.55
CA THR C 301 -23.60 26.92 -42.28
C THR C 301 -22.34 27.69 -42.63
N GLN C 302 -21.23 27.31 -42.01
CA GLN C 302 -20.03 28.06 -42.06
C GLN C 302 -19.44 28.04 -43.49
N ASP C 303 -19.80 27.03 -44.28
CA ASP C 303 -19.27 26.99 -45.66
C ASP C 303 -19.99 27.96 -46.57
N VAL C 304 -21.31 28.17 -46.35
CA VAL C 304 -22.07 29.17 -47.08
C VAL C 304 -21.41 30.46 -46.77
N TYR C 305 -21.13 30.75 -45.50
CA TYR C 305 -20.45 31.97 -45.24
C TYR C 305 -19.12 32.09 -46.05
N GLU C 306 -18.39 30.98 -46.10
CA GLU C 306 -17.02 31.01 -46.62
C GLU C 306 -17.05 31.17 -48.11
N ARG C 307 -17.98 30.52 -48.78
CA ARG C 307 -18.17 30.75 -50.18
C ARG C 307 -18.35 32.25 -50.45
N LEU C 308 -19.31 32.87 -49.73
CA LEU C 308 -19.52 34.33 -49.85
C LEU C 308 -18.28 35.09 -49.53
N ALA C 309 -17.55 34.71 -48.49
CA ALA C 309 -16.41 35.57 -48.15
C ALA C 309 -15.30 35.42 -49.24
N GLY C 310 -15.21 34.26 -49.86
CA GLY C 310 -14.22 34.09 -50.95
C GLY C 310 -14.54 34.98 -52.13
N ASP C 311 -15.78 34.88 -52.61
CA ASP C 311 -16.31 35.70 -53.72
C ASP C 311 -16.13 37.18 -53.46
N ALA C 312 -16.49 37.64 -52.27
CA ALA C 312 -16.36 39.05 -52.00
C ALA C 312 -14.94 39.47 -52.02
N ALA C 313 -14.03 38.63 -51.52
CA ALA C 313 -12.59 38.97 -51.56
C ALA C 313 -12.05 39.02 -53.01
N THR C 314 -12.49 38.09 -53.85
CA THR C 314 -12.12 38.07 -55.24
C THR C 314 -12.59 39.39 -55.91
N ARG C 315 -13.91 39.68 -55.80
CA ARG C 315 -14.52 40.95 -56.30
C ARG C 315 -14.00 42.16 -55.55
N LYS C 316 -13.24 41.99 -54.49
CA LYS C 316 -12.76 43.13 -53.68
C LYS C 316 -13.87 43.97 -53.04
N ASP C 317 -15.03 43.38 -52.74
CA ASP C 317 -16.12 44.12 -52.06
C ASP C 317 -16.47 43.61 -50.66
N GLY C 318 -15.44 43.18 -49.90
CA GLY C 318 -15.59 42.61 -48.57
C GLY C 318 -15.10 43.54 -47.48
N PRO C 319 -15.07 43.05 -46.25
CA PRO C 319 -15.51 41.68 -45.87
C PRO C 319 -17.06 41.50 -45.77
N VAL C 320 -17.50 40.26 -45.56
CA VAL C 320 -18.85 39.94 -45.34
C VAL C 320 -19.12 40.12 -43.82
N PRO C 321 -19.88 41.18 -43.43
CA PRO C 321 -20.20 41.36 -42.00
C PRO C 321 -21.00 40.15 -41.45
N HIS C 322 -20.63 39.74 -40.25
CA HIS C 322 -21.14 38.48 -39.68
C HIS C 322 -21.07 38.59 -38.17
N TYR C 323 -21.78 37.70 -37.49
CA TYR C 323 -21.95 37.77 -36.03
C TYR C 323 -21.95 36.39 -35.44
N PRO C 324 -21.67 36.31 -34.14
CA PRO C 324 -21.71 35.03 -33.48
C PRO C 324 -23.08 34.39 -33.57
N ALA C 325 -23.09 33.07 -33.72
CA ALA C 325 -24.29 32.26 -33.58
C ALA C 325 -23.90 30.91 -32.95
N PRO C 326 -24.77 30.32 -32.10
CA PRO C 326 -24.42 28.99 -31.57
C PRO C 326 -24.33 27.94 -32.66
N ASP C 327 -25.14 28.13 -33.71
CA ASP C 327 -25.44 27.10 -34.70
C ASP C 327 -25.06 27.49 -36.17
N GLY C 328 -24.00 28.28 -36.34
CA GLY C 328 -23.35 28.45 -37.64
C GLY C 328 -22.86 29.88 -37.72
N VAL C 329 -23.11 30.58 -38.83
CA VAL C 329 -22.66 32.00 -38.91
C VAL C 329 -23.87 32.89 -39.25
N LYS C 330 -24.03 33.97 -38.50
CA LYS C 330 -25.15 34.90 -38.76
C LYS C 330 -24.66 36.08 -39.62
N LEU C 331 -25.32 36.27 -40.76
CA LEU C 331 -24.91 37.33 -41.76
C LEU C 331 -25.76 38.57 -41.55
N ALA C 332 -25.24 39.74 -41.91
CA ALA C 332 -26.02 40.97 -41.96
C ALA C 332 -26.94 40.91 -43.18
N ALA C 333 -28.23 40.72 -42.93
CA ALA C 333 -29.21 40.69 -44.02
C ALA C 333 -29.16 41.96 -44.92
N GLY C 334 -28.81 43.11 -44.32
CA GLY C 334 -28.67 44.33 -45.04
C GLY C 334 -27.59 44.40 -46.10
N TRP C 335 -26.49 43.69 -45.85
CA TRP C 335 -25.36 43.63 -46.73
C TRP C 335 -25.74 42.72 -47.87
N LEU C 336 -26.40 41.59 -47.58
CA LEU C 336 -26.89 40.75 -48.69
C LEU C 336 -27.85 41.52 -49.64
N VAL C 337 -28.73 42.32 -49.03
CA VAL C 337 -29.78 43.03 -49.77
C VAL C 337 -29.09 44.05 -50.75
N GLU C 338 -28.29 44.97 -50.24
CA GLU C 338 -27.52 45.91 -51.00
C GLU C 338 -26.58 45.28 -52.05
N ARG C 339 -25.84 44.21 -51.67
CA ARG C 339 -24.94 43.50 -52.60
C ARG C 339 -25.69 42.77 -53.68
N ALA C 340 -26.87 42.31 -53.38
CA ALA C 340 -27.67 41.77 -54.43
C ALA C 340 -28.28 42.85 -55.44
N GLY C 341 -28.05 44.15 -55.22
CA GLY C 341 -28.53 45.21 -56.15
C GLY C 341 -29.58 46.18 -55.58
N PHE C 342 -30.04 45.92 -54.35
CA PHE C 342 -31.21 46.62 -53.80
C PHE C 342 -30.66 47.63 -52.86
N GLY C 343 -30.33 48.79 -53.39
CA GLY C 343 -29.75 49.88 -52.57
C GLY C 343 -30.81 50.48 -51.63
N LYS C 344 -30.34 51.26 -50.69
CA LYS C 344 -31.13 52.14 -49.93
C LYS C 344 -32.02 53.03 -50.90
N GLY C 345 -33.32 53.13 -50.67
CA GLY C 345 -34.22 53.87 -51.53
C GLY C 345 -34.71 53.04 -52.71
N TYR C 346 -34.42 51.74 -52.80
CA TYR C 346 -34.87 50.98 -54.00
C TYR C 346 -36.34 50.75 -53.95
N PRO C 347 -37.12 50.92 -55.04
CA PRO C 347 -36.68 51.47 -56.33
C PRO C 347 -36.63 52.99 -56.32
N ASP C 348 -35.65 53.55 -57.02
CA ASP C 348 -35.44 55.03 -57.12
C ASP C 348 -36.31 55.69 -58.24
N ALA C 349 -36.75 54.84 -59.15
CA ALA C 349 -37.40 55.16 -60.37
C ALA C 349 -38.91 55.28 -60.13
N GLY C 350 -39.47 56.36 -60.67
CA GLY C 350 -40.89 56.58 -60.55
C GLY C 350 -41.13 57.10 -59.14
N ALA C 351 -42.24 56.65 -58.62
CA ALA C 351 -42.64 57.07 -57.28
C ALA C 351 -43.42 55.84 -56.68
N ALA C 352 -42.66 54.83 -56.38
CA ALA C 352 -43.16 53.60 -55.83
C ALA C 352 -43.84 53.90 -54.43
N PRO C 353 -45.01 53.36 -54.21
CA PRO C 353 -45.60 53.53 -52.90
C PRO C 353 -44.90 52.68 -51.73
N CYS C 354 -44.30 51.55 -52.10
CA CYS C 354 -43.34 50.83 -51.23
C CYS C 354 -41.87 50.87 -51.71
N ARG C 355 -41.00 51.42 -50.87
CA ARG C 355 -39.60 51.43 -51.11
C ARG C 355 -38.78 50.94 -49.87
N LEU C 356 -37.53 50.53 -50.13
CA LEU C 356 -36.60 50.27 -49.08
C LEU C 356 -36.20 51.60 -48.50
N SER C 357 -36.11 51.71 -47.17
CA SER C 357 -35.65 52.94 -46.56
C SER C 357 -34.39 53.52 -47.21
N THR C 358 -34.35 54.85 -47.28
CA THR C 358 -33.20 55.54 -47.79
C THR C 358 -32.04 55.49 -46.81
N LYS C 359 -32.29 55.07 -45.59
CA LYS C 359 -31.25 55.01 -44.57
C LYS C 359 -30.91 53.63 -44.01
N HIS C 360 -31.65 52.63 -44.46
CA HIS C 360 -31.51 51.28 -43.99
C HIS C 360 -32.25 50.38 -44.96
N ALA C 361 -31.51 49.73 -45.81
CA ALA C 361 -32.05 48.86 -46.86
C ALA C 361 -32.95 47.71 -46.48
N LEU C 362 -32.79 47.22 -45.30
CA LEU C 362 -33.58 46.11 -44.78
C LEU C 362 -35.00 46.47 -44.45
N ALA C 363 -35.24 47.73 -44.13
CA ALA C 363 -36.57 48.20 -43.86
C ALA C 363 -37.40 48.51 -45.08
N LEU C 364 -38.36 47.67 -45.41
CA LEU C 364 -39.46 48.07 -46.28
C LEU C 364 -40.28 49.23 -45.60
N THR C 365 -40.57 50.26 -46.38
CA THR C 365 -41.24 51.47 -45.95
C THR C 365 -42.45 51.81 -46.83
N ASN C 366 -43.52 52.27 -46.18
CA ASN C 366 -44.77 52.72 -46.81
C ASN C 366 -44.56 54.15 -47.18
N ARG C 367 -44.43 54.43 -48.48
CA ARG C 367 -44.07 55.82 -48.93
C ARG C 367 -45.28 56.82 -49.05
N GLY C 368 -46.45 56.38 -48.62
CA GLY C 368 -47.69 57.16 -48.61
C GLY C 368 -48.65 56.36 -49.40
N GLY C 369 -49.64 55.74 -48.80
CA GLY C 369 -50.60 55.01 -49.61
C GLY C 369 -50.23 53.64 -50.04
N ALA C 370 -49.14 53.06 -49.50
CA ALA C 370 -48.87 51.63 -49.80
C ALA C 370 -49.98 50.70 -49.37
N THR C 371 -50.15 49.61 -50.09
CA THR C 371 -51.00 48.53 -49.64
C THR C 371 -50.05 47.40 -49.13
N ALA C 372 -50.70 46.40 -48.59
CA ALA C 372 -50.10 45.22 -48.10
C ALA C 372 -49.56 44.45 -49.27
N GLU C 373 -50.32 44.48 -50.35
CA GLU C 373 -49.86 43.88 -51.60
C GLU C 373 -48.54 44.49 -52.11
N ASP C 374 -48.36 45.80 -52.02
CA ASP C 374 -47.16 46.44 -52.39
C ASP C 374 -46.00 46.00 -51.45
N VAL C 375 -46.27 45.89 -50.12
CA VAL C 375 -45.22 45.53 -49.17
C VAL C 375 -44.66 44.13 -49.47
N VAL C 376 -45.57 43.22 -49.68
CA VAL C 376 -45.33 41.82 -49.95
C VAL C 376 -44.72 41.57 -51.33
N THR C 377 -45.05 42.43 -52.30
CA THR C 377 -44.50 42.40 -53.64
C THR C 377 -43.06 42.89 -53.59
N LEU C 378 -42.77 44.00 -52.92
CA LEU C 378 -41.39 44.37 -52.78
C LEU C 378 -40.56 43.34 -51.95
N ALA C 379 -41.16 42.77 -50.90
CA ALA C 379 -40.51 41.80 -50.07
C ALA C 379 -40.13 40.59 -50.88
N ARG C 380 -41.06 40.11 -51.70
CA ARG C 380 -40.80 38.96 -52.50
C ARG C 380 -39.64 39.18 -53.47
N ALA C 381 -39.51 40.37 -54.01
CA ALA C 381 -38.47 40.62 -54.96
C ALA C 381 -37.11 40.68 -54.25
N VAL C 382 -37.08 41.31 -53.08
CA VAL C 382 -35.81 41.42 -52.36
C VAL C 382 -35.40 39.98 -51.93
N ARG C 383 -36.36 39.16 -51.52
CA ARG C 383 -36.05 37.82 -51.09
C ARG C 383 -35.57 36.97 -52.26
N ASP C 384 -36.31 37.00 -53.37
CA ASP C 384 -35.91 36.28 -54.59
C ASP C 384 -34.57 36.71 -55.17
N GLY C 385 -34.31 37.98 -55.20
CA GLY C 385 -33.04 38.50 -55.66
C GLY C 385 -31.84 38.09 -54.79
N VAL C 386 -32.05 37.98 -53.47
CA VAL C 386 -31.00 37.61 -52.56
C VAL C 386 -30.73 36.12 -52.76
N HIS C 387 -31.78 35.35 -52.89
CA HIS C 387 -31.66 33.96 -53.19
C HIS C 387 -30.98 33.70 -54.51
N ASP C 388 -31.26 34.51 -55.52
CA ASP C 388 -30.74 34.28 -56.86
C ASP C 388 -29.28 34.59 -56.92
N VAL C 389 -28.86 35.65 -56.24
CA VAL C 389 -27.45 36.06 -56.26
C VAL C 389 -26.53 35.26 -55.29
N PHE C 390 -27.06 34.80 -54.15
CA PHE C 390 -26.27 34.27 -53.06
C PHE C 390 -26.65 32.85 -52.62
N GLY C 391 -27.78 32.31 -53.03
CA GLY C 391 -28.28 30.99 -52.51
C GLY C 391 -28.86 30.97 -51.07
N ILE C 392 -29.01 32.16 -50.45
CA ILE C 392 -29.53 32.31 -49.11
C ILE C 392 -31.00 32.78 -49.15
N THR C 393 -31.87 32.05 -48.45
CA THR C 393 -33.32 32.36 -48.34
C THR C 393 -33.53 33.25 -47.08
N LEU C 394 -33.76 34.56 -47.26
CA LEU C 394 -34.06 35.41 -46.12
C LEU C 394 -35.43 35.09 -45.56
N LYS C 395 -35.58 35.23 -44.25
CA LYS C 395 -36.85 35.02 -43.52
C LYS C 395 -37.49 36.31 -43.01
N PRO C 396 -38.78 36.48 -43.23
CA PRO C 396 -39.46 37.74 -42.82
C PRO C 396 -39.59 37.86 -41.31
N GLU C 397 -39.23 39.00 -40.77
CA GLU C 397 -39.38 39.27 -39.35
C GLU C 397 -40.82 39.59 -38.92
N PRO C 398 -41.56 40.49 -39.60
CA PRO C 398 -42.95 40.75 -39.14
C PRO C 398 -43.92 39.61 -39.38
N VAL C 399 -45.08 39.72 -38.77
CA VAL C 399 -46.13 38.67 -38.87
C VAL C 399 -47.04 39.22 -39.95
N LEU C 400 -47.48 38.36 -40.83
CA LEU C 400 -48.18 38.66 -42.04
C LEU C 400 -49.52 38.05 -41.85
N ILE C 401 -50.58 38.88 -41.86
CA ILE C 401 -51.98 38.45 -41.67
C ILE C 401 -52.74 38.66 -42.97
N GLY C 402 -53.25 37.57 -43.53
CA GLY C 402 -53.90 37.58 -44.84
C GLY C 402 -53.02 37.96 -46.03
N CYS C 403 -51.72 37.82 -45.89
CA CYS C 403 -50.86 38.10 -46.98
C CYS C 403 -49.65 37.20 -46.84
N MET C 404 -48.84 37.13 -47.90
CA MET C 404 -47.66 36.21 -47.97
C MET C 404 -46.64 36.70 -48.98
N LEU C 405 -45.40 36.27 -48.74
CA LEU C 405 -44.34 36.36 -49.73
C LEU C 405 -44.55 35.35 -50.89
N PHE D 46 -38.40 -64.40 -2.74
CA PHE D 46 -37.74 -63.09 -3.06
C PHE D 46 -36.25 -63.15 -2.68
N ALA D 47 -35.60 -64.26 -3.05
CA ALA D 47 -34.27 -64.65 -2.54
C ALA D 47 -34.08 -64.60 -1.02
N GLY D 48 -35.14 -64.82 -0.25
CA GLY D 48 -35.05 -64.93 1.22
C GLY D 48 -35.30 -63.64 1.98
N ALA D 49 -36.02 -62.70 1.36
CA ALA D 49 -36.38 -61.43 2.00
C ALA D 49 -37.50 -61.66 3.03
N HIS D 50 -37.47 -60.88 4.13
CA HIS D 50 -38.49 -60.92 5.17
C HIS D 50 -39.73 -60.20 4.66
N ILE D 51 -40.88 -60.89 4.72
CA ILE D 51 -42.16 -60.35 4.26
C ILE D 51 -43.12 -60.27 5.42
N ALA D 52 -43.71 -59.09 5.61
CA ALA D 52 -44.73 -58.88 6.64
C ALA D 52 -45.90 -58.19 6.03
N GLU D 53 -47.05 -58.36 6.65
CA GLU D 53 -48.28 -57.81 6.14
C GLU D 53 -48.83 -56.79 7.11
N ALA D 54 -49.66 -55.91 6.58
CA ALA D 54 -50.36 -54.93 7.40
C ALA D 54 -49.38 -54.15 8.33
N VAL D 55 -48.36 -53.50 7.76
CA VAL D 55 -47.29 -52.85 8.58
C VAL D 55 -47.57 -51.35 8.69
N PRO D 56 -47.75 -50.82 9.92
CA PRO D 56 -47.83 -49.32 10.06
C PRO D 56 -46.58 -48.66 9.48
N LEU D 57 -46.64 -47.76 8.49
CA LEU D 57 -45.40 -47.13 7.94
C LEU D 57 -45.01 -45.90 8.75
N ALA D 58 -45.99 -45.23 9.39
CA ALA D 58 -45.70 -44.05 10.23
C ALA D 58 -44.50 -44.23 11.17
N PRO D 59 -44.47 -45.32 11.98
CA PRO D 59 -43.35 -45.46 12.90
C PRO D 59 -41.98 -45.71 12.21
N LEU D 60 -41.97 -45.96 10.91
CA LEU D 60 -40.73 -46.15 10.15
C LEU D 60 -40.20 -44.86 9.53
N THR D 61 -40.94 -43.75 9.65
CA THR D 61 -40.62 -42.47 9.06
C THR D 61 -40.28 -41.49 10.16
N THR D 62 -39.41 -40.55 9.86
CA THR D 62 -39.03 -39.45 10.81
C THR D 62 -40.21 -38.48 10.98
N LEU D 63 -41.10 -38.41 9.98
CA LEU D 63 -42.30 -37.56 10.12
C LEU D 63 -43.45 -38.20 11.02
N ARG D 64 -43.36 -39.50 11.30
CA ARG D 64 -44.43 -40.31 11.88
C ARG D 64 -45.72 -40.09 11.15
N VAL D 65 -45.63 -40.17 9.82
CA VAL D 65 -46.82 -40.12 8.98
C VAL D 65 -46.80 -41.28 7.99
N GLY D 66 -47.95 -41.90 7.79
CA GLY D 66 -48.14 -42.74 6.63
C GLY D 66 -49.14 -43.81 6.92
N PRO D 67 -49.55 -44.56 5.87
CA PRO D 67 -50.61 -45.55 5.98
C PRO D 67 -50.10 -46.84 6.54
N ILE D 68 -51.03 -47.76 6.77
CA ILE D 68 -50.70 -49.15 7.02
C ILE D 68 -50.52 -49.75 5.62
N ALA D 69 -49.35 -50.33 5.42
CA ALA D 69 -48.98 -50.93 4.17
C ALA D 69 -49.52 -52.37 4.07
N ARG D 70 -49.96 -52.77 2.89
CA ARG D 70 -50.37 -54.18 2.66
C ARG D 70 -49.21 -55.14 2.96
N ARG D 71 -48.04 -54.85 2.39
CA ARG D 71 -46.86 -55.72 2.58
C ARG D 71 -45.62 -54.87 2.65
N VAL D 72 -44.68 -55.29 3.48
CA VAL D 72 -43.37 -54.69 3.45
C VAL D 72 -42.39 -55.84 3.21
N ILE D 73 -41.60 -55.74 2.13
CA ILE D 73 -40.53 -56.71 1.87
C ILE D 73 -39.23 -56.06 2.39
N THR D 74 -38.68 -56.61 3.45
CA THR D 74 -37.45 -56.09 4.01
C THR D 74 -36.28 -56.90 3.40
N CYS D 75 -35.41 -56.24 2.64
CA CYS D 75 -34.33 -56.93 1.93
C CYS D 75 -32.99 -56.61 2.57
N THR D 76 -32.26 -57.64 2.99
CA THR D 76 -30.98 -57.42 3.67
C THR D 76 -29.77 -57.71 2.76
N SER D 77 -30.00 -57.97 1.48
CA SER D 77 -28.91 -58.24 0.54
C SER D 77 -29.29 -57.54 -0.74
N ALA D 78 -28.30 -57.27 -1.58
CA ALA D 78 -28.53 -56.72 -2.91
C ALA D 78 -29.38 -57.63 -3.80
N GLU D 79 -29.09 -58.92 -3.69
CA GLU D 79 -29.81 -60.00 -4.40
C GLU D 79 -31.31 -59.93 -4.10
N GLN D 80 -31.61 -59.77 -2.81
CA GLN D 80 -32.99 -59.62 -2.38
C GLN D 80 -33.63 -58.38 -2.97
N VAL D 81 -32.89 -57.27 -2.99
CA VAL D 81 -33.46 -56.05 -3.58
C VAL D 81 -33.84 -56.34 -5.02
N VAL D 82 -32.91 -56.96 -5.73
CA VAL D 82 -33.05 -57.17 -7.15
C VAL D 82 -34.22 -58.13 -7.39
N ALA D 83 -34.27 -59.24 -6.68
CA ALA D 83 -35.33 -60.24 -6.93
C ALA D 83 -36.75 -59.68 -6.62
N ALA D 84 -36.92 -59.16 -5.40
CA ALA D 84 -38.16 -58.52 -4.96
C ALA D 84 -38.69 -57.54 -5.97
N LEU D 85 -37.83 -56.63 -6.42
CA LEU D 85 -38.26 -55.60 -7.38
C LEU D 85 -38.58 -56.16 -8.76
N ARG D 86 -37.84 -57.18 -9.19
CA ARG D 86 -38.05 -57.82 -10.52
C ARG D 86 -39.46 -58.43 -10.55
N HIS D 87 -39.79 -59.20 -9.51
CA HIS D 87 -41.14 -59.76 -9.37
C HIS D 87 -42.24 -58.66 -9.23
N LEU D 88 -42.08 -57.77 -8.26
CA LEU D 88 -43.09 -56.74 -8.06
C LEU D 88 -43.27 -55.87 -9.27
N ASP D 89 -42.17 -55.51 -9.95
CA ASP D 89 -42.31 -54.61 -11.10
C ASP D 89 -43.01 -55.33 -12.30
N SER D 90 -42.70 -56.60 -12.53
CA SER D 90 -43.34 -57.41 -13.59
C SER D 90 -44.84 -57.46 -13.35
N ALA D 91 -45.22 -57.84 -12.14
CA ALA D 91 -46.61 -57.94 -11.74
C ALA D 91 -47.38 -56.62 -11.69
N ALA D 92 -46.70 -55.48 -11.57
CA ALA D 92 -47.41 -54.18 -11.45
C ALA D 92 -47.98 -53.65 -12.76
N LYS D 93 -49.26 -53.27 -12.72
CA LYS D 93 -50.03 -52.83 -13.92
C LYS D 93 -50.54 -51.38 -13.91
N THR D 94 -50.99 -50.89 -12.76
CA THR D 94 -51.37 -49.45 -12.63
C THR D 94 -50.57 -48.76 -11.53
N GLY D 95 -50.80 -47.44 -11.38
CA GLY D 95 -50.19 -46.64 -10.30
C GLY D 95 -50.18 -47.24 -8.91
N ALA D 96 -51.33 -47.76 -8.49
CA ALA D 96 -51.51 -48.36 -7.17
C ALA D 96 -50.62 -49.56 -6.85
N ASP D 97 -50.05 -50.19 -7.89
CA ASP D 97 -49.25 -51.40 -7.71
C ASP D 97 -47.74 -51.15 -7.74
N ARG D 98 -47.32 -49.95 -8.15
CA ARG D 98 -45.87 -49.59 -8.13
C ARG D 98 -45.32 -49.79 -6.71
N PRO D 99 -44.33 -50.66 -6.51
CA PRO D 99 -43.82 -50.70 -5.14
C PRO D 99 -43.18 -49.36 -4.66
N LEU D 100 -43.25 -49.10 -3.36
CA LEU D 100 -42.59 -47.92 -2.80
C LEU D 100 -41.26 -48.38 -2.28
N VAL D 101 -40.19 -47.78 -2.79
CA VAL D 101 -38.85 -48.04 -2.30
C VAL D 101 -38.47 -47.04 -1.19
N PHE D 102 -37.92 -47.60 -0.12
CA PHE D 102 -37.92 -47.01 1.17
C PHE D 102 -36.66 -47.40 1.80
N ALA D 103 -36.01 -46.49 2.50
CA ALA D 103 -34.94 -46.93 3.37
C ALA D 103 -35.04 -46.35 4.75
N GLY D 104 -34.42 -45.21 4.99
CA GLY D 104 -34.44 -44.59 6.32
C GLY D 104 -35.75 -43.94 6.66
N GLY D 105 -36.56 -43.63 5.64
CA GLY D 105 -37.77 -42.91 5.83
C GLY D 105 -37.64 -41.50 6.36
N SER D 106 -36.53 -40.83 6.03
CA SER D 106 -36.27 -39.47 6.56
C SER D 106 -36.49 -38.40 5.52
N ASN D 107 -36.90 -38.80 4.32
CA ASN D 107 -37.18 -37.84 3.28
C ASN D 107 -38.44 -38.09 2.48
N LEU D 108 -39.46 -38.51 3.17
CA LEU D 108 -40.65 -39.06 2.49
C LEU D 108 -41.94 -38.62 3.19
N VAL D 109 -42.95 -38.14 2.45
CA VAL D 109 -44.26 -37.85 3.00
C VAL D 109 -45.22 -38.80 2.27
N ILE D 110 -45.75 -39.77 2.99
CA ILE D 110 -46.55 -40.83 2.40
C ILE D 110 -48.03 -40.59 2.81
N ALA D 111 -48.87 -40.21 1.86
CA ALA D 111 -50.33 -40.06 2.11
C ALA D 111 -51.03 -41.26 2.77
N GLU D 112 -51.84 -41.00 3.82
CA GLU D 112 -52.60 -42.06 4.54
C GLU D 112 -53.69 -42.70 3.65
N ASN D 113 -54.18 -41.95 2.67
CA ASN D 113 -54.85 -42.44 1.47
C ASN D 113 -54.47 -43.75 0.82
N LEU D 114 -53.17 -44.03 0.76
CA LEU D 114 -52.67 -45.15 0.03
C LEU D 114 -52.83 -46.42 0.83
N THR D 115 -53.95 -47.11 0.64
CA THR D 115 -54.27 -48.31 1.38
C THR D 115 -53.72 -49.61 0.86
N ASP D 116 -53.23 -49.67 -0.38
CA ASP D 116 -52.76 -50.95 -0.95
C ASP D 116 -51.26 -50.93 -1.33
N LEU D 117 -50.43 -50.33 -0.48
CA LEU D 117 -49.01 -50.17 -0.75
C LEU D 117 -48.23 -51.44 -0.45
N THR D 118 -47.41 -51.79 -1.44
CA THR D 118 -46.38 -52.75 -1.24
C THR D 118 -45.13 -51.92 -1.08
N VAL D 119 -44.34 -52.23 -0.06
CA VAL D 119 -43.09 -51.52 0.22
C VAL D 119 -41.86 -52.46 0.16
N VAL D 120 -40.81 -52.03 -0.58
CA VAL D 120 -39.52 -52.70 -0.59
C VAL D 120 -38.63 -51.81 0.25
N ARG D 121 -38.16 -52.37 1.33
CA ARG D 121 -37.40 -51.66 2.32
C ARG D 121 -35.94 -52.07 2.17
N LEU D 122 -35.07 -51.10 1.94
CA LEU D 122 -33.67 -51.38 1.68
C LEU D 122 -32.93 -51.46 3.01
N ALA D 123 -32.48 -52.64 3.39
CA ALA D 123 -31.75 -52.83 4.63
C ALA D 123 -30.49 -53.70 4.43
N ASN D 124 -29.88 -53.66 3.25
CA ASN D 124 -28.55 -54.25 3.06
C ASN D 124 -27.49 -53.28 3.57
N SER D 125 -26.79 -53.64 4.64
CA SER D 125 -26.13 -52.65 5.46
C SER D 125 -24.60 -52.73 5.58
N GLY D 126 -23.95 -53.53 4.73
CA GLY D 126 -22.48 -53.64 4.79
C GLY D 126 -21.71 -52.32 4.52
N ILE D 127 -20.62 -52.14 5.24
CA ILE D 127 -19.69 -51.04 5.02
C ILE D 127 -18.27 -51.63 4.98
N THR D 128 -17.55 -51.34 3.90
CA THR D 128 -16.24 -51.87 3.61
C THR D 128 -15.22 -50.74 3.42
N ILE D 129 -14.09 -50.92 4.04
CA ILE D 129 -13.01 -50.00 3.92
C ILE D 129 -11.82 -50.72 3.28
N ASP D 130 -11.19 -50.04 2.31
CA ASP D 130 -10.24 -50.62 1.36
C ASP D 130 -9.31 -49.45 1.05
N GLY D 131 -8.24 -49.30 1.85
CA GLY D 131 -7.38 -48.13 1.73
C GLY D 131 -8.19 -46.89 2.05
N ASN D 132 -8.16 -45.90 1.17
CA ASN D 132 -8.91 -44.66 1.37
C ASN D 132 -10.30 -44.72 0.79
N LEU D 133 -10.70 -45.91 0.33
CA LEU D 133 -12.03 -46.08 -0.26
C LEU D 133 -12.98 -46.57 0.83
N VAL D 134 -14.19 -46.06 0.82
CA VAL D 134 -15.27 -46.61 1.68
C VAL D 134 -16.45 -46.99 0.75
N ARG D 135 -16.94 -48.23 0.84
CA ARG D 135 -18.11 -48.65 0.04
C ARG D 135 -19.22 -49.01 0.99
N ALA D 136 -20.39 -48.40 0.81
CA ALA D 136 -21.48 -48.51 1.76
C ALA D 136 -22.62 -49.10 0.95
N GLU D 137 -23.14 -50.24 1.37
CA GLU D 137 -24.38 -50.77 0.80
C GLU D 137 -25.51 -49.82 1.09
N ALA D 138 -26.58 -49.90 0.28
CA ALA D 138 -27.63 -48.89 0.27
C ALA D 138 -28.35 -48.68 1.60
N GLY D 139 -28.50 -49.77 2.33
CA GLY D 139 -29.20 -49.79 3.58
C GLY D 139 -28.33 -49.46 4.77
N ALA D 140 -27.00 -49.27 4.62
CA ALA D 140 -26.21 -48.76 5.73
C ALA D 140 -26.73 -47.41 6.22
N VAL D 141 -26.66 -47.18 7.52
CA VAL D 141 -27.07 -45.92 8.09
C VAL D 141 -25.92 -44.95 7.72
N PHE D 142 -26.26 -43.89 7.00
CA PHE D 142 -25.21 -42.99 6.54
C PHE D 142 -24.34 -42.46 7.68
N ASP D 143 -24.93 -42.11 8.81
CA ASP D 143 -24.11 -41.58 9.89
C ASP D 143 -23.14 -42.63 10.37
N ASP D 144 -23.46 -43.91 10.25
CA ASP D 144 -22.49 -44.94 10.62
C ASP D 144 -21.32 -44.98 9.61
N VAL D 145 -21.59 -44.67 8.34
CA VAL D 145 -20.50 -44.65 7.35
C VAL D 145 -19.53 -43.50 7.76
N VAL D 146 -20.07 -42.34 8.09
CA VAL D 146 -19.25 -41.24 8.60
C VAL D 146 -18.39 -41.66 9.76
N VAL D 147 -19.00 -42.28 10.76
CA VAL D 147 -18.25 -42.68 11.95
C VAL D 147 -17.16 -43.67 11.61
N ARG D 148 -17.45 -44.65 10.74
CA ARG D 148 -16.44 -45.64 10.32
C ARG D 148 -15.26 -44.99 9.58
N ALA D 149 -15.54 -43.97 8.77
CA ALA D 149 -14.50 -43.24 8.09
C ALA D 149 -13.58 -42.50 9.05
N ILE D 150 -14.14 -41.81 10.03
CA ILE D 150 -13.35 -41.04 11.00
C ILE D 150 -12.52 -41.98 11.84
N GLU D 151 -13.11 -43.09 12.29
CA GLU D 151 -12.37 -44.13 13.00
C GLU D 151 -11.09 -44.57 12.26
N GLN D 152 -11.19 -44.77 10.95
CA GLN D 152 -10.02 -45.18 10.15
C GLN D 152 -9.13 -44.03 9.73
N GLY D 153 -9.32 -42.82 10.26
CA GLY D 153 -8.50 -41.70 9.90
C GLY D 153 -8.73 -41.18 8.50
N LEU D 154 -9.95 -41.38 7.96
CA LEU D 154 -10.28 -40.92 6.62
C LEU D 154 -11.15 -39.72 6.62
N GLY D 155 -10.65 -38.66 6.03
CA GLY D 155 -11.27 -37.35 6.08
C GLY D 155 -12.16 -37.12 4.89
N GLY D 156 -13.20 -36.29 5.02
CA GLY D 156 -14.07 -35.94 3.88
C GLY D 156 -15.59 -36.10 4.13
N LEU D 157 -16.02 -36.98 5.06
CA LEU D 157 -17.45 -37.12 5.42
C LEU D 157 -17.95 -36.34 6.67
N GLU D 158 -16.98 -35.87 7.46
CA GLU D 158 -17.29 -35.24 8.76
C GLU D 158 -18.35 -34.17 8.76
N CYS D 159 -18.44 -33.37 7.73
CA CYS D 159 -19.39 -32.30 7.70
C CYS D 159 -20.86 -32.75 7.50
N LEU D 160 -21.05 -33.99 7.07
CA LEU D 160 -22.30 -34.58 6.79
C LEU D 160 -22.79 -35.38 8.01
N SER D 161 -22.08 -35.25 9.12
CA SER D 161 -22.44 -35.86 10.38
C SER D 161 -23.84 -35.56 10.86
N GLY D 162 -24.60 -36.58 11.30
CA GLY D 162 -25.92 -36.33 11.92
C GLY D 162 -27.06 -36.22 10.93
N ILE D 163 -26.77 -36.34 9.63
CA ILE D 163 -27.80 -36.43 8.60
C ILE D 163 -28.45 -37.77 8.70
N PRO D 164 -29.76 -37.80 8.91
CA PRO D 164 -30.40 -39.14 9.07
C PRO D 164 -30.43 -39.96 7.80
N GLY D 165 -30.86 -41.20 7.93
CA GLY D 165 -31.13 -42.05 6.81
C GLY D 165 -29.99 -42.92 6.31
N SER D 166 -30.20 -43.49 5.09
CA SER D 166 -29.41 -44.54 4.48
C SER D 166 -28.30 -43.90 3.61
N ALA D 167 -27.20 -44.63 3.46
CA ALA D 167 -26.15 -44.27 2.47
C ALA D 167 -26.68 -44.26 1.04
N GLY D 168 -27.47 -45.26 0.68
CA GLY D 168 -27.98 -45.39 -0.68
C GLY D 168 -28.80 -44.20 -1.15
N ALA D 169 -29.48 -43.54 -0.22
CA ALA D 169 -30.22 -42.32 -0.54
C ALA D 169 -29.38 -41.11 -0.85
N THR D 170 -28.18 -41.07 -0.33
CA THR D 170 -27.39 -39.82 -0.45
C THR D 170 -27.12 -39.28 -1.86
N PRO D 171 -26.86 -40.14 -2.90
CA PRO D 171 -26.67 -39.61 -4.29
C PRO D 171 -27.90 -39.00 -4.90
N VAL D 172 -29.06 -39.45 -4.46
CA VAL D 172 -30.28 -39.19 -5.18
C VAL D 172 -30.49 -37.71 -5.26
N GLN D 173 -30.35 -37.05 -4.11
CA GLN D 173 -30.41 -35.60 -4.10
C GLN D 173 -29.08 -34.96 -3.74
N ASN D 174 -27.95 -35.61 -3.99
CA ASN D 174 -26.61 -35.09 -3.61
C ASN D 174 -26.63 -34.50 -2.18
N VAL D 175 -26.96 -35.36 -1.24
CA VAL D 175 -27.11 -34.94 0.13
C VAL D 175 -25.88 -34.15 0.59
N GLY D 176 -26.15 -33.08 1.30
CA GLY D 176 -25.14 -32.15 1.71
C GLY D 176 -25.55 -31.26 2.86
N ALA D 177 -24.54 -30.75 3.58
CA ALA D 177 -24.71 -29.85 4.69
C ALA D 177 -23.36 -29.28 5.11
N TYR D 178 -23.44 -28.13 5.77
CA TYR D 178 -22.30 -27.48 6.37
C TYR D 178 -21.11 -27.32 5.38
N GLY D 179 -21.40 -26.95 4.15
CA GLY D 179 -20.39 -26.74 3.10
C GLY D 179 -19.88 -27.97 2.32
N ALA D 180 -20.43 -29.15 2.59
CA ALA D 180 -20.02 -30.39 1.90
C ALA D 180 -21.25 -31.03 1.28
N GLU D 181 -21.04 -31.72 0.16
CA GLU D 181 -22.00 -32.61 -0.48
C GLU D 181 -21.39 -34.01 -0.76
N VAL D 182 -22.22 -35.05 -0.94
CA VAL D 182 -21.65 -36.36 -1.30
C VAL D 182 -20.96 -36.30 -2.68
N SER D 183 -21.35 -35.38 -3.55
CA SER D 183 -20.60 -35.21 -4.79
C SER D 183 -19.12 -34.85 -4.58
N ASP D 184 -18.68 -34.35 -3.44
CA ASP D 184 -17.23 -34.06 -3.30
C ASP D 184 -16.37 -35.31 -3.19
N THR D 185 -16.99 -36.46 -2.87
CA THR D 185 -16.24 -37.67 -2.62
C THR D 185 -16.75 -38.95 -3.33
N ILE D 186 -17.97 -38.93 -3.88
CA ILE D 186 -18.44 -40.19 -4.50
C ILE D 186 -17.61 -40.49 -5.77
N THR D 187 -17.07 -41.69 -5.91
CA THR D 187 -16.46 -42.12 -7.19
C THR D 187 -17.45 -42.83 -8.12
N ARG D 188 -18.23 -43.71 -7.55
CA ARG D 188 -19.18 -44.49 -8.34
C ARG D 188 -20.29 -45.05 -7.49
N VAL D 189 -21.39 -45.34 -8.13
CA VAL D 189 -22.57 -45.92 -7.46
C VAL D 189 -23.05 -47.19 -8.24
N ARG D 190 -23.41 -48.26 -7.53
CA ARG D 190 -23.91 -49.52 -8.20
C ARG D 190 -25.42 -49.40 -8.35
N LEU D 191 -25.92 -49.33 -9.58
CA LEU D 191 -27.30 -49.00 -9.83
C LEU D 191 -28.05 -50.19 -10.41
N LEU D 192 -29.28 -50.42 -9.95
CA LEU D 192 -30.25 -51.33 -10.60
C LEU D 192 -31.15 -50.47 -11.48
N ASP D 193 -31.29 -50.88 -12.72
CA ASP D 193 -32.31 -50.34 -13.60
C ASP D 193 -33.54 -51.27 -13.49
N ARG D 194 -34.68 -50.73 -13.06
CA ARG D 194 -35.88 -51.52 -12.72
C ARG D 194 -36.50 -52.14 -13.99
N CYS D 195 -36.60 -51.34 -15.07
CA CYS D 195 -37.24 -51.75 -16.32
C CYS D 195 -36.49 -52.85 -17.06
N THR D 196 -35.14 -52.81 -17.07
CA THR D 196 -34.29 -53.84 -17.73
C THR D 196 -33.83 -54.91 -16.75
N GLY D 197 -33.76 -54.59 -15.46
CA GLY D 197 -33.03 -55.45 -14.49
C GLY D 197 -31.48 -55.47 -14.60
N GLU D 198 -30.89 -54.57 -15.38
CA GLU D 198 -29.41 -54.45 -15.44
C GLU D 198 -28.91 -53.80 -14.13
N VAL D 199 -27.79 -54.31 -13.66
CA VAL D 199 -27.03 -53.80 -12.57
C VAL D 199 -25.66 -53.38 -13.11
N ARG D 200 -25.34 -52.11 -13.03
CA ARG D 200 -24.01 -51.63 -13.36
C ARG D 200 -23.48 -50.56 -12.37
N TRP D 201 -22.15 -50.47 -12.27
CA TRP D 201 -21.54 -49.33 -11.56
C TRP D 201 -21.53 -48.12 -12.45
N VAL D 202 -21.91 -46.96 -11.93
CA VAL D 202 -22.06 -45.77 -12.75
C VAL D 202 -21.19 -44.73 -12.09
N SER D 203 -20.51 -43.92 -12.89
CA SER D 203 -19.49 -43.02 -12.43
C SER D 203 -20.12 -41.77 -11.87
N ALA D 204 -19.40 -41.10 -10.98
CA ALA D 204 -19.89 -39.79 -10.47
C ALA D 204 -20.30 -38.88 -11.59
N ARG D 205 -19.44 -38.77 -12.58
CA ARG D 205 -19.72 -37.87 -13.70
C ARG D 205 -21.08 -38.15 -14.36
N ASP D 206 -21.38 -39.42 -14.55
CA ASP D 206 -22.69 -39.78 -15.17
C ASP D 206 -23.91 -39.54 -14.29
N LEU D 207 -23.73 -39.36 -12.98
CA LEU D 207 -24.85 -39.01 -12.09
C LEU D 207 -25.24 -37.56 -12.22
N ARG D 208 -24.38 -36.73 -12.87
CA ARG D 208 -24.66 -35.27 -13.07
C ARG D 208 -25.09 -34.64 -11.73
N PHE D 209 -24.23 -34.74 -10.75
CA PHE D 209 -24.54 -34.15 -9.47
C PHE D 209 -24.68 -32.64 -9.60
N GLY D 210 -25.76 -32.09 -9.04
CA GLY D 210 -25.87 -30.64 -8.83
C GLY D 210 -26.38 -30.40 -7.39
N TYR D 211 -26.71 -29.14 -7.13
CA TYR D 211 -27.21 -28.71 -5.83
C TYR D 211 -28.54 -29.42 -5.62
N ARG D 212 -28.59 -30.27 -4.60
CA ARG D 212 -29.76 -31.04 -4.26
C ARG D 212 -30.34 -31.73 -5.46
N THR D 213 -29.50 -32.21 -6.35
CA THR D 213 -30.01 -32.94 -7.52
C THR D 213 -29.01 -33.91 -8.12
N SER D 214 -29.53 -34.88 -8.89
CA SER D 214 -28.76 -35.88 -9.65
C SER D 214 -29.65 -36.41 -10.76
N VAL D 215 -29.13 -37.20 -11.68
CA VAL D 215 -30.02 -37.95 -12.65
C VAL D 215 -31.09 -38.82 -11.98
N LEU D 216 -30.86 -39.19 -10.71
CA LEU D 216 -31.73 -40.10 -10.00
C LEU D 216 -32.98 -39.48 -9.40
N LYS D 217 -33.12 -38.16 -9.46
CA LYS D 217 -34.06 -37.49 -8.57
C LYS D 217 -35.54 -37.69 -8.99
N PRO D 225 -37.54 -46.21 -11.04
CA PRO D 225 -36.76 -46.41 -12.29
C PRO D 225 -35.33 -46.92 -11.99
N THR D 226 -34.54 -46.19 -11.22
CA THR D 226 -33.18 -46.66 -10.84
C THR D 226 -33.11 -46.77 -9.33
N VAL D 227 -32.42 -47.81 -8.82
CA VAL D 227 -32.20 -48.01 -7.42
C VAL D 227 -30.68 -48.11 -7.13
N VAL D 228 -30.23 -47.30 -6.19
CA VAL D 228 -28.90 -47.37 -5.74
C VAL D 228 -28.72 -48.54 -4.85
N LEU D 229 -27.72 -49.36 -5.12
CA LEU D 229 -27.46 -50.55 -4.29
C LEU D 229 -26.24 -50.43 -3.42
N GLU D 230 -25.31 -49.56 -3.77
CA GLU D 230 -24.03 -49.42 -3.06
C GLU D 230 -23.34 -48.18 -3.52
N VAL D 231 -22.59 -47.51 -2.64
CA VAL D 231 -21.98 -46.25 -2.99
C VAL D 231 -20.53 -46.35 -2.59
N GLU D 232 -19.65 -45.87 -3.47
CA GLU D 232 -18.24 -45.79 -3.13
C GLU D 232 -17.81 -44.30 -2.99
N PHE D 233 -17.06 -44.05 -1.94
CA PHE D 233 -16.53 -42.72 -1.62
C PHE D 233 -15.00 -42.83 -1.64
N ALA D 234 -14.31 -41.84 -2.22
CA ALA D 234 -12.85 -41.71 -2.13
C ALA D 234 -12.53 -40.67 -1.03
N LEU D 235 -11.89 -41.08 0.06
CA LEU D 235 -11.65 -40.12 1.18
C LEU D 235 -10.16 -39.82 1.37
N ASP D 236 -9.85 -38.90 2.28
CA ASP D 236 -8.52 -38.43 2.46
C ASP D 236 -7.77 -39.22 3.55
N PRO D 237 -6.78 -40.03 3.15
CA PRO D 237 -6.08 -40.82 4.18
C PRO D 237 -5.05 -40.03 5.02
N SER D 238 -4.85 -38.75 4.75
CA SER D 238 -4.02 -37.94 5.64
C SER D 238 -4.71 -37.67 7.00
N GLY D 239 -6.03 -37.94 7.10
CA GLY D 239 -6.77 -37.78 8.33
C GLY D 239 -7.22 -36.34 8.52
N ARG D 240 -7.19 -35.54 7.48
CA ARG D 240 -7.59 -34.19 7.57
C ARG D 240 -9.02 -34.09 7.01
N SER D 241 -9.83 -33.20 7.58
CA SER D 241 -11.17 -33.00 7.13
C SER D 241 -11.15 -32.42 5.74
N ALA D 242 -12.34 -32.28 5.17
CA ALA D 242 -12.55 -31.57 3.94
C ALA D 242 -12.36 -30.11 4.30
N PRO D 243 -11.97 -29.26 3.34
CA PRO D 243 -11.75 -27.84 3.66
C PRO D 243 -13.04 -27.25 4.20
N LEU D 244 -12.91 -26.50 5.30
CA LEU D 244 -14.06 -25.86 5.91
C LEU D 244 -14.52 -24.65 5.09
N ARG D 245 -15.77 -24.70 4.66
CA ARG D 245 -16.37 -23.79 3.67
C ARG D 245 -17.70 -23.23 4.13
N TYR D 246 -18.01 -23.29 5.40
CA TYR D 246 -19.34 -22.93 5.87
C TYR D 246 -19.13 -22.07 7.09
N GLY D 247 -19.62 -20.82 6.99
CA GLY D 247 -19.34 -19.67 7.90
C GLY D 247 -19.43 -20.02 9.37
N GLU D 248 -20.62 -20.52 9.73
CA GLU D 248 -20.94 -20.93 11.08
C GLU D 248 -19.99 -22.03 11.65
N LEU D 249 -19.61 -22.98 10.80
CA LEU D 249 -18.72 -24.08 11.25
C LEU D 249 -17.28 -23.58 11.46
N ILE D 250 -16.86 -22.68 10.58
CA ILE D 250 -15.54 -22.08 10.69
C ILE D 250 -15.47 -21.33 12.01
N ALA D 251 -16.45 -20.47 12.26
CA ALA D 251 -16.52 -19.68 13.51
C ALA D 251 -16.47 -20.58 14.72
N ALA D 252 -17.38 -21.56 14.75
CA ALA D 252 -17.43 -22.53 15.84
C ALA D 252 -16.12 -23.26 16.07
N LEU D 253 -15.30 -23.40 15.04
CA LEU D 253 -13.99 -24.06 15.20
C LEU D 253 -12.78 -23.15 15.44
N ASN D 254 -12.97 -21.83 15.47
CA ASN D 254 -11.81 -20.88 15.47
C ASN D 254 -10.84 -21.21 14.36
N ALA D 255 -11.39 -21.30 13.15
CA ALA D 255 -10.62 -21.71 11.99
C ALA D 255 -10.69 -20.62 10.95
N THR D 256 -10.12 -20.92 9.80
CA THR D 256 -10.14 -20.01 8.68
C THR D 256 -10.81 -20.70 7.51
N SER D 257 -11.43 -19.90 6.62
CA SER D 257 -11.92 -20.33 5.32
C SER D 257 -10.91 -21.25 4.62
N GLY D 258 -11.32 -22.49 4.39
CA GLY D 258 -10.51 -23.46 3.67
C GLY D 258 -9.60 -24.36 4.47
N GLU D 259 -9.47 -24.07 5.76
CA GLU D 259 -8.62 -24.85 6.60
C GLU D 259 -9.15 -26.28 6.71
N ARG D 260 -8.24 -27.24 6.68
CA ARG D 260 -8.54 -28.59 7.10
C ARG D 260 -8.43 -28.61 8.62
N ALA D 261 -9.13 -29.56 9.23
CA ALA D 261 -9.12 -29.70 10.68
C ALA D 261 -9.28 -31.18 11.00
N ASP D 262 -9.18 -31.52 12.27
CA ASP D 262 -9.36 -32.90 12.72
C ASP D 262 -10.84 -33.38 12.44
N PRO D 263 -11.06 -34.52 11.75
CA PRO D 263 -12.46 -34.92 11.40
C PRO D 263 -13.38 -35.04 12.65
N GLN D 264 -12.90 -35.65 13.75
CA GLN D 264 -13.71 -35.80 14.99
C GLN D 264 -14.09 -34.44 15.54
N ALA D 265 -13.14 -33.51 15.61
CA ALA D 265 -13.46 -32.18 16.08
C ALA D 265 -14.52 -31.52 15.18
N VAL D 266 -14.39 -31.72 13.89
CA VAL D 266 -15.37 -31.16 12.98
C VAL D 266 -16.76 -31.80 13.23
N ARG D 267 -16.80 -33.12 13.40
CA ARG D 267 -18.03 -33.86 13.56
C ARG D 267 -18.75 -33.32 14.77
N GLU D 268 -17.97 -33.13 15.85
CA GLU D 268 -18.55 -32.60 17.14
C GLU D 268 -19.20 -31.25 17.06
N ALA D 269 -18.61 -30.35 16.30
CA ALA D 269 -19.14 -29.04 16.16
C ALA D 269 -20.40 -29.08 15.25
N VAL D 270 -20.35 -29.93 14.21
CA VAL D 270 -21.46 -30.06 13.29
C VAL D 270 -22.65 -30.62 14.07
N LEU D 271 -22.46 -31.67 14.84
CA LEU D 271 -23.54 -32.21 15.63
C LEU D 271 -24.17 -31.16 16.62
N ALA D 272 -23.31 -30.39 17.29
CA ALA D 272 -23.77 -29.36 18.19
C ALA D 272 -24.51 -28.32 17.40
N LEU D 273 -23.95 -27.88 16.27
CA LEU D 273 -24.67 -26.90 15.48
C LEU D 273 -25.99 -27.49 15.00
N ARG D 274 -26.01 -28.80 14.66
CA ARG D 274 -27.30 -29.41 14.20
C ARG D 274 -28.31 -29.50 15.37
N ALA D 275 -27.84 -29.83 16.56
CA ALA D 275 -28.78 -29.95 17.74
C ALA D 275 -29.49 -28.63 18.01
N ARG D 276 -28.78 -27.50 17.83
CA ARG D 276 -29.36 -26.19 18.08
C ARG D 276 -30.48 -25.89 17.13
N LYS D 277 -30.38 -26.39 15.90
CA LYS D 277 -31.47 -26.21 14.93
C LYS D 277 -32.51 -27.34 14.91
N GLY D 278 -32.44 -28.23 15.84
CA GLY D 278 -33.23 -29.42 15.80
C GLY D 278 -33.05 -30.29 14.57
N MET D 279 -31.83 -30.36 13.99
CA MET D 279 -31.56 -31.13 12.78
C MET D 279 -30.82 -32.45 12.98
N VAL D 280 -30.85 -32.96 14.22
CA VAL D 280 -30.42 -34.27 14.55
C VAL D 280 -31.63 -34.96 15.21
N LEU D 281 -31.90 -36.20 14.83
CA LEU D 281 -33.02 -36.97 15.44
C LEU D 281 -32.97 -36.99 16.97
N ASP D 282 -34.09 -36.62 17.61
CA ASP D 282 -34.16 -36.59 19.06
C ASP D 282 -35.63 -36.91 19.40
N PRO D 283 -35.96 -38.17 19.68
CA PRO D 283 -37.33 -38.68 19.60
C PRO D 283 -38.42 -37.99 20.40
N THR D 284 -38.07 -37.43 21.55
CA THR D 284 -39.05 -36.76 22.37
C THR D 284 -39.24 -35.30 22.00
N ASP D 285 -38.43 -34.72 21.10
CA ASP D 285 -38.58 -33.30 20.69
C ASP D 285 -39.20 -33.32 19.31
N HIS D 286 -40.47 -32.92 19.20
CA HIS D 286 -41.19 -32.88 17.97
C HIS D 286 -40.65 -31.93 16.86
N ASP D 287 -39.77 -31.00 17.21
CA ASP D 287 -39.03 -30.19 16.25
C ASP D 287 -38.18 -31.09 15.35
N THR D 288 -37.88 -32.32 15.80
CA THR D 288 -37.18 -33.28 14.95
C THR D 288 -38.09 -34.29 14.25
N TRP D 289 -39.40 -34.20 14.42
CA TRP D 289 -40.35 -35.06 13.66
C TRP D 289 -40.60 -34.41 12.29
N SER D 290 -39.60 -34.50 11.44
CA SER D 290 -39.54 -33.73 10.22
C SER D 290 -38.99 -34.55 9.14
N VAL D 291 -38.93 -33.95 7.96
CA VAL D 291 -38.04 -34.41 6.91
C VAL D 291 -36.92 -33.37 6.69
N GLY D 292 -36.38 -32.81 7.77
CA GLY D 292 -35.42 -31.71 7.66
C GLY D 292 -35.98 -30.47 7.01
N SER D 293 -35.14 -29.77 6.22
CA SER D 293 -35.55 -28.60 5.50
C SER D 293 -36.49 -29.02 4.38
N PHE D 294 -37.67 -28.42 4.39
CA PHE D 294 -38.73 -28.87 3.56
C PHE D 294 -38.68 -28.28 2.16
N PHE D 295 -38.04 -27.11 2.04
CA PHE D 295 -37.76 -26.50 0.73
C PHE D 295 -36.27 -26.31 0.51
N THR D 296 -35.87 -26.45 -0.75
CA THR D 296 -34.48 -26.22 -1.16
C THR D 296 -34.22 -24.69 -1.27
N ASN D 297 -33.02 -24.31 -0.97
CA ASN D 297 -32.58 -22.94 -1.20
C ASN D 297 -32.71 -22.59 -2.69
N PRO D 298 -33.45 -21.51 -2.99
CA PRO D 298 -33.69 -21.19 -4.40
C PRO D 298 -32.43 -20.51 -5.02
N VAL D 299 -32.27 -20.70 -6.33
CA VAL D 299 -31.23 -20.00 -7.08
C VAL D 299 -31.95 -18.99 -8.03
N VAL D 300 -31.59 -17.72 -7.87
CA VAL D 300 -32.22 -16.64 -8.61
C VAL D 300 -31.15 -15.90 -9.40
N THR D 301 -31.60 -15.11 -10.37
CA THR D 301 -30.68 -14.18 -11.08
C THR D 301 -30.12 -13.11 -10.14
N GLN D 302 -28.96 -12.56 -10.49
CA GLN D 302 -28.38 -11.47 -9.69
C GLN D 302 -29.36 -10.26 -9.62
N ASP D 303 -30.13 -10.00 -10.66
CA ASP D 303 -31.10 -8.90 -10.59
C ASP D 303 -32.16 -9.16 -9.51
N VAL D 304 -32.66 -10.40 -9.43
CA VAL D 304 -33.68 -10.76 -8.43
C VAL D 304 -33.12 -10.61 -7.01
N TYR D 305 -31.88 -10.98 -6.79
CA TYR D 305 -31.20 -10.80 -5.55
C TYR D 305 -31.11 -9.31 -5.13
N GLU D 306 -30.78 -8.44 -6.08
CA GLU D 306 -30.72 -6.95 -5.79
C GLU D 306 -32.08 -6.37 -5.55
N ARG D 307 -33.09 -6.82 -6.28
CA ARG D 307 -34.45 -6.38 -5.95
C ARG D 307 -34.82 -6.75 -4.47
N LEU D 308 -34.45 -7.97 -4.02
CA LEU D 308 -34.72 -8.42 -2.64
C LEU D 308 -33.89 -7.64 -1.67
N ALA D 309 -32.62 -7.45 -1.97
CA ALA D 309 -31.73 -6.76 -1.03
C ALA D 309 -32.29 -5.38 -0.84
N GLY D 310 -32.68 -4.72 -1.92
CA GLY D 310 -33.30 -3.41 -1.82
C GLY D 310 -34.60 -3.39 -1.03
N ASP D 311 -35.49 -4.31 -1.33
CA ASP D 311 -36.73 -4.47 -0.54
C ASP D 311 -36.46 -4.77 0.97
N ALA D 312 -35.55 -5.68 1.25
CA ALA D 312 -35.18 -5.97 2.63
C ALA D 312 -34.54 -4.76 3.31
N ALA D 313 -33.78 -3.97 2.57
CA ALA D 313 -33.11 -2.77 3.11
C ALA D 313 -34.07 -1.70 3.69
N THR D 314 -35.20 -1.47 3.03
CA THR D 314 -36.20 -0.62 3.62
C THR D 314 -36.70 -1.25 4.92
N ARG D 315 -37.02 -2.55 4.90
CA ARG D 315 -38.03 -3.19 5.83
C ARG D 315 -37.92 -3.20 7.38
N LYS D 316 -36.79 -3.03 8.07
CA LYS D 316 -35.45 -3.26 7.67
C LYS D 316 -35.15 -4.72 8.05
N ASP D 317 -35.62 -5.62 7.18
CA ASP D 317 -35.43 -7.09 7.27
C ASP D 317 -33.93 -7.40 7.45
N GLY D 318 -33.05 -6.42 7.18
CA GLY D 318 -31.61 -6.52 7.47
C GLY D 318 -31.05 -7.19 6.24
N PRO D 319 -29.75 -7.60 6.26
CA PRO D 319 -29.10 -8.22 5.07
C PRO D 319 -29.73 -9.53 4.64
N VAL D 320 -29.78 -9.78 3.33
CA VAL D 320 -30.41 -10.96 2.76
C VAL D 320 -29.33 -12.05 2.62
N PRO D 321 -29.45 -13.18 3.37
CA PRO D 321 -28.41 -14.20 3.24
C PRO D 321 -28.44 -14.84 1.85
N HIS D 322 -27.23 -14.90 1.27
CA HIS D 322 -27.07 -15.40 -0.06
C HIS D 322 -25.71 -16.03 -0.24
N TYR D 323 -25.63 -16.91 -1.23
CA TYR D 323 -24.45 -17.72 -1.47
C TYR D 323 -24.19 -17.82 -2.97
N PRO D 324 -22.94 -18.14 -3.36
CA PRO D 324 -22.62 -18.28 -4.78
C PRO D 324 -23.17 -19.59 -5.35
N ALA D 325 -23.44 -19.57 -6.64
CA ALA D 325 -23.95 -20.72 -7.34
C ALA D 325 -23.37 -20.66 -8.75
N PRO D 326 -23.41 -21.77 -9.52
CA PRO D 326 -22.97 -21.67 -10.91
C PRO D 326 -23.89 -20.80 -11.81
N ASP D 327 -25.20 -20.83 -11.56
CA ASP D 327 -26.19 -20.23 -12.48
C ASP D 327 -27.01 -19.04 -11.88
N GLY D 328 -26.36 -18.31 -10.95
CA GLY D 328 -26.97 -17.12 -10.33
C GLY D 328 -26.65 -17.03 -8.86
N VAL D 329 -27.62 -16.51 -8.08
CA VAL D 329 -27.41 -16.30 -6.64
C VAL D 329 -28.37 -17.24 -5.85
N LYS D 330 -27.79 -17.92 -4.86
CA LYS D 330 -28.52 -18.85 -3.98
C LYS D 330 -28.92 -18.17 -2.66
N LEU D 331 -30.21 -18.19 -2.38
CA LEU D 331 -30.76 -17.55 -1.18
C LEU D 331 -31.08 -18.56 -0.09
N ALA D 332 -31.04 -18.13 1.16
CA ALA D 332 -31.46 -18.93 2.27
C ALA D 332 -32.99 -19.03 2.30
N ALA D 333 -33.54 -20.18 1.92
CA ALA D 333 -35.00 -20.39 1.96
C ALA D 333 -35.59 -20.13 3.32
N GLY D 334 -34.85 -20.46 4.36
CA GLY D 334 -35.36 -20.16 5.71
C GLY D 334 -35.61 -18.71 5.99
N TRP D 335 -34.74 -17.84 5.49
CA TRP D 335 -34.88 -16.38 5.68
C TRP D 335 -36.11 -15.93 4.96
N LEU D 336 -36.34 -16.40 3.74
CA LEU D 336 -37.53 -16.03 3.00
C LEU D 336 -38.80 -16.48 3.70
N VAL D 337 -38.79 -17.70 4.25
CA VAL D 337 -39.97 -18.23 4.97
C VAL D 337 -40.24 -17.31 6.13
N GLU D 338 -39.27 -17.05 6.98
CA GLU D 338 -39.54 -16.14 8.12
C GLU D 338 -40.04 -14.71 7.68
N ARG D 339 -39.40 -14.12 6.66
CA ARG D 339 -39.71 -12.73 6.27
C ARG D 339 -41.00 -12.62 5.54
N ALA D 340 -41.44 -13.74 4.94
CA ALA D 340 -42.79 -13.79 4.43
C ALA D 340 -43.85 -13.85 5.58
N GLY D 341 -43.41 -13.87 6.83
CA GLY D 341 -44.31 -13.92 7.99
C GLY D 341 -44.59 -15.30 8.62
N PHE D 342 -43.91 -16.35 8.18
CA PHE D 342 -44.00 -17.69 8.79
C PHE D 342 -42.77 -17.95 9.68
N GLY D 343 -42.87 -17.47 10.91
CA GLY D 343 -41.82 -17.63 11.88
C GLY D 343 -41.68 -19.09 12.39
N LYS D 344 -40.54 -19.36 13.01
CA LYS D 344 -40.33 -20.48 13.92
C LYS D 344 -41.57 -20.73 14.75
N GLY D 345 -42.17 -21.92 14.61
CA GLY D 345 -43.36 -22.24 15.42
C GLY D 345 -44.65 -21.94 14.72
N TYR D 346 -44.60 -21.45 13.49
CA TYR D 346 -45.84 -21.08 12.81
C TYR D 346 -46.68 -22.31 12.53
N PRO D 347 -48.01 -22.33 12.72
CA PRO D 347 -48.85 -21.29 13.32
C PRO D 347 -48.90 -21.28 14.90
N ASP D 348 -49.11 -20.11 15.46
CA ASP D 348 -49.27 -19.87 16.93
C ASP D 348 -50.67 -20.19 17.41
N ALA D 349 -51.61 -20.13 16.48
CA ALA D 349 -53.01 -20.31 16.73
C ALA D 349 -53.57 -21.49 15.91
N GLY D 350 -54.67 -22.06 16.41
CA GLY D 350 -55.42 -23.13 15.72
C GLY D 350 -54.96 -24.47 16.26
N ALA D 351 -55.45 -25.54 15.67
CA ALA D 351 -55.19 -26.88 16.12
C ALA D 351 -53.69 -27.26 15.99
N ALA D 352 -53.04 -26.78 14.91
CA ALA D 352 -51.62 -26.81 14.72
C ALA D 352 -51.06 -28.25 14.84
N PRO D 353 -51.67 -29.23 14.11
CA PRO D 353 -51.13 -30.54 14.14
C PRO D 353 -49.71 -30.53 13.50
N CYS D 354 -49.48 -29.60 12.58
CA CYS D 354 -48.21 -29.48 11.93
C CYS D 354 -47.81 -28.03 12.11
N ARG D 355 -46.53 -27.80 12.46
CA ARG D 355 -45.95 -26.48 12.62
C ARG D 355 -44.51 -26.43 12.06
N LEU D 356 -44.05 -25.23 11.77
CA LEU D 356 -42.67 -25.00 11.47
C LEU D 356 -41.95 -25.21 12.75
N SER D 357 -40.87 -25.94 12.72
CA SER D 357 -40.09 -26.20 13.93
C SER D 357 -39.84 -24.93 14.74
N THR D 358 -39.82 -25.04 16.06
CA THR D 358 -39.48 -23.88 16.88
C THR D 358 -37.99 -23.52 16.84
N LYS D 359 -37.17 -24.33 16.19
CA LYS D 359 -35.75 -24.10 16.09
C LYS D 359 -35.25 -23.89 14.68
N HIS D 360 -36.10 -24.05 13.70
CA HIS D 360 -35.68 -23.96 12.33
C HIS D 360 -36.92 -23.92 11.49
N ALA D 361 -37.23 -22.74 11.01
CA ALA D 361 -38.43 -22.49 10.26
C ALA D 361 -38.68 -23.29 9.00
N LEU D 362 -37.64 -23.73 8.34
CA LEU D 362 -37.75 -24.53 7.12
C LEU D 362 -38.25 -25.94 7.37
N ALA D 363 -38.10 -26.45 8.60
CA ALA D 363 -38.55 -27.80 8.96
C ALA D 363 -40.06 -27.85 9.32
N LEU D 364 -40.90 -28.31 8.43
CA LEU D 364 -42.21 -28.70 8.83
C LEU D 364 -42.14 -29.92 9.76
N THR D 365 -42.98 -29.91 10.81
CA THR D 365 -42.97 -30.97 11.78
C THR D 365 -44.37 -31.48 12.17
N ASN D 366 -44.39 -32.71 12.60
CA ASN D 366 -45.56 -33.36 13.12
C ASN D 366 -45.61 -33.21 14.63
N ARG D 367 -46.58 -32.44 15.13
CA ARG D 367 -46.69 -32.16 16.58
C ARG D 367 -47.35 -33.27 17.37
N GLY D 368 -47.71 -34.39 16.70
CA GLY D 368 -48.45 -35.47 17.30
C GLY D 368 -49.80 -35.57 16.67
N GLY D 369 -50.03 -36.63 15.92
CA GLY D 369 -51.31 -36.84 15.21
C GLY D 369 -51.48 -36.24 13.84
N ALA D 370 -50.44 -35.58 13.30
CA ALA D 370 -50.56 -35.01 12.00
C ALA D 370 -50.77 -36.06 10.90
N THR D 371 -51.49 -35.65 9.87
CA THR D 371 -51.66 -36.40 8.63
C THR D 371 -50.76 -35.86 7.53
N ALA D 372 -50.61 -36.62 6.45
CA ALA D 372 -49.96 -36.12 5.22
C ALA D 372 -50.58 -34.81 4.69
N GLU D 373 -51.88 -34.73 4.78
CA GLU D 373 -52.63 -33.63 4.30
C GLU D 373 -52.35 -32.39 5.17
N ASP D 374 -52.23 -32.54 6.48
CA ASP D 374 -51.80 -31.42 7.31
C ASP D 374 -50.41 -30.89 6.88
N VAL D 375 -49.48 -31.79 6.60
CA VAL D 375 -48.11 -31.41 6.28
C VAL D 375 -48.13 -30.62 4.96
N VAL D 376 -48.77 -31.21 3.99
CA VAL D 376 -48.88 -30.64 2.67
C VAL D 376 -49.66 -29.32 2.60
N THR D 377 -50.75 -29.24 3.34
CA THR D 377 -51.50 -28.01 3.51
C THR D 377 -50.62 -26.91 4.09
N LEU D 378 -49.86 -27.18 5.15
CA LEU D 378 -49.00 -26.08 5.68
C LEU D 378 -47.92 -25.69 4.66
N ALA D 379 -47.41 -26.68 3.92
CA ALA D 379 -46.29 -26.42 3.01
C ALA D 379 -46.77 -25.58 1.81
N ARG D 380 -47.97 -25.87 1.36
CA ARG D 380 -48.66 -25.09 0.38
C ARG D 380 -48.86 -23.65 0.81
N ALA D 381 -49.38 -23.47 2.00
CA ALA D 381 -49.49 -22.10 2.56
C ALA D 381 -48.13 -21.38 2.61
N VAL D 382 -47.05 -22.04 3.06
CA VAL D 382 -45.76 -21.35 3.17
C VAL D 382 -45.26 -20.97 1.76
N ARG D 383 -45.28 -21.94 0.85
CA ARG D 383 -44.85 -21.71 -0.51
C ARG D 383 -45.64 -20.55 -1.19
N ASP D 384 -46.98 -20.58 -1.13
CA ASP D 384 -47.81 -19.48 -1.65
C ASP D 384 -47.49 -18.13 -0.99
N GLY D 385 -47.23 -18.11 0.30
CA GLY D 385 -46.93 -16.85 0.97
C GLY D 385 -45.65 -16.22 0.48
N VAL D 386 -44.65 -17.07 0.31
CA VAL D 386 -43.33 -16.65 -0.07
C VAL D 386 -43.44 -16.21 -1.52
N HIS D 387 -44.22 -16.93 -2.30
CA HIS D 387 -44.44 -16.50 -3.66
C HIS D 387 -45.17 -15.14 -3.74
N ASP D 388 -46.27 -14.97 -2.98
CA ASP D 388 -47.00 -13.69 -2.91
C ASP D 388 -46.11 -12.51 -2.44
N VAL D 389 -45.18 -12.75 -1.53
CA VAL D 389 -44.41 -11.66 -0.91
C VAL D 389 -43.10 -11.32 -1.63
N PHE D 390 -42.36 -12.36 -1.97
CA PHE D 390 -41.15 -12.23 -2.76
C PHE D 390 -41.57 -12.82 -4.08
N GLY D 391 -40.81 -12.74 -5.14
CA GLY D 391 -41.36 -13.30 -6.38
C GLY D 391 -41.13 -14.79 -6.62
N ILE D 392 -40.81 -15.54 -5.56
CA ILE D 392 -40.00 -16.75 -5.64
C ILE D 392 -40.81 -17.99 -5.33
N THR D 393 -40.78 -18.93 -6.24
CA THR D 393 -41.42 -20.23 -6.07
C THR D 393 -40.43 -21.23 -5.40
N LEU D 394 -40.67 -21.60 -4.15
CA LEU D 394 -39.80 -22.55 -3.43
C LEU D 394 -40.08 -23.99 -3.90
N LYS D 395 -39.04 -24.81 -4.03
CA LYS D 395 -39.17 -26.25 -4.42
C LYS D 395 -39.12 -27.19 -3.16
N PRO D 396 -40.12 -28.07 -3.01
CA PRO D 396 -40.05 -29.05 -1.94
C PRO D 396 -38.85 -29.98 -2.13
N GLU D 397 -38.13 -30.23 -1.06
CA GLU D 397 -37.04 -31.17 -1.08
C GLU D 397 -37.52 -32.64 -0.87
N PRO D 398 -38.49 -32.89 0.04
CA PRO D 398 -38.83 -34.31 0.26
C PRO D 398 -39.65 -34.90 -0.87
N VAL D 399 -39.66 -36.22 -0.99
CA VAL D 399 -40.51 -36.87 -1.94
C VAL D 399 -41.90 -37.05 -1.34
N LEU D 400 -42.89 -36.63 -2.13
CA LEU D 400 -44.31 -36.56 -1.76
C LEU D 400 -45.06 -37.70 -2.44
N ILE D 401 -45.52 -38.69 -1.68
CA ILE D 401 -46.17 -39.87 -2.26
C ILE D 401 -47.67 -39.88 -2.05
N GLY D 402 -48.41 -39.72 -3.15
CA GLY D 402 -49.85 -39.74 -3.14
C GLY D 402 -50.45 -38.50 -2.52
N CYS D 403 -49.68 -37.42 -2.50
CA CYS D 403 -50.12 -36.14 -1.97
C CYS D 403 -49.33 -35.07 -2.74
N MET D 404 -49.81 -33.84 -2.67
CA MET D 404 -49.30 -32.73 -3.51
C MET D 404 -49.56 -31.40 -2.82
N LEU D 405 -48.60 -30.48 -2.99
CA LEU D 405 -48.85 -29.08 -2.73
C LEU D 405 -49.82 -28.59 -3.77
N ALA E 47 52.80 -9.22 -1.89
CA ALA E 47 53.33 -10.59 -1.50
C ALA E 47 53.99 -11.44 -2.64
N GLY E 48 55.30 -11.59 -2.56
CA GLY E 48 56.03 -12.59 -3.37
C GLY E 48 55.51 -14.02 -3.28
N HIS E 50 56.25 -16.44 0.15
CA HIS E 50 55.75 -16.05 1.47
C HIS E 50 54.42 -16.68 1.83
N ILE E 51 53.57 -16.95 0.84
CA ILE E 51 52.32 -17.72 1.01
C ILE E 51 52.56 -19.20 0.65
N ALA E 52 53.00 -20.02 1.60
CA ALA E 52 53.33 -21.45 1.40
C ALA E 52 52.28 -22.39 2.03
N GLU E 53 52.28 -23.66 1.61
CA GLU E 53 51.39 -24.70 2.18
C GLU E 53 52.14 -25.90 2.78
N ALA E 54 51.39 -26.72 3.53
CA ALA E 54 51.86 -27.92 4.24
C ALA E 54 53.24 -27.78 4.89
N VAL E 55 53.37 -26.70 5.64
CA VAL E 55 54.63 -26.24 6.23
C VAL E 55 54.75 -26.81 7.63
N PRO E 56 55.75 -27.69 7.88
CA PRO E 56 55.90 -28.14 9.27
C PRO E 56 56.18 -26.95 10.21
N LEU E 57 55.56 -26.96 11.39
CA LEU E 57 55.69 -25.83 12.35
C LEU E 57 56.74 -26.09 13.42
N ALA E 58 56.98 -27.36 13.74
CA ALA E 58 58.00 -27.77 14.72
C ALA E 58 59.35 -27.07 14.54
N PRO E 59 59.90 -27.01 13.30
CA PRO E 59 61.26 -26.41 13.22
C PRO E 59 61.28 -24.88 13.38
N LEU E 60 60.09 -24.26 13.35
CA LEU E 60 59.92 -22.83 13.56
C LEU E 60 59.71 -22.47 15.05
N THR E 61 59.93 -23.42 15.95
CA THR E 61 59.60 -23.24 17.36
C THR E 61 60.81 -23.67 18.09
N THR E 62 61.06 -22.98 19.21
CA THR E 62 62.24 -23.26 20.03
C THR E 62 62.09 -24.55 20.77
N LEU E 63 60.84 -24.98 21.03
CA LEU E 63 60.57 -26.30 21.62
C LEU E 63 60.61 -27.45 20.57
N ARG E 64 60.54 -27.12 19.29
CA ARG E 64 60.61 -28.12 18.22
C ARG E 64 59.47 -29.16 18.42
N VAL E 65 58.24 -28.61 18.49
CA VAL E 65 56.97 -29.30 18.67
C VAL E 65 55.98 -28.59 17.78
N GLY E 66 55.21 -29.35 17.01
CA GLY E 66 54.06 -28.75 16.34
C GLY E 66 53.40 -29.53 15.22
N PRO E 67 52.26 -29.02 14.76
CA PRO E 67 51.54 -29.56 13.61
C PRO E 67 52.12 -29.14 12.27
N ILE E 68 51.72 -29.89 11.24
CA ILE E 68 51.86 -29.45 9.86
C ILE E 68 50.78 -28.38 9.70
N ALA E 69 51.16 -27.17 9.30
CA ALA E 69 50.20 -26.08 9.05
C ALA E 69 49.68 -26.12 7.63
N ARG E 70 48.39 -25.86 7.44
CA ARG E 70 47.76 -25.78 6.10
C ARG E 70 48.38 -24.66 5.23
N ARG E 71 48.58 -23.48 5.83
CA ARG E 71 49.32 -22.40 5.19
C ARG E 71 49.99 -21.40 6.17
N VAL E 72 51.13 -20.89 5.74
CA VAL E 72 51.90 -19.90 6.48
C VAL E 72 52.04 -18.69 5.61
N ILE E 73 51.35 -17.60 5.96
CA ILE E 73 51.60 -16.29 5.31
C ILE E 73 52.74 -15.64 6.12
N THR E 74 53.88 -15.46 5.48
CA THR E 74 55.06 -14.91 6.10
C THR E 74 55.09 -13.45 5.67
N CYS E 75 54.95 -12.53 6.64
CA CYS E 75 54.78 -11.08 6.37
C CYS E 75 56.07 -10.37 6.72
N THR E 76 56.69 -9.72 5.73
CA THR E 76 57.98 -9.02 5.89
C THR E 76 57.83 -7.50 5.97
N SER E 77 56.62 -7.00 5.76
CA SER E 77 56.31 -5.59 6.05
C SER E 77 55.06 -5.44 6.94
N ALA E 78 54.98 -4.29 7.61
CA ALA E 78 53.79 -3.91 8.38
C ALA E 78 52.53 -3.97 7.50
N GLU E 79 52.69 -3.46 6.27
CA GLU E 79 51.64 -3.32 5.23
C GLU E 79 51.06 -4.70 4.90
N GLN E 80 51.95 -5.68 4.78
CA GLN E 80 51.55 -7.08 4.59
C GLN E 80 50.81 -7.68 5.78
N VAL E 81 51.34 -7.47 7.00
CA VAL E 81 50.73 -7.95 8.25
C VAL E 81 49.31 -7.47 8.30
N VAL E 82 49.17 -6.17 8.11
CA VAL E 82 47.87 -5.54 8.06
C VAL E 82 46.94 -6.15 6.94
N ALA E 83 47.44 -6.25 5.69
CA ALA E 83 46.64 -6.79 4.57
C ALA E 83 46.27 -8.23 4.79
N ALA E 84 47.23 -9.04 5.20
CA ALA E 84 46.99 -10.46 5.43
C ALA E 84 45.81 -10.70 6.42
N LEU E 85 45.91 -10.03 7.57
CA LEU E 85 44.92 -10.20 8.63
C LEU E 85 43.62 -9.48 8.28
N ARG E 86 43.66 -8.37 7.54
CA ARG E 86 42.43 -7.77 7.01
C ARG E 86 41.67 -8.80 6.15
N HIS E 87 42.41 -9.49 5.29
CA HIS E 87 41.83 -10.47 4.40
C HIS E 87 41.33 -11.73 5.14
N LEU E 88 42.11 -12.26 6.07
CA LEU E 88 41.64 -13.42 6.82
C LEU E 88 40.50 -13.12 7.77
N ASP E 89 40.51 -11.93 8.35
CA ASP E 89 39.43 -11.53 9.27
C ASP E 89 38.18 -11.12 8.51
N SER E 90 38.31 -10.59 7.29
CA SER E 90 37.12 -10.19 6.50
C SER E 90 36.37 -11.40 5.94
N ALA E 91 37.02 -12.56 5.85
CA ALA E 91 36.44 -13.73 5.17
C ALA E 91 35.35 -14.39 6.00
N ARG E 98 40.18 -19.18 12.45
CA ARG E 98 41.03 -18.25 13.24
C ARG E 98 42.50 -18.58 13.07
N PRO E 99 43.27 -17.66 12.45
CA PRO E 99 44.69 -17.88 12.27
C PRO E 99 45.50 -17.81 13.55
N LEU E 100 46.54 -18.63 13.57
CA LEU E 100 47.57 -18.56 14.55
C LEU E 100 48.53 -17.43 14.12
N VAL E 101 48.59 -16.35 14.92
CA VAL E 101 49.60 -15.30 14.78
C VAL E 101 50.75 -15.59 15.71
N PHE E 102 51.96 -15.50 15.18
CA PHE E 102 53.19 -15.67 15.93
C PHE E 102 54.47 -15.14 15.18
N ALA E 103 55.64 -15.22 15.82
CA ALA E 103 56.86 -14.60 15.28
C ALA E 103 58.09 -15.51 15.40
N GLY E 104 58.79 -15.42 16.52
CA GLY E 104 60.01 -16.21 16.71
C GLY E 104 59.73 -17.58 17.26
N GLY E 105 58.47 -17.88 17.60
CA GLY E 105 58.15 -19.23 18.05
C GLY E 105 58.85 -19.68 19.32
N SER E 106 59.35 -18.74 20.13
CA SER E 106 60.04 -19.06 21.39
C SER E 106 59.16 -19.12 22.65
N ASN E 107 57.86 -18.80 22.55
CA ASN E 107 56.99 -18.92 23.72
C ASN E 107 55.66 -19.69 23.48
N LEU E 108 55.69 -20.71 22.63
CA LEU E 108 54.50 -21.48 22.21
C LEU E 108 54.64 -22.99 22.36
N VAL E 109 53.59 -23.62 22.89
CA VAL E 109 53.36 -25.06 22.81
C VAL E 109 52.14 -25.25 21.91
N ILE E 110 52.35 -25.87 20.74
CA ILE E 110 51.33 -26.04 19.70
C ILE E 110 51.03 -27.51 19.51
N ALA E 111 49.78 -27.91 19.79
CA ALA E 111 49.37 -29.33 19.68
C ALA E 111 49.34 -29.79 18.22
N GLU E 112 49.77 -31.03 17.98
CA GLU E 112 49.89 -31.59 16.61
C GLU E 112 48.55 -31.96 15.95
N ASN E 113 47.53 -32.22 16.78
CA ASN E 113 46.07 -32.13 16.45
C ASN E 113 45.57 -31.05 15.51
N LEU E 114 46.19 -29.87 15.57
CA LEU E 114 45.61 -28.68 14.95
C LEU E 114 46.01 -28.64 13.51
N THR E 115 45.46 -29.57 12.74
CA THR E 115 45.94 -29.80 11.40
C THR E 115 45.37 -28.85 10.32
N ASP E 116 44.46 -27.93 10.65
CA ASP E 116 43.95 -27.02 9.59
C ASP E 116 44.26 -25.52 9.76
N LEU E 117 45.43 -25.23 10.33
CA LEU E 117 45.76 -23.85 10.72
C LEU E 117 46.27 -23.04 9.57
N THR E 118 45.68 -21.88 9.36
CA THR E 118 46.36 -20.77 8.70
C THR E 118 47.23 -20.05 9.78
N VAL E 119 48.44 -19.65 9.38
CA VAL E 119 49.43 -18.99 10.23
C VAL E 119 49.82 -17.68 9.58
N VAL E 120 49.95 -16.63 10.40
CA VAL E 120 50.43 -15.36 9.92
C VAL E 120 51.68 -15.15 10.77
N ARG E 121 52.87 -15.33 10.18
CA ARG E 121 54.13 -15.13 10.89
C ARG E 121 54.60 -13.72 10.71
N LEU E 122 54.90 -13.05 11.81
CA LEU E 122 55.29 -11.64 11.75
C LEU E 122 56.82 -11.67 11.55
N ALA E 123 57.28 -11.24 10.38
CA ALA E 123 58.74 -11.18 10.10
C ALA E 123 59.18 -9.86 9.48
N ASN E 124 58.41 -8.79 9.71
CA ASN E 124 58.89 -7.42 9.51
C ASN E 124 60.00 -7.05 10.52
N SER E 125 61.24 -6.92 10.04
CA SER E 125 62.46 -6.83 10.88
C SER E 125 63.18 -5.50 10.91
N GLY E 126 62.55 -4.43 10.44
CA GLY E 126 63.25 -3.10 10.49
C GLY E 126 63.63 -2.50 11.86
N ILE E 127 64.87 -2.02 11.98
CA ILE E 127 65.43 -1.35 13.19
C ILE E 127 66.01 0.05 12.94
N THR E 128 65.34 1.07 13.46
CA THR E 128 65.72 2.46 13.25
C THR E 128 66.22 3.11 14.55
N ILE E 129 67.37 3.80 14.48
CA ILE E 129 67.89 4.60 15.62
C ILE E 129 67.61 6.06 15.32
N ASP E 130 67.25 6.81 16.35
CA ASP E 130 66.80 8.19 16.21
C ASP E 130 67.07 8.89 17.55
N GLY E 131 68.27 9.51 17.62
CA GLY E 131 68.84 9.98 18.89
C GLY E 131 69.00 8.86 19.89
N ASN E 132 68.47 9.03 21.09
CA ASN E 132 68.40 7.89 22.02
C ASN E 132 67.20 6.91 21.82
N LEU E 133 66.32 7.17 20.84
CA LEU E 133 65.17 6.26 20.56
C LEU E 133 65.50 5.13 19.58
N VAL E 134 65.27 3.89 20.01
CA VAL E 134 65.25 2.73 19.13
C VAL E 134 63.84 2.19 18.74
N ARG E 135 63.50 2.27 17.45
CA ARG E 135 62.26 1.66 16.91
C ARG E 135 62.53 0.30 16.24
N ALA E 136 62.03 -0.75 16.87
CA ALA E 136 62.22 -2.11 16.41
C ALA E 136 60.89 -2.66 15.92
N GLU E 137 60.77 -2.89 14.61
CA GLU E 137 59.62 -3.63 14.07
C GLU E 137 59.38 -5.01 14.69
N ALA E 138 58.14 -5.47 14.57
CA ALA E 138 57.69 -6.61 15.38
C ALA E 138 58.59 -7.77 15.18
N GLY E 139 58.97 -8.00 13.92
CA GLY E 139 59.71 -9.22 13.51
C GLY E 139 61.21 -9.15 13.69
N ALA E 140 61.73 -7.96 14.03
CA ALA E 140 63.12 -7.79 14.48
C ALA E 140 63.47 -8.83 15.55
N VAL E 141 64.58 -9.54 15.38
CA VAL E 141 65.08 -10.46 16.40
C VAL E 141 65.47 -9.59 17.58
N PHE E 142 65.01 -9.96 18.78
CA PHE E 142 65.05 -9.01 19.89
C PHE E 142 66.51 -8.71 20.32
N ASP E 143 67.31 -9.76 20.34
CA ASP E 143 68.75 -9.69 20.66
C ASP E 143 69.45 -8.75 19.66
N ASP E 144 69.11 -8.82 18.37
CA ASP E 144 69.66 -7.87 17.38
C ASP E 144 69.33 -6.41 17.72
N VAL E 145 68.19 -6.17 18.38
CA VAL E 145 67.88 -4.82 18.90
C VAL E 145 68.84 -4.38 20.02
N VAL E 146 69.09 -5.31 20.92
CA VAL E 146 69.96 -5.07 22.04
C VAL E 146 71.37 -4.71 21.49
N VAL E 147 71.93 -5.63 20.69
CA VAL E 147 73.20 -5.48 19.99
C VAL E 147 73.26 -4.12 19.29
N ARG E 148 72.30 -3.81 18.41
CA ARG E 148 72.39 -2.56 17.70
C ARG E 148 72.32 -1.36 18.67
N ALA E 149 71.65 -1.50 19.81
CA ALA E 149 71.62 -0.42 20.80
C ALA E 149 72.98 -0.23 21.49
N ILE E 150 73.63 -1.34 21.85
CA ILE E 150 74.93 -1.27 22.50
C ILE E 150 75.99 -0.61 21.57
N GLU E 151 76.02 -1.01 20.29
CA GLU E 151 76.92 -0.43 19.28
C GLU E 151 76.70 1.06 19.03
N GLN E 152 75.47 1.54 19.17
CA GLN E 152 75.22 2.99 19.18
C GLN E 152 75.42 3.63 20.57
N GLY E 153 76.03 2.91 21.52
CA GLY E 153 76.27 3.44 22.85
C GLY E 153 75.00 3.83 23.62
N LEU E 154 73.90 3.09 23.39
CA LEU E 154 72.64 3.33 24.10
C LEU E 154 72.44 2.25 25.12
N GLY E 155 72.33 2.65 26.39
CA GLY E 155 72.13 1.72 27.53
C GLY E 155 70.67 1.48 27.91
N GLY E 156 70.40 0.33 28.52
CA GLY E 156 69.06 -0.01 29.07
C GLY E 156 68.48 -1.38 28.71
N LEU E 157 68.99 -1.96 27.62
CA LEU E 157 68.57 -3.28 27.10
C LEU E 157 69.50 -4.43 27.36
N GLU E 158 70.71 -4.10 27.80
CA GLU E 158 71.81 -5.08 27.99
C GLU E 158 71.54 -6.28 28.94
N CYS E 159 70.73 -6.07 29.97
CA CYS E 159 70.31 -7.12 30.92
C CYS E 159 69.35 -8.17 30.31
N LEU E 160 68.81 -7.86 29.12
CA LEU E 160 67.87 -8.75 28.41
C LEU E 160 68.54 -9.49 27.25
N SER E 161 69.89 -9.51 27.26
CA SER E 161 70.63 -10.10 26.16
C SER E 161 70.36 -11.60 26.18
N GLY E 162 70.34 -12.22 25.01
CA GLY E 162 70.12 -13.68 24.92
C GLY E 162 68.68 -14.25 25.12
N ILE E 163 67.69 -13.36 25.32
CA ILE E 163 66.28 -13.74 25.30
C ILE E 163 65.92 -13.96 23.83
N PRO E 164 65.42 -15.17 23.50
CA PRO E 164 65.06 -15.38 22.08
C PRO E 164 63.84 -14.60 21.64
N GLY E 165 63.51 -14.80 20.38
CA GLY E 165 62.27 -14.31 19.80
C GLY E 165 62.36 -12.92 19.23
N SER E 166 61.18 -12.35 19.03
CA SER E 166 60.99 -11.17 18.27
C SER E 166 60.91 -10.01 19.22
N ALA E 167 61.02 -8.81 18.68
CA ALA E 167 60.82 -7.59 19.47
C ALA E 167 59.37 -7.41 19.73
N GLY E 168 58.53 -7.76 18.76
CA GLY E 168 57.06 -7.52 18.91
C GLY E 168 56.39 -8.32 20.01
N ALA E 169 57.00 -9.44 20.40
CA ALA E 169 56.50 -10.33 21.48
C ALA E 169 56.75 -9.85 22.93
N THR E 170 57.88 -9.18 23.06
CA THR E 170 58.35 -8.44 24.25
C THR E 170 57.27 -7.71 25.10
N PRO E 171 56.51 -6.76 24.53
CA PRO E 171 55.45 -6.19 25.33
C PRO E 171 54.34 -7.13 25.84
N VAL E 172 54.04 -8.19 25.10
CA VAL E 172 52.88 -9.06 25.38
C VAL E 172 52.95 -9.58 26.82
N GLN E 173 54.12 -10.13 27.14
CA GLN E 173 54.40 -10.66 28.46
C GLN E 173 55.37 -9.79 29.32
N ASN E 174 55.47 -8.50 29.03
CA ASN E 174 56.50 -7.64 29.60
C ASN E 174 57.84 -8.34 29.79
N VAL E 175 58.40 -8.82 28.69
CA VAL E 175 59.64 -9.61 28.73
C VAL E 175 60.76 -8.99 29.60
N GLY E 176 61.37 -9.81 30.45
CA GLY E 176 62.29 -9.33 31.45
C GLY E 176 63.18 -10.42 32.01
N ALA E 177 64.38 -10.03 32.44
CA ALA E 177 65.33 -10.93 33.14
C ALA E 177 66.43 -10.09 33.81
N TYR E 178 67.04 -10.67 34.87
CA TYR E 178 68.18 -10.06 35.56
C TYR E 178 67.90 -8.60 35.89
N GLY E 179 66.75 -8.39 36.52
CA GLY E 179 66.30 -7.10 37.03
C GLY E 179 65.69 -6.09 36.07
N ALA E 180 65.76 -6.32 34.78
CA ALA E 180 65.10 -5.41 33.83
C ALA E 180 63.86 -6.07 33.17
N GLU E 181 63.01 -5.21 32.65
CA GLU E 181 61.80 -5.57 31.93
C GLU E 181 61.65 -4.56 30.87
N VAL E 182 61.07 -4.95 29.74
CA VAL E 182 60.87 -4.00 28.62
C VAL E 182 60.01 -2.78 29.04
N SER E 183 59.20 -2.92 30.09
CA SER E 183 58.40 -1.73 30.59
C SER E 183 59.27 -0.57 31.09
N ASP E 184 60.49 -0.92 31.55
CA ASP E 184 61.53 0.09 31.95
C ASP E 184 61.77 1.10 30.82
N THR E 185 61.80 0.61 29.56
CA THR E 185 62.18 1.44 28.39
C THR E 185 61.18 1.78 27.28
N ILE E 186 60.08 1.02 27.17
CA ILE E 186 59.14 1.28 26.08
C ILE E 186 58.42 2.59 26.27
N THR E 187 58.43 3.45 25.28
CA THR E 187 57.59 4.63 25.29
C THR E 187 56.18 4.36 24.67
N ARG E 188 56.17 3.61 23.57
CA ARG E 188 54.96 3.49 22.72
C ARG E 188 55.14 2.34 21.78
N VAL E 189 54.01 1.80 21.33
CA VAL E 189 53.91 0.61 20.44
C VAL E 189 52.87 0.86 19.34
N ARG E 190 53.20 0.47 18.11
CA ARG E 190 52.31 0.62 16.98
C ARG E 190 51.42 -0.62 16.97
N LEU E 191 50.12 -0.40 17.16
CA LEU E 191 49.14 -1.51 17.22
C LEU E 191 48.20 -1.56 16.04
N LEU E 192 47.95 -2.77 15.54
CA LEU E 192 46.78 -3.00 14.65
C LEU E 192 45.62 -3.53 15.50
N ASP E 193 44.50 -2.84 15.54
CA ASP E 193 43.28 -3.41 16.15
C ASP E 193 42.58 -4.22 15.04
N ARG E 194 42.65 -5.54 15.13
CA ARG E 194 42.12 -6.39 14.01
C ARG E 194 40.62 -6.24 13.77
N CYS E 195 39.83 -6.04 14.80
CA CYS E 195 38.38 -5.97 14.64
C CYS E 195 37.94 -4.69 13.92
N THR E 196 38.64 -3.58 14.09
CA THR E 196 38.37 -2.32 13.35
C THR E 196 39.26 -2.07 12.15
N GLY E 197 40.37 -2.81 12.01
CA GLY E 197 41.35 -2.58 10.95
C GLY E 197 42.20 -1.30 11.15
N GLU E 198 42.16 -0.72 12.35
CA GLU E 198 42.82 0.57 12.56
C GLU E 198 44.19 0.39 13.20
N VAL E 199 45.09 1.26 12.77
CA VAL E 199 46.47 1.26 13.25
C VAL E 199 46.72 2.57 13.97
N ARG E 200 47.21 2.43 15.20
CA ARG E 200 47.58 3.57 16.03
C ARG E 200 48.80 3.23 16.90
N TRP E 201 49.46 4.30 17.35
CA TRP E 201 50.49 4.19 18.39
C TRP E 201 49.79 4.29 19.74
N VAL E 202 50.23 3.45 20.66
CA VAL E 202 49.66 3.38 21.98
C VAL E 202 50.73 3.49 23.06
N SER E 203 50.48 4.36 24.06
CA SER E 203 51.39 4.62 25.20
C SER E 203 51.68 3.40 26.02
N ALA E 204 52.87 3.30 26.59
CA ALA E 204 53.20 2.22 27.56
C ALA E 204 52.19 2.09 28.70
N ARG E 205 51.72 3.24 29.17
CA ARG E 205 50.68 3.36 30.17
C ARG E 205 49.45 2.49 29.75
N ASP E 206 48.94 2.69 28.53
CA ASP E 206 47.78 1.94 28.01
C ASP E 206 48.01 0.44 27.90
N LEU E 207 49.25 -0.02 27.95
CA LEU E 207 49.53 -1.45 27.92
C LEU E 207 49.44 -2.11 29.27
N ARG E 208 49.41 -1.31 30.33
CA ARG E 208 49.16 -1.78 31.68
C ARG E 208 50.07 -2.92 32.00
N PHE E 209 51.37 -2.70 31.80
CA PHE E 209 52.38 -3.70 32.09
C PHE E 209 52.31 -4.04 33.58
N GLY E 210 52.67 -5.28 33.88
CA GLY E 210 52.86 -5.72 35.25
C GLY E 210 53.79 -6.88 35.11
N TYR E 211 53.96 -7.61 36.17
CA TYR E 211 54.94 -8.67 36.14
C TYR E 211 54.46 -9.76 35.13
N ARG E 212 55.25 -9.97 34.09
CA ARG E 212 54.95 -10.98 33.06
C ARG E 212 53.51 -10.87 32.46
N THR E 213 53.04 -9.64 32.27
CA THR E 213 51.68 -9.43 31.76
C THR E 213 51.54 -8.03 31.21
N SER E 214 50.54 -7.88 30.33
CA SER E 214 50.10 -6.61 29.71
C SER E 214 48.63 -6.78 29.30
N VAL E 215 47.98 -5.76 28.77
CA VAL E 215 46.64 -5.95 28.18
C VAL E 215 46.61 -6.95 27.00
N LEU E 216 47.76 -7.15 26.34
CA LEU E 216 47.95 -8.04 25.18
C LEU E 216 48.02 -9.51 25.53
N LYS E 217 48.24 -9.85 26.81
CA LYS E 217 48.32 -11.23 27.22
C LYS E 217 46.90 -11.84 27.42
N HIS E 218 46.66 -13.01 26.83
CA HIS E 218 45.39 -13.72 26.95
C HIS E 218 45.69 -15.20 26.93
N ALA E 219 44.98 -15.93 27.75
CA ALA E 219 44.98 -17.39 27.76
C ALA E 219 44.68 -18.06 26.41
N ASP E 220 43.81 -17.46 25.63
CA ASP E 220 43.47 -17.96 24.31
C ASP E 220 44.44 -17.37 23.33
N GLY E 221 45.36 -18.20 22.87
CA GLY E 221 46.37 -17.74 21.98
C GLY E 221 45.92 -17.43 20.58
N LEU E 222 44.86 -18.08 20.11
CA LEU E 222 44.38 -17.86 18.75
C LEU E 222 43.53 -16.65 18.62
N ALA E 223 43.42 -15.85 19.70
CA ALA E 223 42.59 -14.66 19.61
C ALA E 223 43.41 -13.53 19.00
N VAL E 224 44.47 -13.15 19.70
CA VAL E 224 45.38 -12.09 19.31
C VAL E 224 44.65 -10.92 18.66
N PRO E 225 43.73 -10.33 19.37
CA PRO E 225 42.91 -9.30 18.68
C PRO E 225 43.65 -8.04 18.25
N THR E 226 44.82 -7.83 18.84
CA THR E 226 45.58 -6.58 18.68
C THR E 226 46.99 -7.02 18.35
N VAL E 227 47.54 -6.52 17.25
CA VAL E 227 48.86 -6.96 16.83
C VAL E 227 49.88 -5.83 16.93
N VAL E 228 50.98 -6.13 17.62
CA VAL E 228 52.12 -5.21 17.72
C VAL E 228 52.90 -5.21 16.39
N LEU E 229 52.95 -4.06 15.71
CA LEU E 229 53.73 -3.87 14.46
C LEU E 229 55.16 -3.33 14.72
N GLU E 230 55.28 -2.39 15.65
CA GLU E 230 56.55 -1.70 15.89
C GLU E 230 56.56 -1.37 17.39
N VAL E 231 57.77 -1.42 17.96
CA VAL E 231 58.04 -1.03 19.36
C VAL E 231 59.08 0.11 19.43
N GLU E 232 58.77 1.12 20.24
CA GLU E 232 59.70 2.24 20.48
C GLU E 232 60.23 2.15 21.91
N PHE E 233 61.56 2.01 22.03
CA PHE E 233 62.29 2.04 23.30
C PHE E 233 63.09 3.37 23.46
N ALA E 234 63.17 3.88 24.68
CA ALA E 234 63.92 5.11 24.98
C ALA E 234 65.03 4.73 25.95
N LEU E 235 66.25 4.97 25.49
CA LEU E 235 67.43 4.38 26.10
C LEU E 235 68.34 5.54 26.54
N ASP E 236 69.40 5.16 27.27
CA ASP E 236 70.31 6.09 27.93
C ASP E 236 71.46 6.46 26.97
N PRO E 237 71.47 7.69 26.39
CA PRO E 237 72.52 8.01 25.39
C PRO E 237 73.93 8.27 26.00
N SER E 238 74.08 8.24 27.32
CA SER E 238 75.40 8.32 27.98
C SER E 238 76.22 7.01 27.92
N GLY E 239 75.66 5.93 27.39
CA GLY E 239 76.37 4.67 27.32
C GLY E 239 76.64 3.97 28.66
N ARG E 240 75.87 4.26 29.67
CA ARG E 240 76.02 3.54 30.91
C ARG E 240 74.93 2.47 31.03
N SER E 241 75.22 1.37 31.68
CA SER E 241 74.22 0.35 31.87
C SER E 241 73.05 0.95 32.59
N ALA E 242 72.04 0.13 32.85
CA ALA E 242 70.92 0.59 33.59
C ALA E 242 71.40 0.29 34.98
N PRO E 243 71.01 1.05 35.97
CA PRO E 243 71.52 0.73 37.30
C PRO E 243 71.34 -0.76 37.69
N LEU E 244 72.45 -1.43 38.06
CA LEU E 244 72.44 -2.85 38.43
C LEU E 244 71.80 -3.07 39.83
N ARG E 245 70.76 -3.91 39.85
CA ARG E 245 69.95 -4.19 41.05
C ARG E 245 69.72 -5.69 41.37
N TYR E 246 69.78 -6.56 40.35
CA TYR E 246 69.63 -8.01 40.53
C TYR E 246 70.83 -8.64 41.27
N GLY E 247 70.55 -9.66 42.10
CA GLY E 247 71.59 -10.38 42.84
C GLY E 247 72.76 -10.91 42.03
N GLU E 248 72.53 -11.97 41.26
CA GLU E 248 73.60 -12.69 40.56
C GLU E 248 74.47 -11.78 39.68
N LEU E 249 73.87 -10.82 38.94
CA LEU E 249 74.66 -9.93 38.04
C LEU E 249 75.58 -8.95 38.81
N ILE E 250 75.21 -8.52 40.04
CA ILE E 250 76.10 -7.65 40.86
C ILE E 250 77.50 -8.29 41.10
N ALA E 251 77.58 -9.63 41.21
CA ALA E 251 78.87 -10.37 41.15
C ALA E 251 79.76 -9.97 39.95
N ALA E 261 77.94 -0.50 34.88
CA ALA E 261 78.98 -0.80 33.88
C ALA E 261 78.66 -0.21 32.54
N ASP E 262 79.54 -0.44 31.56
CA ASP E 262 79.22 -0.17 30.16
C ASP E 262 78.31 -1.33 29.65
N PRO E 263 77.36 -1.02 28.75
CA PRO E 263 76.41 -2.01 28.27
C PRO E 263 77.03 -3.38 27.86
N GLN E 264 78.14 -3.37 27.11
CA GLN E 264 78.78 -4.62 26.59
C GLN E 264 79.31 -5.53 27.69
N ALA E 265 79.77 -4.95 28.79
CA ALA E 265 80.28 -5.78 29.90
C ALA E 265 79.14 -6.56 30.55
N VAL E 266 78.02 -5.86 30.78
CA VAL E 266 76.80 -6.47 31.34
C VAL E 266 76.33 -7.59 30.42
N ARG E 267 76.23 -7.28 29.13
CA ARG E 267 75.79 -8.24 28.13
C ARG E 267 76.62 -9.52 28.13
N GLU E 268 77.94 -9.39 28.25
CA GLU E 268 78.86 -10.54 28.30
C GLU E 268 78.56 -11.39 29.55
N ALA E 269 78.38 -10.72 30.70
CA ALA E 269 78.11 -11.41 31.99
C ALA E 269 76.72 -12.06 32.02
N VAL E 270 75.74 -11.39 31.43
CA VAL E 270 74.36 -11.90 31.35
C VAL E 270 74.33 -13.13 30.43
N LEU E 271 74.93 -13.02 29.24
CA LEU E 271 75.10 -14.21 28.35
C LEU E 271 75.79 -15.38 29.01
N ALA E 272 76.72 -15.08 29.91
CA ALA E 272 77.46 -16.10 30.64
C ALA E 272 76.53 -16.78 31.62
N LEU E 273 75.91 -15.98 32.49
CA LEU E 273 74.97 -16.51 33.46
C LEU E 273 73.85 -17.37 32.83
N ARG E 274 73.32 -16.93 31.70
CA ARG E 274 72.18 -17.63 31.05
C ARG E 274 72.61 -18.98 30.48
N ALA E 275 73.74 -19.01 29.77
CA ALA E 275 74.28 -20.28 29.23
C ALA E 275 74.64 -21.33 30.29
N ARG E 276 75.00 -20.89 31.50
CA ARG E 276 75.12 -21.84 32.65
C ARG E 276 73.72 -22.36 33.05
N LYS E 277 72.73 -21.46 33.10
CA LYS E 277 71.34 -21.83 33.40
C LYS E 277 70.62 -22.53 32.20
N GLY E 278 71.27 -22.67 31.05
CA GLY E 278 70.69 -23.33 29.87
C GLY E 278 69.67 -22.49 29.10
N MET E 279 69.91 -21.19 29.05
CA MET E 279 68.95 -20.16 28.64
C MET E 279 69.47 -19.20 27.54
N VAL E 280 70.43 -19.68 26.74
CA VAL E 280 70.70 -19.11 25.41
C VAL E 280 70.49 -20.27 24.45
N LEU E 281 69.87 -19.99 23.32
CA LEU E 281 69.65 -21.02 22.29
C LEU E 281 70.98 -21.59 21.80
N ASP E 282 71.04 -22.91 21.83
CA ASP E 282 72.22 -23.63 21.45
C ASP E 282 71.74 -24.99 20.93
N PRO E 283 71.59 -25.12 19.59
CA PRO E 283 70.93 -26.28 18.96
C PRO E 283 71.43 -27.69 19.30
N THR E 284 72.70 -27.84 19.68
CA THR E 284 73.22 -29.13 20.12
C THR E 284 72.70 -29.48 21.50
N ASP E 285 72.33 -28.47 22.28
CA ASP E 285 71.93 -28.66 23.67
C ASP E 285 70.39 -28.77 23.82
N HIS E 286 69.88 -29.99 23.95
CA HIS E 286 68.45 -30.24 24.08
C HIS E 286 67.83 -29.58 25.32
N ASP E 287 68.65 -29.18 26.29
CA ASP E 287 68.21 -28.27 27.35
C ASP E 287 67.77 -26.87 26.90
N THR E 288 68.03 -26.51 25.65
CA THR E 288 67.54 -25.26 25.03
C THR E 288 66.38 -25.50 24.05
N TRP E 289 66.04 -26.77 23.81
CA TRP E 289 64.84 -27.15 23.06
C TRP E 289 63.67 -27.00 24.07
N SER E 290 63.27 -25.74 24.27
CA SER E 290 62.36 -25.35 25.33
C SER E 290 61.59 -24.08 24.97
N VAL E 291 60.84 -23.61 25.96
CA VAL E 291 60.24 -22.27 25.95
C VAL E 291 60.73 -21.46 27.15
N GLY E 292 61.94 -21.81 27.61
CA GLY E 292 62.55 -21.16 28.74
C GLY E 292 61.92 -21.70 30.03
N SER E 293 61.74 -20.83 31.01
CA SER E 293 60.97 -21.14 32.20
C SER E 293 59.51 -21.33 31.80
N PHE E 294 58.91 -22.41 32.29
CA PHE E 294 57.55 -22.84 31.92
C PHE E 294 56.51 -22.31 32.89
N PHE E 295 56.90 -22.05 34.15
CA PHE E 295 56.07 -21.34 35.11
C PHE E 295 56.60 -19.96 35.50
N THR E 296 55.69 -19.02 35.66
CA THR E 296 55.98 -17.72 36.21
C THR E 296 56.16 -17.77 37.75
N ASN E 297 56.91 -16.82 38.28
CA ASN E 297 57.12 -16.73 39.72
C ASN E 297 55.85 -16.20 40.38
N PRO E 298 55.25 -16.96 41.31
CA PRO E 298 54.00 -16.51 41.93
C PRO E 298 54.21 -15.40 42.99
N VAL E 299 53.26 -14.48 43.14
CA VAL E 299 53.35 -13.53 44.25
C VAL E 299 52.88 -14.19 45.54
N PRO E 326 55.31 -5.80 45.03
CA PRO E 326 54.26 -4.80 44.75
C PRO E 326 52.86 -5.17 45.27
N ASP E 327 52.48 -6.44 45.15
CA ASP E 327 51.20 -6.93 45.68
C ASP E 327 51.33 -8.08 46.70
N GLY E 328 52.57 -8.37 47.14
CA GLY E 328 52.90 -9.47 48.08
C GLY E 328 54.43 -9.68 48.11
N VAL E 329 54.88 -10.94 48.21
CA VAL E 329 56.30 -11.33 48.04
C VAL E 329 56.41 -12.34 46.91
N LYS E 330 57.21 -12.04 45.89
CA LYS E 330 57.42 -12.95 44.77
C LYS E 330 58.41 -14.04 45.24
N LEU E 331 58.09 -15.30 44.94
CA LEU E 331 58.87 -16.48 45.28
C LEU E 331 59.45 -17.11 44.02
N ALA E 332 60.66 -17.66 44.11
CA ALA E 332 61.29 -18.21 42.92
C ALA E 332 60.67 -19.58 42.67
N ALA E 333 59.96 -19.68 41.55
CA ALA E 333 59.26 -20.90 41.18
C ALA E 333 60.20 -22.09 41.04
N GLY E 334 61.43 -21.85 40.58
CA GLY E 334 62.50 -22.86 40.63
C GLY E 334 62.67 -23.58 41.98
N TRP E 335 62.77 -22.84 43.09
CA TRP E 335 62.92 -23.47 44.44
C TRP E 335 61.67 -24.26 44.76
N LEU E 336 60.48 -23.66 44.57
CA LEU E 336 59.21 -24.37 44.81
C LEU E 336 59.17 -25.69 44.09
N VAL E 337 59.66 -25.69 42.85
CA VAL E 337 59.66 -26.90 42.01
C VAL E 337 60.63 -27.96 42.54
N GLU E 338 61.87 -27.54 42.80
CA GLU E 338 62.93 -28.43 43.29
C GLU E 338 62.56 -28.95 44.67
N ARG E 339 62.15 -28.02 45.53
CA ARG E 339 61.78 -28.34 46.90
C ARG E 339 60.62 -29.32 47.01
N ALA E 340 59.75 -29.38 46.01
CA ALA E 340 58.64 -30.36 46.00
C ALA E 340 58.98 -31.71 45.37
N GLY E 341 60.25 -31.91 44.98
CA GLY E 341 60.75 -33.24 44.58
C GLY E 341 61.13 -33.40 43.14
N PHE E 342 60.95 -32.34 42.34
CA PHE E 342 61.27 -32.34 40.89
C PHE E 342 62.58 -31.59 40.71
N GLY E 343 63.64 -32.37 40.49
CA GLY E 343 64.96 -31.82 40.32
C GLY E 343 65.28 -31.68 38.86
N LYS E 344 66.35 -30.91 38.61
CA LYS E 344 66.96 -30.81 37.29
C LYS E 344 67.14 -32.21 36.69
N GLY E 345 66.79 -32.38 35.41
CA GLY E 345 66.86 -33.66 34.74
C GLY E 345 65.66 -34.61 34.90
N TYR E 346 64.68 -34.27 35.74
CA TYR E 346 63.51 -35.18 35.99
C TYR E 346 62.71 -35.44 34.69
N PRO E 347 62.43 -36.71 34.30
CA PRO E 347 62.93 -37.93 34.97
C PRO E 347 64.42 -38.25 34.71
N ALA E 352 62.57 -41.02 28.39
CA ALA E 352 61.72 -39.86 28.70
C ALA E 352 61.91 -38.78 27.63
N PRO E 353 60.91 -38.59 26.73
CA PRO E 353 60.98 -37.56 25.66
C PRO E 353 60.93 -36.12 26.14
N CYS E 354 60.42 -35.88 27.34
CA CYS E 354 60.41 -34.54 27.91
C CYS E 354 60.89 -34.63 29.30
N ARG E 355 61.80 -33.73 29.65
CA ARG E 355 62.37 -33.72 31.00
C ARG E 355 62.60 -32.29 31.43
N LEU E 356 62.72 -32.06 32.73
CA LEU E 356 63.19 -30.77 33.19
C LEU E 356 64.65 -30.65 32.79
N SER E 357 65.07 -29.42 32.52
CA SER E 357 66.44 -29.14 32.10
C SER E 357 67.41 -29.59 33.19
N THR E 358 68.50 -30.26 32.76
CA THR E 358 69.63 -30.61 33.66
C THR E 358 70.23 -29.32 34.25
N LYS E 359 70.15 -28.25 33.48
CA LYS E 359 70.65 -26.96 33.88
C LYS E 359 69.64 -25.97 34.45
N HIS E 360 68.36 -26.28 34.45
CA HIS E 360 67.37 -25.33 34.94
C HIS E 360 66.02 -26.00 35.14
N ALA E 361 65.62 -26.14 36.39
CA ALA E 361 64.39 -26.83 36.74
C ALA E 361 63.15 -26.29 36.07
N LEU E 362 62.93 -25.00 36.22
CA LEU E 362 61.78 -24.35 35.61
C LEU E 362 61.57 -24.68 34.13
N ALA E 363 62.65 -24.97 33.40
CA ALA E 363 62.58 -25.07 31.96
C ALA E 363 62.29 -26.49 31.49
N LEU E 364 61.06 -26.74 31.02
CA LEU E 364 60.71 -28.04 30.39
C LEU E 364 61.37 -28.18 29.00
N THR E 365 61.89 -29.38 28.68
CA THR E 365 62.71 -29.55 27.49
C THR E 365 62.27 -30.74 26.65
N ASN E 366 62.46 -30.62 25.35
CA ASN E 366 62.15 -31.68 24.38
C ASN E 366 63.43 -32.44 24.20
N ARG E 367 63.46 -33.73 24.55
CA ARG E 367 64.70 -34.50 24.44
C ARG E 367 64.99 -35.01 23.05
N GLY E 368 63.99 -34.96 22.17
CA GLY E 368 64.00 -35.64 20.87
C GLY E 368 62.66 -36.35 20.72
N GLY E 369 61.89 -35.99 19.69
CA GLY E 369 60.55 -36.53 19.44
C GLY E 369 59.48 -36.30 20.52
N ALA E 370 59.47 -35.15 21.20
CA ALA E 370 58.46 -34.91 22.24
C ALA E 370 57.17 -34.41 21.61
N THR E 371 56.05 -34.81 22.19
CA THR E 371 54.75 -34.29 21.78
C THR E 371 54.34 -33.22 22.80
N ALA E 372 53.51 -32.28 22.34
CA ALA E 372 52.78 -31.34 23.21
C ALA E 372 52.13 -32.06 24.39
N GLU E 373 51.61 -33.27 24.16
CA GLU E 373 51.06 -34.06 25.24
C GLU E 373 52.12 -34.44 26.30
N ASP E 374 53.34 -34.78 25.87
CA ASP E 374 54.46 -35.01 26.82
C ASP E 374 54.82 -33.74 27.61
N VAL E 375 54.85 -32.61 26.92
CA VAL E 375 55.19 -31.36 27.58
C VAL E 375 54.16 -31.05 28.65
N VAL E 376 52.86 -30.88 28.27
CA VAL E 376 51.82 -30.54 29.27
C VAL E 376 51.54 -31.59 30.35
N THR E 377 51.81 -32.86 30.07
CA THR E 377 51.67 -33.91 31.11
C THR E 377 52.73 -33.70 32.21
N LEU E 378 53.97 -33.40 31.80
CA LEU E 378 55.05 -33.17 32.77
C LEU E 378 54.76 -31.91 33.52
N ALA E 379 54.34 -30.87 32.78
CA ALA E 379 54.02 -29.58 33.40
C ALA E 379 52.93 -29.66 34.46
N ARG E 380 51.89 -30.46 34.20
CA ARG E 380 50.81 -30.65 35.17
C ARG E 380 51.29 -31.44 36.41
N ALA E 381 52.07 -32.50 36.16
CA ALA E 381 52.72 -33.29 37.22
C ALA E 381 53.48 -32.40 38.19
N VAL E 382 54.35 -31.56 37.64
CA VAL E 382 55.05 -30.52 38.44
C VAL E 382 54.08 -29.57 39.15
N ARG E 383 53.10 -29.03 38.41
CA ARG E 383 52.13 -28.02 38.95
C ARG E 383 51.29 -28.57 40.09
N ASP E 384 50.88 -29.83 39.97
CA ASP E 384 50.07 -30.51 40.99
C ASP E 384 50.92 -30.82 42.18
N GLY E 385 52.15 -31.26 41.92
CA GLY E 385 53.13 -31.56 42.97
C GLY E 385 53.40 -30.37 43.87
N VAL E 386 53.75 -29.23 43.28
CA VAL E 386 53.96 -28.01 44.03
C VAL E 386 52.72 -27.65 44.81
N HIS E 387 51.54 -27.88 44.23
CA HIS E 387 50.31 -27.59 44.93
C HIS E 387 50.20 -28.55 46.14
N ASP E 388 50.40 -29.85 45.89
CA ASP E 388 50.29 -30.88 46.94
C ASP E 388 51.32 -30.69 48.08
N VAL E 389 52.48 -30.11 47.75
CA VAL E 389 53.51 -29.83 48.74
C VAL E 389 53.37 -28.47 49.43
N PHE E 390 53.13 -27.39 48.67
CA PHE E 390 53.12 -26.04 49.25
C PHE E 390 51.78 -25.32 49.29
N GLY E 391 50.76 -25.86 48.61
CA GLY E 391 49.45 -25.17 48.49
C GLY E 391 49.48 -23.88 47.68
N ILE E 392 50.39 -23.82 46.70
CA ILE E 392 50.60 -22.69 45.78
C ILE E 392 50.33 -23.20 44.36
N THR E 393 49.62 -22.38 43.61
CA THR E 393 49.25 -22.67 42.21
C THR E 393 50.20 -21.95 41.26
N LEU E 394 51.07 -22.72 40.65
CA LEU E 394 51.92 -22.20 39.57
C LEU E 394 51.06 -22.04 38.30
N LYS E 395 51.23 -20.92 37.61
CA LYS E 395 50.63 -20.62 36.33
C LYS E 395 51.64 -20.74 35.22
N PRO E 396 51.23 -21.31 34.08
CA PRO E 396 52.18 -21.42 32.99
C PRO E 396 52.49 -20.09 32.30
N GLU E 397 53.70 -19.99 31.79
CA GLU E 397 54.18 -18.78 31.13
C GLU E 397 53.97 -18.81 29.62
N PRO E 398 54.30 -19.93 28.95
CA PRO E 398 54.15 -19.87 27.51
C PRO E 398 52.70 -19.99 27.11
N VAL E 399 52.38 -19.55 25.90
CA VAL E 399 51.04 -19.64 25.36
C VAL E 399 50.86 -21.06 24.85
N LEU E 400 49.72 -21.63 25.20
CA LEU E 400 49.39 -23.03 25.03
C LEU E 400 48.29 -23.18 23.95
N ILE E 401 48.63 -23.70 22.76
CA ILE E 401 47.69 -23.66 21.61
C ILE E 401 47.18 -25.09 21.40
N GLY E 402 45.88 -25.25 21.57
CA GLY E 402 45.30 -26.58 21.53
C GLY E 402 45.75 -27.57 22.57
N CYS E 403 46.26 -27.07 23.69
CA CYS E 403 46.60 -27.91 24.86
C CYS E 403 46.53 -26.99 26.08
N MET E 404 46.81 -27.49 27.26
CA MET E 404 46.38 -26.77 28.45
C MET E 404 47.05 -27.38 29.67
N LEU E 405 47.07 -26.59 30.75
CA LEU E 405 47.24 -27.11 32.13
C LEU E 405 45.90 -26.98 32.85
N ALA F 47 74.34 32.44 20.57
CA ALA F 47 72.89 32.03 20.58
C ALA F 47 72.29 31.99 19.13
N GLY F 48 71.91 33.16 18.63
CA GLY F 48 70.99 33.27 17.51
C GLY F 48 69.64 33.82 17.96
N ALA F 49 69.51 34.21 19.23
CA ALA F 49 68.21 34.53 19.84
C ALA F 49 68.06 36.03 20.10
N HIS F 50 66.83 36.55 20.07
CA HIS F 50 66.58 38.00 20.28
C HIS F 50 66.92 38.44 21.71
N ILE F 51 68.21 38.66 21.99
CA ILE F 51 68.70 39.15 23.30
C ILE F 51 68.18 40.56 23.54
N ALA F 52 67.87 40.87 24.81
CA ALA F 52 67.37 42.18 25.22
C ALA F 52 67.22 42.23 26.75
N ALA F 54 66.85 45.35 30.58
CA ALA F 54 65.97 46.21 29.79
C ALA F 54 64.51 46.06 30.19
N VAL F 55 64.05 44.79 30.33
CA VAL F 55 62.62 44.41 30.23
C VAL F 55 61.79 44.34 31.55
N PRO F 56 60.61 45.03 31.56
CA PRO F 56 59.61 44.68 32.59
C PRO F 56 59.04 43.23 32.38
N LEU F 57 59.27 42.36 33.36
CA LEU F 57 58.81 40.96 33.32
C LEU F 57 57.32 40.84 33.68
N ALA F 58 56.78 41.75 34.48
CA ALA F 58 55.35 41.73 34.86
C ALA F 58 54.36 41.61 33.66
N PRO F 59 54.51 42.48 32.63
CA PRO F 59 53.80 42.27 31.33
C PRO F 59 53.91 40.88 30.69
N LEU F 60 55.03 40.17 30.93
CA LEU F 60 55.18 38.79 30.51
C LEU F 60 54.40 37.71 31.36
N THR F 61 53.72 38.11 32.45
CA THR F 61 53.13 37.12 33.39
C THR F 61 51.64 37.31 33.57
N THR F 62 50.90 36.23 33.89
CA THR F 62 49.43 36.31 34.02
C THR F 62 49.03 37.04 35.30
N LEU F 63 49.88 36.97 36.32
CA LEU F 63 49.65 37.74 37.56
C LEU F 63 49.89 39.25 37.42
N ARG F 64 50.62 39.66 36.37
CA ARG F 64 51.04 41.05 36.12
C ARG F 64 51.90 41.56 37.27
N VAL F 65 52.85 40.71 37.69
CA VAL F 65 53.71 40.94 38.83
C VAL F 65 55.09 40.41 38.49
N GLY F 66 56.10 41.24 38.76
CA GLY F 66 57.50 40.89 38.52
C GLY F 66 58.41 42.12 38.43
N PRO F 67 59.72 41.95 38.68
CA PRO F 67 60.70 43.04 38.52
C PRO F 67 60.99 43.48 37.04
N ILE F 68 62.13 44.19 36.85
CA ILE F 68 62.79 44.39 35.57
C ILE F 68 64.20 43.77 35.64
N ARG F 70 67.04 42.46 33.77
CA ARG F 70 68.27 43.00 33.17
C ARG F 70 68.32 42.61 31.70
N ARG F 71 68.34 41.28 31.48
CA ARG F 71 68.42 40.63 30.16
C ARG F 71 67.35 39.49 30.06
N VAL F 72 66.48 39.56 29.04
CA VAL F 72 65.55 38.47 28.62
C VAL F 72 66.00 37.93 27.25
N ILE F 73 66.51 36.69 27.25
CA ILE F 73 66.86 35.95 26.02
C ILE F 73 65.64 35.14 25.47
N THR F 74 64.97 35.69 24.46
CA THR F 74 63.83 35.06 23.77
C THR F 74 64.28 33.99 22.75
N CYS F 75 64.22 32.71 23.13
CA CYS F 75 64.51 31.60 22.19
C CYS F 75 63.25 31.15 21.36
N THR F 76 63.36 31.19 20.03
CA THR F 76 62.28 30.73 19.11
C THR F 76 62.60 29.40 18.41
N SER F 77 63.58 28.65 18.93
CA SER F 77 63.94 27.35 18.36
C SER F 77 64.61 26.49 19.39
N ALA F 78 64.51 25.17 19.22
CA ALA F 78 65.21 24.22 20.09
C ALA F 78 66.67 24.58 20.21
N GLU F 79 67.35 24.67 19.05
CA GLU F 79 68.78 25.00 18.94
C GLU F 79 69.16 26.25 19.78
N GLN F 80 68.34 27.32 19.68
CA GLN F 80 68.57 28.52 20.49
C GLN F 80 68.51 28.23 22.02
N VAL F 81 67.41 27.60 22.50
CA VAL F 81 67.28 27.24 23.95
C VAL F 81 68.53 26.52 24.50
N VAL F 82 69.02 25.55 23.77
CA VAL F 82 70.21 24.81 24.17
C VAL F 82 71.51 25.68 24.17
N ALA F 83 71.65 26.55 23.17
CA ALA F 83 72.86 27.40 23.02
C ALA F 83 72.86 28.45 24.13
N ALA F 84 71.80 29.24 24.19
CA ALA F 84 71.63 30.22 25.25
C ALA F 84 71.92 29.60 26.62
N LEU F 85 71.24 28.52 26.97
CA LEU F 85 71.50 27.85 28.27
C LEU F 85 72.91 27.23 28.40
N ARG F 86 73.57 26.92 27.27
CA ARG F 86 74.98 26.47 27.29
C ARG F 86 75.93 27.64 27.66
N HIS F 87 75.70 28.84 27.10
CA HIS F 87 76.59 30.02 27.32
C HIS F 87 76.44 30.52 28.75
N LEU F 88 75.19 30.66 29.21
CA LEU F 88 74.90 31.14 30.58
C LEU F 88 75.44 30.16 31.60
N ASP F 89 75.32 28.86 31.37
CA ASP F 89 75.78 27.88 32.36
C ASP F 89 77.29 27.57 32.34
N SER F 90 78.04 28.00 31.31
CA SER F 90 79.54 27.95 31.37
C SER F 90 80.22 29.31 31.70
N ALA F 96 77.04 32.11 41.08
CA ALA F 96 76.37 33.04 40.16
C ALA F 96 74.82 33.08 40.31
N ASP F 97 74.28 34.22 39.87
CA ASP F 97 72.85 34.42 39.65
C ASP F 97 72.39 33.44 38.57
N ARG F 98 71.63 32.42 38.95
CA ARG F 98 71.07 31.48 37.98
C ARG F 98 69.99 32.15 37.14
N PRO F 99 69.86 31.75 35.87
CA PRO F 99 68.85 32.38 35.01
C PRO F 99 67.44 31.88 35.39
N LEU F 100 66.45 32.75 35.16
CA LEU F 100 65.04 32.41 35.30
C LEU F 100 64.58 31.86 33.96
N VAL F 101 64.25 30.57 33.96
CA VAL F 101 63.73 29.88 32.79
C VAL F 101 62.22 29.91 32.94
N PHE F 102 61.51 30.53 31.99
CA PHE F 102 60.05 30.51 31.97
C PHE F 102 59.53 30.66 30.54
N ALA F 103 58.21 30.63 30.37
CA ALA F 103 57.57 30.58 29.04
C ALA F 103 56.07 30.73 29.11
N GLY F 104 55.50 31.90 28.90
CA GLY F 104 54.02 32.05 29.03
C GLY F 104 53.61 32.65 30.37
N GLY F 105 54.41 32.37 31.40
CA GLY F 105 54.32 33.05 32.68
C GLY F 105 53.00 32.95 33.38
N SER F 106 52.30 31.82 33.21
CA SER F 106 50.99 31.64 33.83
C SER F 106 51.04 30.82 35.13
N ASN F 107 52.23 30.43 35.54
CA ASN F 107 52.40 29.69 36.77
C ASN F 107 53.63 30.20 37.56
N LEU F 108 53.77 31.52 37.59
CA LEU F 108 55.01 32.13 38.06
C LEU F 108 54.77 33.38 38.92
N VAL F 109 55.26 33.34 40.16
CA VAL F 109 55.31 34.52 41.03
C VAL F 109 56.75 34.89 41.31
N ILE F 110 57.16 36.01 40.74
CA ILE F 110 58.55 36.40 40.74
C ILE F 110 58.72 37.59 41.67
N ALA F 111 59.57 37.39 42.68
CA ALA F 111 59.87 38.44 43.67
C ALA F 111 60.52 39.72 43.09
N GLU F 112 60.06 40.86 43.62
CA GLU F 112 60.34 42.16 43.01
C GLU F 112 61.60 43.06 43.30
N ASN F 113 62.49 42.94 44.32
CA ASN F 113 62.75 41.91 45.34
C ASN F 113 63.79 40.88 44.84
N VAL F 119 67.08 35.84 32.81
CA VAL F 119 65.79 35.43 32.19
C VAL F 119 65.86 34.79 30.75
N VAL F 120 65.31 33.58 30.57
CA VAL F 120 65.34 32.83 29.26
C VAL F 120 63.92 32.42 28.88
N ARG F 121 63.28 33.12 27.95
CA ARG F 121 61.85 32.91 27.64
C ARG F 121 61.79 31.87 26.49
N LEU F 122 61.12 30.74 26.72
CA LEU F 122 61.05 29.67 25.72
C LEU F 122 59.88 29.97 24.84
N ALA F 123 60.16 30.21 23.58
CA ALA F 123 59.16 30.51 22.59
C ALA F 123 59.29 29.68 21.35
N ASN F 124 59.85 28.50 21.47
CA ASN F 124 59.96 27.63 20.34
C ASN F 124 58.59 27.04 20.09
N SER F 125 57.81 27.71 19.26
CA SER F 125 56.47 27.30 18.93
C SER F 125 56.62 26.43 17.74
N GLY F 126 55.90 25.33 17.71
CA GLY F 126 56.00 24.36 16.61
C GLY F 126 55.22 23.11 16.94
N ILE F 127 54.23 22.75 16.12
CA ILE F 127 53.35 21.61 16.38
C ILE F 127 53.27 20.71 15.17
N THR F 128 53.46 19.41 15.39
CA THR F 128 53.46 18.43 14.32
C THR F 128 52.49 17.28 14.65
N ILE F 129 51.77 16.82 13.62
CA ILE F 129 50.90 15.63 13.69
C ILE F 129 51.56 14.56 12.85
N ASP F 130 51.45 13.32 13.29
CA ASP F 130 52.08 12.18 12.64
C ASP F 130 51.19 11.00 13.04
N GLY F 131 50.07 10.89 12.33
CA GLY F 131 49.03 9.90 12.64
C GLY F 131 48.29 10.33 13.90
N ASN F 132 48.24 9.45 14.90
CA ASN F 132 47.65 9.77 16.22
C ASN F 132 48.58 10.44 17.28
N LEU F 133 49.86 10.61 16.92
CA LEU F 133 50.89 11.33 17.67
C LEU F 133 50.90 12.81 17.37
N VAL F 134 50.84 13.64 18.44
CA VAL F 134 51.04 15.09 18.36
C VAL F 134 52.31 15.48 19.14
N ARG F 135 53.24 16.18 18.46
CA ARG F 135 54.47 16.66 19.07
C ARG F 135 54.40 18.15 19.10
N ALA F 136 54.28 18.71 20.31
CA ALA F 136 54.23 20.13 20.54
C ALA F 136 55.57 20.56 21.15
N GLU F 137 56.19 21.56 20.54
CA GLU F 137 57.41 22.14 21.11
C GLU F 137 57.11 23.05 22.31
N ALA F 138 58.08 23.13 23.21
CA ALA F 138 57.90 23.72 24.55
C ALA F 138 57.12 25.05 24.57
N GLY F 139 57.42 25.91 23.59
CA GLY F 139 56.88 27.26 23.50
C GLY F 139 55.53 27.38 22.83
N ALA F 140 55.04 26.29 22.24
CA ALA F 140 53.71 26.29 21.66
C ALA F 140 52.69 26.66 22.74
N VAL F 141 51.72 27.49 22.41
CA VAL F 141 50.57 27.65 23.30
C VAL F 141 49.83 26.28 23.34
N PHE F 142 49.71 25.74 24.55
CA PHE F 142 49.04 24.47 24.80
C PHE F 142 47.60 24.43 24.29
N ASP F 143 46.82 25.48 24.54
CA ASP F 143 45.48 25.56 23.98
C ASP F 143 45.46 25.38 22.43
N ASP F 144 46.47 25.92 21.71
CA ASP F 144 46.62 25.66 20.24
C ASP F 144 46.83 24.20 19.92
N VAL F 145 47.64 23.54 20.76
CA VAL F 145 47.87 22.11 20.67
C VAL F 145 46.54 21.37 20.83
N VAL F 146 45.64 21.87 21.71
CA VAL F 146 44.36 21.20 21.92
C VAL F 146 43.51 21.31 20.66
N VAL F 147 43.41 22.54 20.14
CA VAL F 147 42.66 22.86 18.91
C VAL F 147 43.13 22.00 17.72
N ARG F 148 44.42 22.02 17.42
CA ARG F 148 44.98 21.26 16.29
C ARG F 148 44.71 19.73 16.35
N ALA F 149 44.56 19.20 17.56
CA ALA F 149 44.16 17.81 17.76
C ALA F 149 42.70 17.59 17.36
N ILE F 150 41.84 18.41 17.93
CA ILE F 150 40.41 18.42 17.63
C ILE F 150 40.19 18.56 16.12
N GLU F 151 40.80 19.60 15.54
CA GLU F 151 40.84 19.83 14.08
C GLU F 151 41.22 18.56 13.26
N GLN F 152 42.08 17.68 13.78
CA GLN F 152 42.43 16.39 13.09
C GLN F 152 41.64 15.15 13.56
N GLY F 153 40.50 15.35 14.21
CA GLY F 153 39.78 14.22 14.77
C GLY F 153 40.58 13.38 15.75
N LEU F 154 41.50 13.99 16.52
CA LEU F 154 42.25 13.26 17.57
C LEU F 154 41.74 13.68 18.97
N GLY F 155 41.16 12.72 19.70
CA GLY F 155 40.57 12.99 21.01
C GLY F 155 41.49 12.63 22.16
N GLY F 156 41.34 13.34 23.26
CA GLY F 156 42.18 13.15 24.47
C GLY F 156 42.54 14.42 25.23
N LEU F 157 42.75 15.49 24.47
CA LEU F 157 43.13 16.79 25.05
C LEU F 157 41.96 17.74 25.34
N GLU F 158 40.77 17.48 24.78
CA GLU F 158 39.62 18.41 24.91
C GLU F 158 39.26 18.86 26.33
N CYS F 159 39.45 17.98 27.31
CA CYS F 159 39.19 18.34 28.71
C CYS F 159 40.11 19.45 29.27
N LEU F 160 41.26 19.62 28.63
CA LEU F 160 42.26 20.56 29.08
C LEU F 160 42.17 21.85 28.30
N SER F 161 40.99 22.16 27.75
CA SER F 161 40.77 23.37 26.96
C SER F 161 40.79 24.58 27.87
N GLY F 162 41.28 25.70 27.34
CA GLY F 162 41.37 26.95 28.08
C GLY F 162 42.40 27.04 29.20
N ILE F 163 43.33 26.08 29.29
CA ILE F 163 44.40 26.12 30.29
C ILE F 163 45.48 26.94 29.65
N PRO F 164 45.81 28.12 30.24
CA PRO F 164 46.71 29.02 29.55
C PRO F 164 48.17 28.52 29.50
N GLY F 165 48.97 29.29 28.80
CA GLY F 165 50.40 29.02 28.72
C GLY F 165 50.80 27.91 27.78
N SER F 166 52.00 27.41 28.02
CA SER F 166 52.78 26.66 27.05
C SER F 166 52.64 25.16 27.20
N ALA F 167 53.08 24.48 26.15
CA ALA F 167 53.05 23.03 26.05
C ALA F 167 54.12 22.36 26.91
N GLY F 168 55.30 22.99 26.95
CA GLY F 168 56.48 22.40 27.64
C GLY F 168 56.35 22.41 29.15
N ALA F 169 55.61 23.40 29.64
CA ALA F 169 55.25 23.41 31.05
C ALA F 169 54.34 22.28 31.47
N THR F 170 53.53 21.71 30.56
CA THR F 170 52.45 20.80 31.02
C THR F 170 52.91 19.56 31.81
N PRO F 171 54.00 18.88 31.38
CA PRO F 171 54.55 17.76 32.19
C PRO F 171 55.11 18.13 33.58
N VAL F 172 55.52 19.39 33.77
CA VAL F 172 56.20 19.75 35.02
C VAL F 172 55.27 19.46 36.21
N GLN F 173 54.08 20.02 36.16
CA GLN F 173 53.10 19.81 37.22
C GLN F 173 51.98 18.87 36.81
N ASN F 174 52.17 18.07 35.77
CA ASN F 174 51.12 17.19 35.25
C ASN F 174 49.81 17.93 35.09
N VAL F 175 49.86 18.97 34.29
CA VAL F 175 48.71 19.85 34.11
C VAL F 175 47.40 19.08 33.79
N GLY F 176 46.33 19.53 34.41
CA GLY F 176 45.08 18.76 34.49
C GLY F 176 43.88 19.57 34.93
N ALA F 177 42.69 19.14 34.48
CA ALA F 177 41.42 19.87 34.66
C ALA F 177 40.27 19.01 34.10
N TYR F 178 39.14 18.95 34.81
CA TYR F 178 37.92 18.31 34.30
C TYR F 178 38.11 16.83 33.96
N GLY F 179 38.74 16.08 34.88
CA GLY F 179 39.01 14.66 34.75
C GLY F 179 40.26 14.18 34.03
N ALA F 180 40.90 15.07 33.27
CA ALA F 180 42.09 14.72 32.47
C ALA F 180 43.38 15.27 33.08
N GLU F 181 44.47 14.57 32.81
CA GLU F 181 45.85 14.97 33.11
C GLU F 181 46.66 14.72 31.83
N VAL F 182 47.69 15.52 31.56
CA VAL F 182 48.59 15.25 30.43
C VAL F 182 49.24 13.86 30.56
N SER F 183 49.44 13.31 31.79
CA SER F 183 49.89 11.89 31.96
C SER F 183 49.04 10.83 31.28
N ASP F 184 47.74 11.11 31.11
CA ASP F 184 46.85 10.20 30.39
C ASP F 184 47.28 9.99 28.94
N THR F 185 47.82 11.03 28.28
CA THR F 185 48.24 10.95 26.88
C THR F 185 49.77 11.00 26.50
N ILE F 186 50.63 11.61 27.34
CA ILE F 186 52.06 11.74 27.03
C ILE F 186 52.84 10.43 26.96
N THR F 187 53.53 10.27 25.84
CA THR F 187 54.39 9.12 25.68
C THR F 187 55.83 9.40 26.09
N ARG F 188 56.34 10.56 25.70
CA ARG F 188 57.75 10.89 25.96
C ARG F 188 57.97 12.37 25.85
N VAL F 189 59.10 12.82 26.40
CA VAL F 189 59.39 14.27 26.45
C VAL F 189 60.86 14.49 26.10
N ARG F 190 61.14 15.53 25.32
CA ARG F 190 62.51 15.81 24.89
C ARG F 190 63.07 16.79 25.92
N LEU F 191 64.13 16.34 26.60
CA LEU F 191 64.72 17.05 27.76
C LEU F 191 66.16 17.49 27.50
N LEU F 192 66.45 18.77 27.76
CA LEU F 192 67.84 19.21 27.90
C LEU F 192 68.23 19.00 29.36
N ASP F 193 69.20 18.14 29.60
CA ASP F 193 69.89 18.12 30.87
C ASP F 193 70.97 19.30 30.82
N ARG F 194 70.79 20.34 31.64
CA ARG F 194 71.71 21.47 31.65
C ARG F 194 73.15 21.20 32.20
N CYS F 195 73.30 20.32 33.21
CA CYS F 195 74.61 19.87 33.72
C CYS F 195 75.51 19.28 32.61
N THR F 196 75.00 18.30 31.86
CA THR F 196 75.77 17.60 30.82
C THR F 196 75.69 18.26 29.46
N GLY F 197 74.70 19.12 29.23
CA GLY F 197 74.42 19.65 27.88
C GLY F 197 73.79 18.66 26.89
N GLU F 198 73.51 17.42 27.34
CA GLU F 198 72.86 16.36 26.52
C GLU F 198 71.31 16.49 26.44
N VAL F 199 70.82 16.38 25.21
CA VAL F 199 69.42 16.32 24.87
C VAL F 199 69.05 14.84 24.74
N ARG F 200 67.88 14.48 25.31
CA ARG F 200 67.29 13.17 25.08
C ARG F 200 65.77 13.10 25.31
N TRP F 201 65.16 12.10 24.67
CA TRP F 201 63.75 11.79 24.97
C TRP F 201 63.69 10.93 26.18
N VAL F 202 62.71 11.19 27.01
CA VAL F 202 62.52 10.43 28.27
C VAL F 202 61.07 9.91 28.27
N SER F 203 60.89 8.67 28.71
CA SER F 203 59.57 8.05 28.85
C SER F 203 58.64 8.72 29.86
N ALA F 204 57.33 8.64 29.59
CA ALA F 204 56.30 9.01 30.58
C ALA F 204 56.59 8.50 31.98
N ARG F 205 56.93 7.22 32.03
CA ARG F 205 57.21 6.50 33.24
C ARG F 205 58.39 7.10 34.02
N ASP F 206 59.46 7.50 33.32
CA ASP F 206 60.66 8.05 33.96
C ASP F 206 60.29 9.38 34.56
N LEU F 207 59.26 10.03 34.03
CA LEU F 207 58.77 11.27 34.65
C LEU F 207 57.96 11.12 35.94
N ARG F 208 57.66 9.90 36.39
CA ARG F 208 56.99 9.65 37.70
C ARG F 208 55.82 10.61 37.93
N PHE F 209 54.90 10.59 36.99
CA PHE F 209 53.75 11.48 37.04
C PHE F 209 52.86 11.11 38.23
N GLY F 210 52.24 12.14 38.81
CA GLY F 210 51.24 12.01 39.87
C GLY F 210 50.43 13.28 39.84
N TYR F 211 49.53 13.42 40.79
CA TYR F 211 48.66 14.58 40.84
C TYR F 211 49.59 15.82 41.10
N ARG F 212 49.43 16.83 40.29
CA ARG F 212 50.26 18.02 40.25
C ARG F 212 51.80 17.80 40.55
N THR F 213 52.33 16.69 40.06
CA THR F 213 53.73 16.36 40.29
C THR F 213 54.36 15.55 39.16
N SER F 214 55.69 15.58 39.15
CA SER F 214 56.59 14.88 38.21
C SER F 214 57.99 15.09 38.74
N VAL F 215 58.95 14.31 38.25
CA VAL F 215 60.39 14.58 38.53
C VAL F 215 60.86 15.93 38.04
N LEU F 216 60.10 16.58 37.16
CA LEU F 216 60.52 17.89 36.72
C LEU F 216 60.21 18.99 37.71
N LYS F 217 59.31 18.72 38.68
CA LYS F 217 58.89 19.73 39.66
C LYS F 217 59.85 19.80 40.86
N HIS F 218 60.16 21.05 41.23
CA HIS F 218 61.15 21.34 42.29
C HIS F 218 60.78 22.52 43.25
N ALA F 219 61.02 22.28 44.53
CA ALA F 219 60.76 23.32 45.54
C ALA F 219 61.58 24.57 45.18
N ASP F 220 62.85 24.34 44.84
CA ASP F 220 63.73 25.42 44.36
C ASP F 220 63.35 25.77 42.89
N GLY F 221 62.31 26.61 42.77
CA GLY F 221 61.80 27.08 41.45
C GLY F 221 62.74 27.70 40.42
N LEU F 222 63.87 28.21 40.91
CA LEU F 222 64.89 28.80 40.06
C LEU F 222 65.70 27.72 39.34
N ALA F 223 66.07 26.64 40.05
CA ALA F 223 67.01 25.61 39.56
C ALA F 223 66.76 25.10 38.13
N VAL F 224 65.62 24.44 37.91
CA VAL F 224 65.24 23.90 36.59
C VAL F 224 66.45 23.20 35.97
N PRO F 225 66.94 22.13 36.63
CA PRO F 225 68.08 21.40 36.04
C PRO F 225 67.77 20.86 34.63
N THR F 226 66.51 20.47 34.44
CA THR F 226 66.02 19.85 33.21
C THR F 226 64.97 20.70 32.52
N VAL F 227 65.22 21.06 31.26
CA VAL F 227 64.33 21.90 30.47
C VAL F 227 63.67 21.06 29.37
N VAL F 228 62.33 21.10 29.34
CA VAL F 228 61.53 20.39 28.36
C VAL F 228 61.56 21.16 27.05
N LEU F 229 61.99 20.50 25.99
CA LEU F 229 62.08 21.11 24.65
C LEU F 229 60.87 20.76 23.78
N GLU F 230 60.39 19.52 23.92
CA GLU F 230 59.30 18.98 23.10
C GLU F 230 58.50 17.95 23.91
N VAL F 231 57.19 17.92 23.67
CA VAL F 231 56.28 16.96 24.30
C VAL F 231 55.51 16.13 23.26
N GLU F 232 55.57 14.81 23.37
CA GLU F 232 54.74 13.91 22.51
C GLU F 232 53.50 13.35 23.27
N PHE F 233 52.34 13.56 22.65
CA PHE F 233 51.03 13.01 23.09
C PHE F 233 50.51 11.90 22.07
N ALA F 234 50.13 10.71 22.57
CA ALA F 234 49.47 9.70 21.74
C ALA F 234 47.96 9.89 21.90
N LEU F 235 47.29 10.43 20.86
CA LEU F 235 45.83 10.71 20.94
C LEU F 235 44.92 9.62 20.27
N ASP F 236 43.61 9.79 20.33
CA ASP F 236 42.70 8.75 19.85
C ASP F 236 42.20 9.10 18.43
N PRO F 237 42.63 8.29 17.40
CA PRO F 237 42.28 8.58 15.98
C PRO F 237 40.76 8.44 15.62
N SER F 238 40.02 7.60 16.34
CA SER F 238 38.59 7.47 16.12
C SER F 238 37.83 8.77 16.32
N GLY F 239 38.44 9.76 16.99
CA GLY F 239 37.85 11.11 17.12
C GLY F 239 36.78 11.18 18.17
N ARG F 240 36.74 10.16 19.02
CA ARG F 240 35.83 10.13 20.13
C ARG F 240 36.68 10.72 21.29
N SER F 241 36.03 11.44 22.21
CA SER F 241 36.72 12.09 23.33
C SER F 241 37.23 11.07 24.35
N ALA F 242 38.05 11.56 25.28
CA ALA F 242 38.43 10.80 26.46
C ALA F 242 37.18 10.51 27.31
N PRO F 243 37.17 9.38 28.05
CA PRO F 243 36.09 9.09 29.03
C PRO F 243 35.77 10.30 29.89
N LEU F 244 34.47 10.61 30.04
CA LEU F 244 34.03 11.71 30.90
C LEU F 244 33.99 11.29 32.36
N ARG F 245 35.02 11.64 33.13
CA ARG F 245 35.11 11.31 34.55
C ARG F 245 34.53 12.43 35.45
N TYR F 246 34.68 13.69 35.04
CA TYR F 246 34.40 14.84 35.91
C TYR F 246 32.88 15.18 36.07
N GLY F 247 32.42 15.29 37.32
CA GLY F 247 31.01 15.53 37.67
C GLY F 247 30.37 16.73 36.97
N GLU F 248 30.91 17.92 37.22
CA GLU F 248 30.39 19.16 36.62
C GLU F 248 30.34 19.11 35.10
N LEU F 249 31.22 18.32 34.48
CA LEU F 249 31.27 18.16 33.02
C LEU F 249 30.27 17.12 32.49
N ILE F 250 30.00 16.07 33.27
CA ILE F 250 29.06 15.01 32.85
C ILE F 250 27.65 15.57 32.89
N ALA F 251 27.33 16.28 33.98
CA ALA F 251 26.08 17.01 34.12
C ALA F 251 25.89 18.05 33.01
N ALA F 252 26.93 18.87 32.76
CA ALA F 252 26.83 19.95 31.77
C ALA F 252 26.68 19.45 30.32
N LEU F 253 26.91 18.16 30.07
CA LEU F 253 26.58 17.49 28.77
C LEU F 253 25.49 16.39 28.85
N ASN F 254 24.80 16.25 29.99
CA ASN F 254 23.82 15.15 30.24
C ASN F 254 24.31 13.77 29.76
N ALA F 255 25.47 13.30 30.24
CA ALA F 255 26.01 11.96 29.89
C ALA F 255 26.16 11.09 31.13
N ARG F 260 32.05 8.81 26.55
CA ARG F 260 32.78 9.17 25.32
C ARG F 260 31.91 10.04 24.35
N ALA F 261 32.49 11.11 23.78
CA ALA F 261 31.73 12.21 23.12
C ALA F 261 32.52 12.96 22.02
N ASP F 262 31.91 13.99 21.43
CA ASP F 262 32.60 14.79 20.43
C ASP F 262 33.56 15.76 21.15
N PRO F 263 34.84 15.83 20.70
CA PRO F 263 35.88 16.70 21.28
C PRO F 263 35.50 18.18 21.31
N GLN F 264 35.03 18.67 20.17
CA GLN F 264 34.61 20.05 20.05
C GLN F 264 33.45 20.37 21.01
N ALA F 265 32.58 19.40 21.26
CA ALA F 265 31.44 19.58 22.15
C ALA F 265 31.91 19.71 23.60
N VAL F 266 32.81 18.80 24.00
CA VAL F 266 33.42 18.73 25.36
C VAL F 266 34.21 20.01 25.66
N ARG F 267 34.96 20.45 24.66
CA ARG F 267 35.63 21.73 24.66
C ARG F 267 34.67 22.91 24.87
N GLU F 268 33.55 22.93 24.15
CA GLU F 268 32.59 24.03 24.33
C GLU F 268 32.02 24.02 25.75
N ALA F 269 31.71 22.84 26.30
CA ALA F 269 31.23 22.75 27.70
C ALA F 269 32.29 23.21 28.73
N VAL F 270 33.56 22.93 28.41
CA VAL F 270 34.69 23.16 29.30
C VAL F 270 35.08 24.64 29.33
N LEU F 271 35.25 25.24 28.15
CA LEU F 271 35.50 26.68 28.00
C LEU F 271 34.40 27.50 28.62
N ALA F 272 33.19 26.95 28.53
CA ALA F 272 32.02 27.53 29.20
C ALA F 272 32.12 27.37 30.71
N LEU F 273 32.39 26.16 31.21
CA LEU F 273 32.53 25.94 32.66
C LEU F 273 33.64 26.77 33.31
N ARG F 274 34.72 27.02 32.55
CA ARG F 274 35.87 27.81 33.05
C ARG F 274 35.53 29.31 33.21
N ALA F 275 34.82 29.88 32.22
CA ALA F 275 34.36 31.31 32.26
C ALA F 275 33.53 31.67 33.50
N ARG F 276 32.57 30.81 33.84
CA ARG F 276 31.80 30.95 35.09
C ARG F 276 32.68 30.99 36.39
N LYS F 277 33.96 30.62 36.26
CA LYS F 277 34.94 30.58 37.34
C LYS F 277 36.14 31.49 37.05
N GLY F 278 36.03 32.34 36.02
CA GLY F 278 37.13 33.16 35.53
C GLY F 278 38.45 32.42 35.45
N MET F 279 38.42 31.23 34.83
CA MET F 279 39.60 30.35 34.63
C MET F 279 40.04 30.23 33.18
N VAL F 280 39.46 31.06 32.30
CA VAL F 280 40.04 31.36 30.99
C VAL F 280 40.42 32.85 31.01
N LEU F 281 41.55 33.16 30.39
CA LEU F 281 42.06 34.51 30.33
C LEU F 281 41.11 35.50 29.69
N ASP F 282 41.32 36.76 29.98
CA ASP F 282 40.47 37.81 29.48
C ASP F 282 41.07 39.07 30.04
N PRO F 283 41.97 39.67 29.28
CA PRO F 283 42.65 40.88 29.78
C PRO F 283 41.75 41.95 30.48
N THR F 284 40.47 42.06 30.08
CA THR F 284 39.46 42.95 30.72
C THR F 284 39.05 42.54 32.13
N ASP F 285 39.08 41.23 32.45
CA ASP F 285 38.60 40.74 33.75
C ASP F 285 39.76 40.53 34.73
N HIS F 286 39.75 41.33 35.81
CA HIS F 286 40.79 41.26 36.82
C HIS F 286 40.73 39.95 37.66
N ASP F 287 39.59 39.24 37.63
CA ASP F 287 39.48 37.89 38.21
C ASP F 287 40.40 36.86 37.56
N THR F 288 40.84 37.20 36.36
CA THR F 288 41.67 36.36 35.50
C THR F 288 43.17 36.72 35.58
N TRP F 289 43.50 37.90 36.12
CA TRP F 289 44.90 38.31 36.38
C TRP F 289 45.44 37.49 37.53
N SER F 290 45.91 36.26 37.24
CA SER F 290 46.04 35.24 38.29
C SER F 290 47.06 34.20 37.89
N VAL F 291 47.21 33.17 38.72
CA VAL F 291 47.89 31.93 38.29
C VAL F 291 46.98 30.70 38.41
N GLY F 292 45.70 30.89 38.09
CA GLY F 292 44.68 29.84 38.29
C GLY F 292 44.49 29.63 39.79
N SER F 293 44.24 28.39 40.18
CA SER F 293 44.07 28.05 41.56
C SER F 293 45.42 28.15 42.21
N PHE F 294 45.49 28.92 43.30
CA PHE F 294 46.79 29.22 43.93
C PHE F 294 47.25 28.06 44.77
N PHE F 295 46.32 27.26 45.31
CA PHE F 295 46.65 26.05 46.07
C PHE F 295 46.06 24.80 45.42
N THR F 296 46.74 23.67 45.57
CA THR F 296 46.27 22.42 45.02
C THR F 296 45.34 21.75 46.02
N ASN F 297 44.51 20.87 45.52
CA ASN F 297 43.64 20.07 46.37
C ASN F 297 44.46 19.08 47.16
N PRO F 298 44.29 19.08 48.50
CA PRO F 298 45.10 18.17 49.33
C PRO F 298 44.57 16.76 49.39
N VAL F 299 45.49 15.79 49.51
CA VAL F 299 45.13 14.40 49.69
C VAL F 299 45.38 14.05 51.13
N VAL F 300 44.30 13.64 51.80
CA VAL F 300 44.27 13.33 53.22
C VAL F 300 44.04 11.84 53.43
N THR F 301 44.11 11.37 54.65
CA THR F 301 43.76 9.98 54.93
C THR F 301 42.23 9.84 54.96
N GLN F 302 41.76 8.59 55.06
CA GLN F 302 40.33 8.31 55.26
C GLN F 302 39.91 8.88 56.58
N ASP F 303 40.74 8.63 57.60
CA ASP F 303 40.54 9.20 58.95
C ASP F 303 40.25 10.72 58.92
N VAL F 304 41.16 11.48 58.33
CA VAL F 304 40.97 12.92 58.24
C VAL F 304 39.63 13.22 57.59
N TYR F 305 39.34 12.62 56.43
CA TYR F 305 38.06 12.93 55.72
C TYR F 305 36.81 12.67 56.60
N GLU F 306 36.84 11.61 57.42
CA GLU F 306 35.69 11.23 58.25
C GLU F 306 35.44 12.28 59.32
N ARG F 307 36.52 12.69 59.98
CA ARG F 307 36.50 13.83 60.91
C ARG F 307 35.93 15.10 60.27
N LEU F 308 36.30 15.38 59.01
CA LEU F 308 35.76 16.57 58.33
C LEU F 308 34.30 16.40 57.95
N ALA F 309 33.93 15.19 57.51
CA ALA F 309 32.55 14.89 57.13
C ALA F 309 31.61 14.95 58.33
N GLY F 310 32.01 14.28 59.42
CA GLY F 310 31.29 14.32 60.70
C GLY F 310 31.06 15.74 61.19
N ASP F 311 32.16 16.48 61.34
CA ASP F 311 32.15 17.91 61.72
C ASP F 311 31.23 18.79 60.87
N ALA F 312 31.32 18.65 59.56
CA ALA F 312 30.50 19.44 58.64
C ALA F 312 28.98 19.06 58.69
N ALA F 313 28.67 17.81 59.05
CA ALA F 313 27.29 17.40 59.31
C ALA F 313 26.78 18.08 60.57
N THR F 314 27.48 17.90 61.69
CA THR F 314 27.13 18.61 62.92
C THR F 314 26.84 20.10 62.69
N ARG F 315 27.58 20.76 61.81
CA ARG F 315 27.38 22.20 61.59
C ARG F 315 26.50 22.54 60.37
N LYS F 316 25.86 21.52 59.76
CA LYS F 316 25.09 21.67 58.50
C LYS F 316 25.72 22.69 57.48
N ASP F 317 26.98 22.46 57.09
CA ASP F 317 27.63 23.24 55.99
C ASP F 317 28.43 22.38 54.96
N GLY F 318 28.06 21.11 54.89
CA GLY F 318 28.65 20.13 53.97
C GLY F 318 27.63 19.64 52.93
N PRO F 319 27.85 18.48 52.31
CA PRO F 319 29.01 17.60 52.61
C PRO F 319 30.33 18.19 52.07
N VAL F 320 31.38 17.43 52.28
CA VAL F 320 32.72 17.85 51.97
C VAL F 320 33.07 17.24 50.60
N PRO F 321 33.14 18.07 49.54
CA PRO F 321 33.41 17.50 48.22
C PRO F 321 34.75 16.77 48.19
N HIS F 322 34.74 15.55 47.66
CA HIS F 322 35.94 14.75 47.46
C HIS F 322 36.02 14.14 46.05
N TYR F 323 37.21 13.68 45.71
CA TYR F 323 37.48 13.01 44.44
C TYR F 323 38.41 11.88 44.81
N PRO F 324 38.37 10.77 44.07
CA PRO F 324 39.20 9.63 44.46
C PRO F 324 40.69 9.91 44.17
N ALA F 325 41.59 9.31 44.92
CA ALA F 325 43.02 9.46 44.64
C ALA F 325 43.77 8.18 45.04
N PRO F 326 44.86 7.86 44.34
CA PRO F 326 45.55 6.61 44.69
C PRO F 326 46.10 6.57 46.13
N ASP F 327 46.48 7.73 46.67
CA ASP F 327 47.15 7.86 47.99
C ASP F 327 46.24 8.20 49.22
N GLY F 328 44.92 8.21 49.04
CA GLY F 328 43.95 8.61 50.09
C GLY F 328 42.73 9.34 49.47
N VAL F 329 42.32 10.47 50.04
CA VAL F 329 41.13 11.20 49.55
C VAL F 329 41.50 12.65 49.24
N LYS F 330 41.30 13.06 47.97
CA LYS F 330 41.47 14.46 47.57
C LYS F 330 40.22 15.23 48.01
N LEU F 331 40.42 16.41 48.61
CA LEU F 331 39.39 17.34 48.95
C LEU F 331 39.41 18.58 48.05
N ALA F 332 38.28 19.28 47.91
CA ALA F 332 38.25 20.53 47.14
C ALA F 332 38.78 21.66 47.99
N ALA F 333 40.02 22.07 47.71
CA ALA F 333 40.67 23.16 48.43
C ALA F 333 39.79 24.40 48.50
N GLY F 334 39.11 24.72 47.41
CA GLY F 334 38.19 25.86 47.34
C GLY F 334 37.03 25.81 48.33
N TRP F 335 36.52 24.61 48.62
CA TRP F 335 35.63 24.42 49.77
C TRP F 335 36.32 24.69 51.17
N LEU F 336 37.52 24.17 51.40
CA LEU F 336 38.21 24.49 52.66
C LEU F 336 38.41 26.00 52.85
N VAL F 337 38.74 26.70 51.76
CA VAL F 337 39.00 28.13 51.80
C VAL F 337 37.73 28.89 52.15
N GLU F 338 36.63 28.56 51.49
CA GLU F 338 35.38 29.27 51.82
C GLU F 338 34.92 28.94 53.23
N ARG F 339 35.11 27.70 53.68
CA ARG F 339 34.72 27.29 55.03
C ARG F 339 35.64 27.92 56.11
N ALA F 340 36.89 28.18 55.79
CA ALA F 340 37.78 28.86 56.73
C ALA F 340 37.42 30.34 56.97
N GLY F 341 36.62 30.93 56.10
CA GLY F 341 36.15 32.31 56.23
C GLY F 341 36.61 33.24 55.11
N PHE F 342 37.23 32.71 54.04
CA PHE F 342 37.69 33.56 52.92
C PHE F 342 36.80 33.31 51.69
N GLY F 343 35.82 34.22 51.51
CA GLY F 343 34.86 34.13 50.42
C GLY F 343 35.46 34.61 49.12
N LYS F 344 34.75 34.34 48.02
CA LYS F 344 35.04 34.97 46.74
C LYS F 344 35.15 36.48 46.97
N GLY F 345 36.19 37.10 46.40
CA GLY F 345 36.39 38.53 46.53
C GLY F 345 36.97 38.98 47.88
N TYR F 346 37.33 38.04 48.76
CA TYR F 346 38.09 38.44 49.97
C TYR F 346 39.46 39.09 49.54
N PRO F 347 39.81 40.29 50.02
CA PRO F 347 39.04 41.13 50.97
C PRO F 347 38.18 42.24 50.30
N ASP F 348 36.91 42.33 50.74
CA ASP F 348 35.92 43.31 50.25
C ASP F 348 35.76 44.46 51.27
N ALA F 352 42.32 47.82 47.76
CA ALA F 352 42.63 46.40 48.03
C ALA F 352 43.21 45.70 46.77
N PRO F 353 44.56 45.74 46.60
CA PRO F 353 45.18 45.44 45.30
C PRO F 353 45.33 43.95 44.95
N CYS F 354 45.40 43.07 45.95
CA CYS F 354 45.34 41.65 45.73
C CYS F 354 44.12 41.07 46.44
N ARG F 355 43.23 40.43 45.66
CA ARG F 355 42.03 39.76 46.18
C ARG F 355 41.82 38.36 45.57
N LEU F 356 41.02 37.54 46.26
CA LEU F 356 40.53 36.28 45.69
C LEU F 356 39.50 36.61 44.61
N SER F 357 39.57 35.94 43.47
CA SER F 357 38.60 36.15 42.39
C SER F 357 37.14 36.22 42.93
N THR F 358 36.36 37.14 42.38
CA THR F 358 34.90 37.15 42.61
C THR F 358 34.17 35.91 42.03
N LYS F 359 34.84 35.09 41.22
CA LYS F 359 34.28 33.83 40.70
C LYS F 359 34.86 32.50 41.26
N HIS F 360 36.13 32.50 41.71
CA HIS F 360 36.81 31.27 42.17
C HIS F 360 37.64 31.60 43.39
N ALA F 361 37.13 31.27 44.57
CA ALA F 361 37.84 31.51 45.83
C ALA F 361 39.36 31.15 45.84
N LEU F 362 39.74 30.08 45.13
CA LEU F 362 41.14 29.60 45.09
C LEU F 362 42.12 30.45 44.26
N ALA F 363 41.62 31.32 43.39
CA ALA F 363 42.47 32.14 42.53
C ALA F 363 42.81 33.49 43.20
N LEU F 364 44.07 33.65 43.63
CA LEU F 364 44.60 34.97 44.01
C LEU F 364 44.83 35.81 42.76
N THR F 365 44.37 37.07 42.81
CA THR F 365 44.31 37.98 41.66
C THR F 365 44.88 39.39 41.92
N ASN F 366 45.33 40.00 40.84
CA ASN F 366 45.91 41.32 40.84
C ASN F 366 44.86 42.27 40.28
N ARG F 367 44.39 43.18 41.14
CA ARG F 367 43.37 44.14 40.78
C ARG F 367 43.92 45.46 40.21
N GLY F 368 45.19 45.77 40.48
CA GLY F 368 45.77 47.06 40.08
C GLY F 368 47.28 47.03 39.89
N GLY F 369 48.01 47.34 40.95
CA GLY F 369 49.47 47.27 40.94
C GLY F 369 49.94 46.47 42.15
N ALA F 370 49.42 45.27 42.31
CA ALA F 370 49.78 44.45 43.45
C ALA F 370 51.25 44.12 43.34
N THR F 371 51.88 43.88 44.47
CA THR F 371 53.24 43.37 44.52
C THR F 371 53.22 41.84 44.81
N ALA F 372 54.28 41.14 44.46
CA ALA F 372 54.50 39.77 44.96
C ALA F 372 54.35 39.72 46.47
N GLU F 373 54.85 40.76 47.17
CA GLU F 373 54.69 40.84 48.62
C GLU F 373 53.20 40.75 48.99
N ASP F 374 52.35 41.56 48.33
CA ASP F 374 50.85 41.47 48.43
C ASP F 374 50.29 40.06 48.19
N VAL F 375 50.73 39.41 47.11
CA VAL F 375 50.27 38.06 46.76
C VAL F 375 50.58 37.05 47.90
N VAL F 376 51.85 37.05 48.34
CA VAL F 376 52.33 36.11 49.36
C VAL F 376 51.65 36.35 50.70
N THR F 377 51.32 37.63 50.97
CA THR F 377 50.70 37.99 52.25
C THR F 377 49.28 37.40 52.26
N LEU F 378 48.47 37.73 51.26
CA LEU F 378 47.13 37.11 51.14
C LEU F 378 47.22 35.60 51.15
N ALA F 379 48.16 35.07 50.35
CA ALA F 379 48.41 33.61 50.25
C ALA F 379 48.68 32.96 51.61
N ARG F 380 49.50 33.63 52.43
CA ARG F 380 49.81 33.17 53.79
C ARG F 380 48.61 33.20 54.75
N ALA F 381 47.82 34.27 54.69
CA ALA F 381 46.61 34.37 55.54
C ALA F 381 45.60 33.22 55.20
N VAL F 382 45.35 33.03 53.91
CA VAL F 382 44.47 31.94 53.46
C VAL F 382 45.00 30.61 53.96
N ARG F 383 46.30 30.37 53.75
CA ARG F 383 46.88 29.12 54.20
C ARG F 383 46.79 28.96 55.72
N ASP F 384 47.22 29.96 56.47
CA ASP F 384 47.14 29.88 57.94
C ASP F 384 45.69 29.67 58.40
N GLY F 385 44.74 30.38 57.77
CA GLY F 385 43.33 30.32 58.18
C GLY F 385 42.78 28.91 58.04
N VAL F 386 43.08 28.32 56.88
CA VAL F 386 42.70 26.95 56.57
C VAL F 386 43.39 25.97 57.52
N HIS F 387 44.66 26.20 57.79
CA HIS F 387 45.35 25.40 58.79
C HIS F 387 44.72 25.56 60.19
N ASP F 388 44.36 26.78 60.58
CA ASP F 388 43.71 27.00 61.92
C ASP F 388 42.36 26.29 61.98
N VAL F 389 41.51 26.53 60.98
CA VAL F 389 40.17 25.93 61.01
C VAL F 389 40.22 24.39 60.90
N PHE F 390 40.99 23.86 59.92
CA PHE F 390 40.92 22.42 59.54
C PHE F 390 42.10 21.51 59.90
N GLY F 391 43.27 22.08 60.20
CA GLY F 391 44.44 21.27 60.54
C GLY F 391 45.19 20.85 59.27
N ILE F 392 44.73 21.38 58.12
CA ILE F 392 45.27 21.03 56.80
C ILE F 392 46.15 22.14 56.26
N THR F 393 47.38 21.77 55.91
CA THR F 393 48.30 22.71 55.21
C THR F 393 48.18 22.61 53.67
N LEU F 394 47.55 23.61 53.08
CA LEU F 394 47.50 23.80 51.63
C LEU F 394 48.88 24.14 51.07
N LYS F 395 49.15 23.64 49.87
CA LYS F 395 50.43 23.77 49.22
C LYS F 395 50.22 24.62 47.98
N PRO F 396 51.13 25.58 47.74
CA PRO F 396 50.99 26.43 46.57
C PRO F 396 51.22 25.68 45.24
N GLU F 397 50.43 26.01 44.25
CA GLU F 397 50.59 25.50 42.91
C GLU F 397 51.66 26.26 42.16
N PRO F 398 51.67 27.61 42.22
CA PRO F 398 52.69 28.21 41.31
C PRO F 398 54.13 28.05 41.78
N VAL F 399 55.04 28.32 40.86
CA VAL F 399 56.45 28.37 41.18
C VAL F 399 56.72 29.79 41.68
N LEU F 400 57.30 29.85 42.87
CA LEU F 400 57.56 31.10 43.60
C LEU F 400 59.05 31.42 43.44
N ILE F 401 59.41 32.41 42.63
CA ILE F 401 60.82 32.78 42.48
C ILE F 401 61.21 33.80 43.56
N GLY F 402 62.04 33.37 44.51
CA GLY F 402 62.47 34.23 45.62
C GLY F 402 61.32 34.71 46.50
N CYS F 403 60.47 33.75 46.89
CA CYS F 403 59.48 33.91 47.95
C CYS F 403 59.08 32.52 48.45
N MET F 404 58.36 32.49 49.56
CA MET F 404 57.90 31.22 50.12
C MET F 404 56.75 31.47 51.09
#